data_7KMV
#
_entry.id   7KMV
#
_cell.length_a   79.247
_cell.length_b   157.871
_cell.length_c   204.101
_cell.angle_alpha   90.000
_cell.angle_beta   90.000
_cell.angle_gamma   90.000
#
_symmetry.space_group_name_H-M   'P 21 21 21'
#
loop_
_entity.id
_entity.type
_entity.pdbx_description
1 polymer 'Jacalin-type lectin domain-containing protein'
2 non-polymer 'SULFATE ION'
3 water water
#
_entity_poly.entity_id   1
_entity_poly.type   'polypeptide(L)'
_entity_poly.pdbx_seq_one_letter_code
;MAGAIKVGTWGGNGGSEWDMGPAYRIDSVKINAGDIIDAIEITFTRYGLTETQHYGGTGGEPHEIAFEDGEYIMSMEGHV
VDYTGLTIIGKLTLTTNRRTFGPFGAYEGTPFSIPVAEGKIAGFFGRAGSFIDAIGVYLMPNLEHHHHHH
;
_entity_poly.pdbx_strand_id   A,B,C,D,E,F,G,H,I,J,K,L,M,N,O,P
#
loop_
_chem_comp.id
_chem_comp.type
_chem_comp.name
_chem_comp.formula
SO4 non-polymer 'SULFATE ION' 'O4 S -2'
#
# COMPACT_ATOMS: atom_id res chain seq x y z
N GLY A 3 -60.91 -39.19 15.36
CA GLY A 3 -61.15 -38.48 14.10
C GLY A 3 -61.49 -37.00 14.23
N ALA A 4 -61.65 -36.53 15.46
CA ALA A 4 -61.96 -35.13 15.72
C ALA A 4 -60.67 -34.30 15.76
N ILE A 5 -60.82 -32.97 15.87
CA ILE A 5 -59.67 -32.10 16.07
C ILE A 5 -59.94 -31.43 17.41
N LYS A 6 -59.17 -31.81 18.42
CA LYS A 6 -59.30 -31.28 19.78
C LYS A 6 -57.99 -30.63 20.18
N VAL A 7 -58.04 -29.35 20.58
CA VAL A 7 -56.83 -28.64 21.02
C VAL A 7 -57.02 -28.28 22.49
N GLY A 8 -55.95 -28.48 23.25
CA GLY A 8 -56.00 -28.32 24.70
C GLY A 8 -55.75 -29.66 25.35
N THR A 9 -55.93 -29.80 26.67
CA THR A 9 -56.42 -28.73 27.53
C THR A 9 -55.31 -27.83 28.02
N TRP A 10 -55.72 -26.69 28.59
CA TRP A 10 -54.90 -25.75 29.34
C TRP A 10 -55.61 -25.78 30.70
N GLY A 11 -54.82 -25.86 31.77
CA GLY A 11 -55.34 -25.89 33.14
C GLY A 11 -54.79 -27.03 33.98
N GLY A 12 -55.36 -27.19 35.18
CA GLY A 12 -54.97 -28.18 36.17
C GLY A 12 -55.54 -29.57 36.04
N ASN A 13 -55.15 -30.46 36.97
CA ASN A 13 -55.54 -31.88 36.98
C ASN A 13 -56.72 -32.20 37.90
N GLY A 14 -57.24 -31.18 38.58
CA GLY A 14 -58.38 -31.32 39.48
C GLY A 14 -59.70 -31.50 38.76
N GLY A 15 -60.76 -31.72 39.53
CA GLY A 15 -62.11 -31.91 39.00
C GLY A 15 -62.30 -33.20 38.23
N SER A 16 -63.39 -33.27 37.47
CA SER A 16 -63.74 -34.43 36.66
C SER A 16 -63.78 -34.03 35.21
N GLU A 17 -63.41 -34.96 34.34
CA GLU A 17 -63.41 -34.76 32.90
C GLU A 17 -64.82 -34.54 32.37
N TRP A 18 -64.93 -33.60 31.44
CA TRP A 18 -66.18 -33.30 30.74
C TRP A 18 -65.89 -33.10 29.28
N ASP A 19 -66.88 -33.41 28.45
CA ASP A 19 -66.69 -33.36 27.01
C ASP A 19 -68.03 -33.15 26.34
N MET A 20 -68.20 -31.98 25.74
CA MET A 20 -69.41 -31.57 25.01
C MET A 20 -69.56 -32.33 23.67
N GLY A 21 -68.41 -32.66 23.07
CA GLY A 21 -68.33 -33.23 21.72
C GLY A 21 -68.43 -32.09 20.72
N PRO A 22 -68.16 -32.29 19.41
CA PRO A 22 -68.30 -31.17 18.46
C PRO A 22 -69.76 -30.92 18.08
N ALA A 23 -70.09 -29.69 17.70
CA ALA A 23 -71.45 -29.36 17.26
C ALA A 23 -71.38 -28.47 16.04
N TYR A 24 -72.22 -28.75 15.03
CA TYR A 24 -72.27 -27.99 13.79
C TYR A 24 -72.72 -26.55 14.02
N ARG A 25 -73.48 -26.33 15.09
CA ARG A 25 -73.96 -25.00 15.42
C ARG A 25 -73.96 -24.80 16.93
N ILE A 26 -73.29 -23.74 17.40
CA ILE A 26 -73.34 -23.33 18.81
C ILE A 26 -74.34 -22.15 18.85
N ASP A 27 -75.39 -22.30 19.66
CA ASP A 27 -76.47 -21.30 19.73
C ASP A 27 -76.17 -20.20 20.73
N SER A 28 -75.65 -20.56 21.91
CA SER A 28 -75.38 -19.58 22.96
C SER A 28 -74.35 -20.10 23.97
N VAL A 29 -73.68 -19.18 24.67
CA VAL A 29 -72.69 -19.54 25.69
C VAL A 29 -73.00 -18.66 26.89
N LYS A 30 -72.96 -19.25 28.08
CA LYS A 30 -73.19 -18.54 29.36
C LYS A 30 -71.99 -18.86 30.24
N ILE A 31 -71.24 -17.81 30.64
CA ILE A 31 -70.09 -18.01 31.51
C ILE A 31 -70.37 -17.39 32.88
N ASN A 32 -70.10 -18.14 33.97
CA ASN A 32 -70.22 -17.62 35.33
C ASN A 32 -68.80 -17.38 35.85
N ALA A 33 -68.56 -16.19 36.41
CA ALA A 33 -67.22 -15.85 36.86
C ALA A 33 -67.25 -14.79 37.95
N GLY A 34 -66.28 -14.87 38.84
CA GLY A 34 -66.01 -13.89 39.89
C GLY A 34 -64.56 -13.51 39.70
N ASP A 35 -63.68 -13.97 40.60
CA ASP A 35 -62.23 -13.78 40.52
C ASP A 35 -61.70 -14.73 39.45
N ILE A 36 -62.36 -15.90 39.31
CA ILE A 36 -61.93 -16.96 38.39
C ILE A 36 -63.14 -17.46 37.55
N ILE A 37 -62.93 -18.50 36.74
CA ILE A 37 -64.02 -19.11 35.94
C ILE A 37 -64.66 -20.23 36.73
N ASP A 38 -65.89 -20.00 37.15
CA ASP A 38 -66.69 -20.92 37.92
C ASP A 38 -67.37 -21.96 37.03
N ALA A 39 -67.98 -21.49 35.93
CA ALA A 39 -68.71 -22.38 35.03
C ALA A 39 -68.85 -21.88 33.59
N ILE A 40 -69.07 -22.83 32.67
CA ILE A 40 -69.36 -22.56 31.28
C ILE A 40 -70.60 -23.41 30.90
N GLU A 41 -71.58 -22.80 30.25
CA GLU A 41 -72.80 -23.50 29.82
C GLU A 41 -73.03 -23.21 28.36
N ILE A 42 -73.18 -24.28 27.55
CA ILE A 42 -73.33 -24.10 26.11
C ILE A 42 -74.63 -24.72 25.62
N THR A 43 -75.33 -24.01 24.73
CA THR A 43 -76.51 -24.48 24.03
C THR A 43 -76.05 -24.67 22.59
N PHE A 44 -76.29 -25.86 22.03
CA PHE A 44 -75.83 -26.18 20.69
C PHE A 44 -76.89 -27.01 19.98
N THR A 45 -76.81 -27.06 18.63
CA THR A 45 -77.77 -27.83 17.83
C THR A 45 -76.99 -28.72 16.90
N ARG A 46 -77.30 -30.03 16.91
CA ARG A 46 -76.65 -31.04 16.06
C ARG A 46 -77.52 -32.26 15.92
N TYR A 47 -77.51 -32.84 14.71
CA TYR A 47 -78.25 -34.06 14.38
C TYR A 47 -79.77 -33.95 14.67
N GLY A 48 -80.32 -32.74 14.52
CA GLY A 48 -81.75 -32.46 14.64
C GLY A 48 -82.26 -32.10 16.02
N LEU A 49 -81.36 -31.99 17.02
CA LEU A 49 -81.76 -31.63 18.39
C LEU A 49 -80.90 -30.53 18.97
N THR A 50 -81.51 -29.69 19.82
CA THR A 50 -80.85 -28.61 20.58
C THR A 50 -80.65 -29.14 21.99
N GLU A 51 -79.51 -28.82 22.62
CA GLU A 51 -79.19 -29.29 23.97
C GLU A 51 -78.38 -28.25 24.68
N THR A 52 -78.56 -28.14 25.99
CA THR A 52 -77.77 -27.25 26.84
C THR A 52 -76.99 -28.14 27.80
N GLN A 53 -75.69 -27.85 28.02
CA GLN A 53 -74.85 -28.61 28.96
C GLN A 53 -74.12 -27.58 29.84
N HIS A 54 -74.12 -27.78 31.17
CA HIS A 54 -73.47 -26.89 32.14
C HIS A 54 -72.30 -27.66 32.78
N TYR A 55 -71.13 -27.01 32.85
CA TYR A 55 -69.92 -27.59 33.41
C TYR A 55 -69.35 -26.60 34.39
N GLY A 56 -68.90 -27.11 35.53
CA GLY A 56 -68.39 -26.29 36.61
C GLY A 56 -69.44 -26.13 37.69
N GLY A 57 -69.14 -25.26 38.65
CA GLY A 57 -69.97 -25.03 39.84
C GLY A 57 -71.09 -24.03 39.75
N THR A 58 -71.58 -23.59 40.91
CA THR A 58 -72.73 -22.71 41.04
C THR A 58 -72.39 -21.25 41.34
N GLY A 59 -71.12 -20.94 41.63
CA GLY A 59 -70.68 -19.59 41.96
C GLY A 59 -70.53 -18.66 40.76
N GLY A 60 -70.12 -17.43 41.05
CA GLY A 60 -69.84 -16.38 40.07
C GLY A 60 -71.05 -15.71 39.45
N GLU A 61 -70.81 -14.57 38.80
CA GLU A 61 -71.82 -13.77 38.11
C GLU A 61 -72.00 -14.26 36.66
N PRO A 62 -73.24 -14.40 36.17
CA PRO A 62 -73.45 -14.91 34.80
C PRO A 62 -73.35 -13.85 33.72
N HIS A 63 -72.91 -14.28 32.53
CA HIS A 63 -72.76 -13.46 31.32
C HIS A 63 -73.18 -14.39 30.20
N GLU A 64 -73.93 -13.88 29.24
CA GLU A 64 -74.46 -14.73 28.18
C GLU A 64 -74.42 -14.04 26.83
N ILE A 65 -74.25 -14.83 25.76
CA ILE A 65 -74.23 -14.38 24.38
C ILE A 65 -75.07 -15.35 23.55
N ALA A 66 -76.05 -14.82 22.81
CA ALA A 66 -76.87 -15.61 21.90
C ALA A 66 -76.34 -15.30 20.50
N PHE A 67 -75.76 -16.31 19.84
CA PHE A 67 -75.15 -16.11 18.53
C PHE A 67 -76.17 -15.91 17.41
N GLU A 68 -75.88 -14.94 16.55
CA GLU A 68 -76.69 -14.61 15.38
C GLU A 68 -76.49 -15.70 14.34
N ASP A 69 -77.36 -15.73 13.32
CA ASP A 69 -77.24 -16.61 12.17
C ASP A 69 -75.98 -16.13 11.41
N GLY A 70 -75.10 -17.07 11.10
CA GLY A 70 -73.84 -16.79 10.41
C GLY A 70 -72.72 -16.37 11.35
N GLU A 71 -72.98 -16.31 12.67
CA GLU A 71 -71.96 -15.93 13.65
C GLU A 71 -71.36 -17.19 14.29
N TYR A 72 -70.03 -17.27 14.30
CA TYR A 72 -69.31 -18.43 14.82
C TYR A 72 -68.12 -18.00 15.66
N ILE A 73 -67.65 -18.88 16.53
CA ILE A 73 -66.52 -18.62 17.41
C ILE A 73 -65.22 -18.77 16.62
N MET A 74 -64.42 -17.70 16.62
CA MET A 74 -63.12 -17.62 15.92
C MET A 74 -61.90 -17.69 16.83
N SER A 75 -62.08 -17.44 18.12
CA SER A 75 -60.95 -17.39 19.03
C SER A 75 -61.35 -17.65 20.48
N MET A 76 -60.43 -18.21 21.25
CA MET A 76 -60.53 -18.41 22.70
C MET A 76 -59.19 -17.95 23.30
N GLU A 77 -59.24 -17.15 24.37
CA GLU A 77 -58.00 -16.67 25.02
C GLU A 77 -58.30 -16.71 26.50
N GLY A 78 -57.33 -17.17 27.28
CA GLY A 78 -57.49 -17.20 28.72
C GLY A 78 -56.20 -17.28 29.51
N HIS A 79 -56.34 -17.55 30.81
CA HIS A 79 -55.21 -17.69 31.73
C HIS A 79 -55.35 -18.91 32.63
N VAL A 80 -54.23 -19.61 32.85
CA VAL A 80 -54.10 -20.73 33.78
C VAL A 80 -53.47 -20.13 35.02
N VAL A 81 -54.17 -20.25 36.16
CA VAL A 81 -53.71 -19.58 37.39
C VAL A 81 -53.69 -20.51 38.59
N ASP A 82 -53.07 -20.01 39.68
CA ASP A 82 -53.13 -20.71 40.96
C ASP A 82 -54.14 -19.90 41.76
N TYR A 83 -55.24 -20.54 42.16
CA TYR A 83 -56.29 -19.93 42.94
C TYR A 83 -56.49 -20.77 44.18
N THR A 84 -56.06 -20.23 45.34
CA THR A 84 -56.12 -20.92 46.65
C THR A 84 -55.39 -22.28 46.61
N GLY A 85 -54.33 -22.37 45.79
CA GLY A 85 -53.52 -23.58 45.63
C GLY A 85 -53.97 -24.49 44.51
N LEU A 86 -55.11 -24.18 43.88
CA LEU A 86 -55.69 -24.97 42.78
C LEU A 86 -55.32 -24.39 41.41
N THR A 87 -54.85 -25.27 40.48
CA THR A 87 -54.51 -24.84 39.11
C THR A 87 -55.79 -24.91 38.25
N ILE A 88 -56.37 -23.76 37.94
CA ILE A 88 -57.66 -23.63 37.22
C ILE A 88 -57.65 -22.46 36.22
N ILE A 89 -58.76 -22.27 35.49
CA ILE A 89 -58.94 -21.16 34.56
C ILE A 89 -59.36 -19.88 35.31
N GLY A 90 -58.51 -18.85 35.23
CA GLY A 90 -58.71 -17.59 35.93
C GLY A 90 -59.34 -16.48 35.12
N LYS A 91 -59.28 -16.57 33.77
CA LYS A 91 -59.83 -15.55 32.88
C LYS A 91 -60.11 -16.21 31.54
N LEU A 92 -61.20 -15.81 30.89
CA LEU A 92 -61.58 -16.40 29.61
C LEU A 92 -62.30 -15.41 28.74
N THR A 93 -62.00 -15.43 27.45
CA THR A 93 -62.63 -14.59 26.44
C THR A 93 -62.89 -15.49 25.23
N LEU A 94 -64.03 -15.28 24.54
CA LEU A 94 -64.34 -15.92 23.26
C LEU A 94 -64.60 -14.79 22.26
N THR A 95 -64.07 -14.88 21.05
CA THR A 95 -64.32 -13.86 20.02
C THR A 95 -65.01 -14.54 18.83
N THR A 96 -66.03 -13.88 18.28
CA THR A 96 -66.73 -14.41 17.11
C THR A 96 -66.29 -13.58 15.91
N ASN A 97 -66.86 -13.84 14.71
CA ASN A 97 -66.55 -13.04 13.51
C ASN A 97 -67.18 -11.64 13.60
N ARG A 98 -68.01 -11.41 14.65
CA ARG A 98 -68.73 -10.15 14.84
C ARG A 98 -68.50 -9.44 16.18
N ARG A 99 -68.29 -10.20 17.29
CA ARG A 99 -68.20 -9.63 18.63
C ARG A 99 -67.13 -10.25 19.52
N THR A 100 -66.81 -9.57 20.64
CA THR A 100 -65.92 -10.07 21.66
C THR A 100 -66.80 -10.41 22.87
N PHE A 101 -66.65 -11.60 23.43
CA PHE A 101 -67.42 -12.04 24.61
C PHE A 101 -66.43 -12.29 25.74
N GLY A 102 -66.28 -11.28 26.58
CA GLY A 102 -65.31 -11.34 27.65
C GLY A 102 -64.35 -10.15 27.59
N PRO A 103 -63.28 -10.11 28.40
CA PRO A 103 -62.83 -11.14 29.37
C PRO A 103 -63.69 -11.22 30.62
N PHE A 104 -63.86 -12.43 31.11
CA PHE A 104 -64.55 -12.72 32.37
C PHE A 104 -63.51 -13.34 33.28
N GLY A 105 -63.66 -13.17 34.59
CA GLY A 105 -62.67 -13.63 35.53
C GLY A 105 -61.70 -12.47 35.73
N ALA A 106 -60.88 -12.54 36.77
CA ALA A 106 -59.98 -11.43 37.12
C ALA A 106 -58.57 -11.89 37.45
N TYR A 107 -58.26 -13.18 37.23
CA TYR A 107 -56.98 -13.78 37.53
C TYR A 107 -56.12 -14.06 36.29
N GLU A 108 -54.88 -13.59 36.32
CA GLU A 108 -53.89 -13.76 35.25
C GLU A 108 -52.73 -14.61 35.74
N GLY A 109 -52.15 -15.39 34.84
CA GLY A 109 -51.04 -16.29 35.17
C GLY A 109 -50.31 -16.67 33.91
N THR A 110 -50.56 -17.89 33.41
CA THR A 110 -49.94 -18.41 32.18
C THR A 110 -50.97 -18.29 31.07
N PRO A 111 -50.76 -17.37 30.10
CA PRO A 111 -51.78 -17.22 29.06
C PRO A 111 -51.81 -18.36 28.04
N PHE A 112 -52.99 -18.54 27.45
CA PHE A 112 -53.22 -19.43 26.33
C PHE A 112 -54.13 -18.71 25.33
N SER A 113 -53.94 -18.99 24.03
CA SER A 113 -54.75 -18.35 23.01
C SER A 113 -54.85 -19.28 21.81
N ILE A 114 -56.05 -19.35 21.22
CA ILE A 114 -56.39 -20.14 20.04
C ILE A 114 -57.00 -19.20 19.02
N PRO A 115 -56.16 -18.49 18.24
CA PRO A 115 -56.71 -17.60 17.21
C PRO A 115 -56.97 -18.46 15.97
N VAL A 116 -58.25 -18.71 15.65
CA VAL A 116 -58.53 -19.57 14.49
C VAL A 116 -58.54 -18.70 13.23
N ALA A 117 -57.46 -18.82 12.42
CA ALA A 117 -57.29 -18.04 11.17
C ALA A 117 -58.20 -18.61 10.09
N GLU A 118 -58.41 -19.93 10.12
CA GLU A 118 -59.29 -20.59 9.18
C GLU A 118 -59.96 -21.72 9.90
N GLY A 119 -61.28 -21.75 9.84
CA GLY A 119 -62.09 -22.73 10.55
C GLY A 119 -62.84 -22.07 11.68
N LYS A 120 -63.29 -22.88 12.65
CA LYS A 120 -64.09 -22.34 13.77
C LYS A 120 -63.98 -23.21 15.01
N ILE A 121 -64.29 -22.64 16.20
CA ILE A 121 -64.39 -23.41 17.42
C ILE A 121 -65.81 -24.01 17.39
N ALA A 122 -65.91 -25.33 17.56
CA ALA A 122 -67.15 -26.05 17.44
C ALA A 122 -67.56 -26.85 18.68
N GLY A 123 -66.96 -26.54 19.82
CA GLY A 123 -67.27 -27.30 21.02
C GLY A 123 -66.18 -27.17 22.05
N PHE A 124 -66.44 -27.72 23.24
CA PHE A 124 -65.54 -27.59 24.37
C PHE A 124 -65.41 -28.92 25.10
N PHE A 125 -64.32 -29.07 25.81
CA PHE A 125 -64.01 -30.21 26.67
C PHE A 125 -63.08 -29.71 27.76
N GLY A 126 -62.93 -30.49 28.83
CA GLY A 126 -62.03 -30.07 29.90
C GLY A 126 -62.23 -30.81 31.20
N ARG A 127 -61.91 -30.14 32.31
CA ARG A 127 -62.06 -30.70 33.66
C ARG A 127 -62.78 -29.68 34.51
N ALA A 128 -63.66 -30.16 35.43
CA ALA A 128 -64.44 -29.25 36.26
C ALA A 128 -64.90 -29.86 37.59
N GLY A 129 -65.05 -29.00 38.60
CA GLY A 129 -65.54 -29.35 39.93
C GLY A 129 -66.41 -28.21 40.38
N SER A 130 -65.93 -27.44 41.36
CA SER A 130 -66.63 -26.23 41.79
C SER A 130 -66.34 -25.14 40.75
N PHE A 131 -65.17 -25.27 40.05
CA PHE A 131 -64.71 -24.29 39.05
C PHE A 131 -64.33 -25.01 37.75
N ILE A 132 -63.85 -24.25 36.76
CA ILE A 132 -63.36 -24.83 35.52
C ILE A 132 -61.86 -25.02 35.74
N ASP A 133 -61.45 -26.26 36.04
CA ASP A 133 -60.04 -26.60 36.26
C ASP A 133 -59.24 -26.52 34.94
N ALA A 134 -59.86 -26.99 33.83
CA ALA A 134 -59.20 -27.02 32.52
C ALA A 134 -60.21 -26.88 31.37
N ILE A 135 -59.75 -26.36 30.24
CA ILE A 135 -60.60 -26.15 29.07
C ILE A 135 -59.80 -26.47 27.78
N GLY A 136 -60.52 -26.96 26.79
CA GLY A 136 -60.02 -27.30 25.47
C GLY A 136 -61.14 -27.01 24.48
N VAL A 137 -60.83 -27.02 23.16
CA VAL A 137 -61.85 -26.75 22.13
C VAL A 137 -61.79 -27.76 21.01
N TYR A 138 -62.95 -27.99 20.38
CA TYR A 138 -63.04 -28.76 19.15
C TYR A 138 -62.91 -27.73 18.05
N LEU A 139 -62.28 -28.12 16.93
CA LEU A 139 -62.14 -27.26 15.77
C LEU A 139 -62.74 -27.97 14.59
N MET A 140 -63.43 -27.22 13.74
CA MET A 140 -64.05 -27.76 12.54
C MET A 140 -63.78 -26.81 11.39
N PRO A 141 -63.80 -27.26 10.12
CA PRO A 141 -63.63 -26.29 9.02
C PRO A 141 -64.92 -25.46 8.91
N ASN A 142 -64.85 -24.31 8.22
CA ASN A 142 -66.05 -23.50 8.00
C ASN A 142 -66.80 -24.01 6.78
N GLY B 3 -61.55 -24.77 3.48
CA GLY B 3 -61.80 -26.00 4.19
C GLY B 3 -60.70 -26.45 5.15
N ALA B 4 -59.61 -25.68 5.24
CA ALA B 4 -58.52 -26.05 6.16
C ALA B 4 -58.81 -25.53 7.58
N ILE B 5 -57.99 -26.01 8.55
CA ILE B 5 -58.05 -25.53 9.93
C ILE B 5 -56.67 -24.94 10.24
N LYS B 6 -56.63 -23.62 10.42
CA LYS B 6 -55.40 -22.88 10.69
C LYS B 6 -55.53 -22.18 12.03
N VAL B 7 -54.57 -22.40 12.93
CA VAL B 7 -54.56 -21.75 14.25
C VAL B 7 -53.26 -20.95 14.35
N GLY B 8 -53.41 -19.65 14.66
CA GLY B 8 -52.30 -18.71 14.74
C GLY B 8 -52.61 -17.44 13.97
N THR B 9 -51.64 -16.52 13.84
CA THR B 9 -50.29 -16.72 14.34
C THR B 9 -50.14 -16.22 15.79
N TRP B 10 -49.02 -16.58 16.41
CA TRP B 10 -48.53 -16.08 17.69
C TRP B 10 -47.20 -15.42 17.30
N GLY B 11 -46.89 -14.28 17.89
CA GLY B 11 -45.65 -13.57 17.57
C GLY B 11 -45.92 -12.11 17.27
N GLY B 12 -45.03 -11.46 16.53
CA GLY B 12 -45.18 -10.06 16.20
C GLY B 12 -45.81 -9.79 14.85
N ASN B 13 -45.79 -8.50 14.44
CA ASN B 13 -46.36 -8.05 13.18
C ASN B 13 -45.31 -7.74 12.08
N GLY B 14 -44.04 -7.92 12.42
CA GLY B 14 -42.93 -7.69 11.48
C GLY B 14 -42.74 -8.82 10.49
N GLY B 15 -41.72 -8.68 9.64
CA GLY B 15 -41.43 -9.67 8.61
C GLY B 15 -42.49 -9.72 7.54
N SER B 16 -42.43 -10.76 6.71
CA SER B 16 -43.36 -11.00 5.62
C SER B 16 -44.12 -12.29 5.85
N GLU B 17 -45.37 -12.32 5.41
CA GLU B 17 -46.19 -13.53 5.55
C GLU B 17 -45.61 -14.67 4.73
N TRP B 18 -45.62 -15.88 5.31
CA TRP B 18 -45.26 -17.10 4.61
C TRP B 18 -46.29 -18.15 4.96
N ASP B 19 -46.47 -19.12 4.08
CA ASP B 19 -47.48 -20.15 4.28
C ASP B 19 -47.10 -21.39 3.51
N MET B 20 -46.80 -22.49 4.22
CA MET B 20 -46.38 -23.76 3.66
C MET B 20 -47.60 -24.51 3.07
N GLY B 21 -48.76 -24.25 3.65
CA GLY B 21 -50.02 -24.92 3.34
C GLY B 21 -50.06 -26.24 4.10
N PRO B 22 -51.18 -26.99 4.05
CA PRO B 22 -51.21 -28.29 4.75
C PRO B 22 -50.48 -29.37 3.94
N ALA B 23 -49.84 -30.33 4.61
CA ALA B 23 -49.14 -31.41 3.91
C ALA B 23 -49.72 -32.77 4.24
N TYR B 24 -49.59 -33.72 3.31
CA TYR B 24 -50.05 -35.09 3.58
C TYR B 24 -49.15 -35.71 4.68
N ARG B 25 -47.83 -35.44 4.60
CA ARG B 25 -46.85 -35.91 5.57
C ARG B 25 -45.72 -34.91 5.77
N ILE B 26 -45.40 -34.59 7.04
CA ILE B 26 -44.22 -33.79 7.36
C ILE B 26 -43.10 -34.82 7.51
N ASP B 27 -42.07 -34.74 6.66
CA ASP B 27 -40.97 -35.70 6.67
C ASP B 27 -39.85 -35.32 7.65
N SER B 28 -39.50 -34.04 7.70
CA SER B 28 -38.47 -33.54 8.61
C SER B 28 -38.63 -32.05 8.88
N VAL B 29 -38.11 -31.59 10.03
CA VAL B 29 -38.13 -30.18 10.44
C VAL B 29 -36.73 -29.83 10.95
N LYS B 30 -36.20 -28.69 10.49
CA LYS B 30 -34.91 -28.16 10.92
C LYS B 30 -35.16 -26.77 11.50
N ILE B 31 -34.80 -26.57 12.76
CA ILE B 31 -34.94 -25.26 13.38
C ILE B 31 -33.56 -24.69 13.61
N ASN B 32 -33.33 -23.43 13.20
CA ASN B 32 -32.07 -22.72 13.48
C ASN B 32 -32.35 -21.75 14.62
N ALA B 33 -31.54 -21.82 15.68
CA ALA B 33 -31.78 -20.98 16.86
C ALA B 33 -30.48 -20.63 17.54
N GLY B 34 -30.48 -19.51 18.22
CA GLY B 34 -29.37 -19.01 19.05
C GLY B 34 -30.04 -18.49 20.29
N ASP B 35 -30.06 -17.16 20.45
CA ASP B 35 -30.80 -16.50 21.53
C ASP B 35 -32.29 -16.65 21.20
N ILE B 36 -32.63 -16.62 19.91
CA ILE B 36 -34.04 -16.65 19.45
C ILE B 36 -34.21 -17.64 18.31
N ILE B 37 -35.40 -17.70 17.68
CA ILE B 37 -35.63 -18.60 16.55
C ILE B 37 -35.34 -17.85 15.23
N ASP B 38 -34.24 -18.23 14.58
CA ASP B 38 -33.80 -17.62 13.31
C ASP B 38 -34.58 -18.15 12.14
N ALA B 39 -34.78 -19.47 12.11
CA ALA B 39 -35.43 -20.08 10.96
C ALA B 39 -36.10 -21.42 11.27
N ILE B 40 -37.04 -21.79 10.39
CA ILE B 40 -37.71 -23.09 10.42
C ILE B 40 -37.73 -23.57 8.97
N GLU B 41 -37.27 -24.80 8.73
CA GLU B 41 -37.21 -25.41 7.40
C GLU B 41 -37.94 -26.74 7.46
N ILE B 42 -38.93 -26.92 6.58
CA ILE B 42 -39.73 -28.14 6.59
C ILE B 42 -39.59 -28.90 5.28
N THR B 43 -39.41 -30.22 5.38
CA THR B 43 -39.43 -31.12 4.23
C THR B 43 -40.75 -31.85 4.38
N PHE B 44 -41.61 -31.72 3.36
CA PHE B 44 -42.95 -32.27 3.43
C PHE B 44 -43.37 -32.90 2.11
N THR B 45 -44.41 -33.71 2.16
CA THR B 45 -44.96 -34.41 1.00
C THR B 45 -46.47 -34.11 0.84
N ARG B 46 -46.90 -33.87 -0.39
CA ARG B 46 -48.30 -33.75 -0.80
C ARG B 46 -48.37 -33.97 -2.28
N TYR B 47 -49.45 -34.67 -2.72
CA TYR B 47 -49.72 -35.00 -4.12
C TYR B 47 -48.53 -35.72 -4.79
N GLY B 48 -47.90 -36.63 -4.04
CA GLY B 48 -46.75 -37.42 -4.49
C GLY B 48 -45.49 -36.62 -4.77
N LEU B 49 -45.37 -35.41 -4.18
CA LEU B 49 -44.24 -34.54 -4.40
C LEU B 49 -43.66 -34.11 -3.08
N THR B 50 -42.34 -34.35 -2.90
CA THR B 50 -41.59 -33.97 -1.70
C THR B 50 -40.75 -32.75 -1.98
N GLU B 51 -40.83 -31.77 -1.11
CA GLU B 51 -40.06 -30.55 -1.27
C GLU B 51 -39.64 -30.01 0.08
N THR B 52 -38.63 -29.14 0.08
CA THR B 52 -38.11 -28.48 1.27
C THR B 52 -38.37 -26.98 1.14
N GLN B 53 -38.91 -26.35 2.21
CA GLN B 53 -39.11 -24.90 2.21
C GLN B 53 -38.43 -24.33 3.46
N HIS B 54 -37.66 -23.26 3.28
CA HIS B 54 -36.95 -22.56 4.38
C HIS B 54 -37.61 -21.21 4.62
N TYR B 55 -37.88 -20.90 5.88
CA TYR B 55 -38.45 -19.61 6.27
C TYR B 55 -37.58 -19.02 7.35
N GLY B 56 -37.35 -17.72 7.26
CA GLY B 56 -36.46 -17.02 8.18
C GLY B 56 -35.08 -16.82 7.60
N GLY B 57 -34.16 -16.34 8.43
CA GLY B 57 -32.81 -16.01 7.98
C GLY B 57 -31.76 -17.09 8.02
N THR B 58 -30.48 -16.66 8.00
CA THR B 58 -29.31 -17.54 7.94
C THR B 58 -28.55 -17.77 9.25
N GLY B 59 -28.99 -17.14 10.34
CA GLY B 59 -28.36 -17.25 11.65
C GLY B 59 -28.75 -18.47 12.47
N GLY B 60 -28.16 -18.58 13.66
CA GLY B 60 -28.42 -19.68 14.59
C GLY B 60 -27.82 -21.04 14.23
N GLU B 61 -27.85 -21.94 15.23
CA GLU B 61 -27.35 -23.30 15.09
CA GLU B 61 -27.36 -23.30 15.17
C GLU B 61 -28.48 -24.23 14.67
N PRO B 62 -28.24 -25.19 13.74
CA PRO B 62 -29.34 -26.07 13.31
C PRO B 62 -29.58 -27.27 14.19
N HIS B 63 -30.85 -27.68 14.27
CA HIS B 63 -31.30 -28.87 14.99
C HIS B 63 -32.34 -29.48 14.08
N GLU B 64 -32.35 -30.79 13.95
CA GLU B 64 -33.27 -31.46 13.03
C GLU B 64 -33.92 -32.69 13.61
N ILE B 65 -35.18 -32.93 13.20
CA ILE B 65 -35.92 -34.13 13.55
C ILE B 65 -36.36 -34.79 12.23
N ALA B 66 -36.10 -36.10 12.05
CA ALA B 66 -36.58 -36.84 10.89
C ALA B 66 -37.65 -37.78 11.42
N PHE B 67 -38.93 -37.54 11.05
CA PHE B 67 -40.08 -38.29 11.57
C PHE B 67 -40.04 -39.77 11.21
N GLU B 68 -40.21 -40.64 12.21
CA GLU B 68 -40.27 -42.09 12.02
C GLU B 68 -41.63 -42.42 11.37
N ASP B 69 -41.80 -43.61 10.77
CA ASP B 69 -43.12 -43.96 10.22
C ASP B 69 -44.10 -44.07 11.39
N GLY B 70 -45.26 -43.42 11.28
CA GLY B 70 -46.23 -43.43 12.37
C GLY B 70 -46.01 -42.33 13.37
N GLU B 71 -44.95 -41.50 13.18
CA GLU B 71 -44.69 -40.37 14.07
C GLU B 71 -45.29 -39.08 13.48
N TYR B 72 -45.97 -38.29 14.31
CA TYR B 72 -46.62 -37.04 13.87
C TYR B 72 -46.49 -35.98 14.97
N ILE B 73 -46.61 -34.71 14.60
CA ILE B 73 -46.51 -33.59 15.55
C ILE B 73 -47.83 -33.48 16.30
N MET B 74 -47.78 -33.48 17.65
CA MET B 74 -49.02 -33.36 18.40
C MET B 74 -49.02 -32.16 19.36
N SER B 75 -47.98 -31.31 19.31
CA SER B 75 -47.95 -30.10 20.12
C SER B 75 -46.88 -29.15 19.61
N MET B 76 -47.12 -27.86 19.82
CA MET B 76 -46.17 -26.81 19.57
C MET B 76 -46.30 -25.82 20.73
N GLU B 77 -45.18 -25.34 21.27
CA GLU B 77 -45.22 -24.34 22.33
C GLU B 77 -43.99 -23.48 22.25
N GLY B 78 -44.07 -22.27 22.77
CA GLY B 78 -42.94 -21.37 22.72
C GLY B 78 -43.20 -20.05 23.41
N HIS B 79 -42.34 -19.08 23.13
CA HIS B 79 -42.46 -17.74 23.72
C HIS B 79 -42.42 -16.66 22.66
N VAL B 80 -43.23 -15.62 22.86
CA VAL B 80 -43.20 -14.42 22.04
C VAL B 80 -42.34 -13.47 22.86
N VAL B 81 -41.25 -12.98 22.28
CA VAL B 81 -40.29 -12.17 23.06
C VAL B 81 -39.96 -10.82 22.44
N ASP B 82 -39.31 -9.99 23.26
CA ASP B 82 -38.76 -8.73 22.82
C ASP B 82 -37.26 -9.00 22.61
N TYR B 83 -36.84 -8.97 21.35
CA TYR B 83 -35.45 -9.21 20.95
C TYR B 83 -34.96 -7.98 20.19
N THR B 84 -34.11 -7.15 20.82
CA THR B 84 -33.54 -5.92 20.20
C THR B 84 -34.65 -4.95 19.74
N GLY B 85 -35.78 -4.97 20.44
CA GLY B 85 -36.92 -4.12 20.14
C GLY B 85 -37.92 -4.72 19.16
N LEU B 86 -37.66 -5.94 18.65
CA LEU B 86 -38.56 -6.65 17.72
C LEU B 86 -39.40 -7.64 18.52
N THR B 87 -40.67 -7.83 18.12
CA THR B 87 -41.59 -8.80 18.73
C THR B 87 -41.51 -10.07 17.89
N ILE B 88 -40.78 -11.09 18.38
CA ILE B 88 -40.53 -12.31 17.59
C ILE B 88 -40.64 -13.61 18.40
N ILE B 89 -40.41 -14.77 17.74
CA ILE B 89 -40.44 -16.07 18.43
C ILE B 89 -39.06 -16.31 19.04
N GLY B 90 -39.00 -16.34 20.37
CA GLY B 90 -37.75 -16.50 21.10
C GLY B 90 -37.43 -17.92 21.54
N LYS B 91 -38.47 -18.74 21.67
CA LYS B 91 -38.29 -20.13 22.08
C LYS B 91 -39.34 -20.95 21.36
N LEU B 92 -38.98 -22.18 20.97
CA LEU B 92 -39.88 -23.09 20.24
C LEU B 92 -39.58 -24.56 20.51
N THR B 93 -40.66 -25.36 20.64
CA THR B 93 -40.63 -26.80 20.85
C THR B 93 -41.73 -27.40 19.99
N LEU B 94 -41.43 -28.54 19.40
CA LEU B 94 -42.43 -29.36 18.72
C LEU B 94 -42.40 -30.68 19.44
N THR B 95 -43.59 -31.20 19.82
CA THR B 95 -43.64 -32.50 20.47
C THR B 95 -44.37 -33.47 19.55
N THR B 96 -43.84 -34.68 19.43
CA THR B 96 -44.47 -35.76 18.66
C THR B 96 -45.14 -36.76 19.62
N ASN B 97 -45.67 -37.86 19.07
CA ASN B 97 -46.27 -38.93 19.87
C ASN B 97 -45.16 -39.80 20.50
N ARG B 98 -43.89 -39.50 20.17
CA ARG B 98 -42.75 -40.30 20.64
C ARG B 98 -41.62 -39.53 21.25
N ARG B 99 -41.37 -38.28 20.78
CA ARG B 99 -40.23 -37.46 21.20
C ARG B 99 -40.59 -36.01 21.36
N THR B 100 -39.73 -35.28 22.09
CA THR B 100 -39.84 -33.84 22.27
C THR B 100 -38.65 -33.24 21.51
N PHE B 101 -38.95 -32.33 20.59
CA PHE B 101 -37.94 -31.66 19.74
C PHE B 101 -37.81 -30.23 20.25
N GLY B 102 -36.73 -29.99 20.98
CA GLY B 102 -36.50 -28.70 21.61
C GLY B 102 -36.60 -28.81 23.12
N PRO B 103 -36.74 -27.69 23.86
CA PRO B 103 -36.85 -26.29 23.39
C PRO B 103 -35.58 -25.73 22.76
N PHE B 104 -35.78 -24.87 21.76
CA PHE B 104 -34.69 -24.15 21.08
C PHE B 104 -34.90 -22.67 21.32
N GLY B 105 -33.81 -21.92 21.41
CA GLY B 105 -33.87 -20.50 21.72
C GLY B 105 -33.64 -20.30 23.20
N ALA B 106 -33.25 -19.07 23.57
CA ALA B 106 -32.90 -18.75 24.96
C ALA B 106 -33.78 -17.70 25.62
N TYR B 107 -34.53 -16.94 24.83
CA TYR B 107 -35.36 -15.84 25.33
C TYR B 107 -36.76 -16.28 25.77
N GLU B 108 -37.28 -15.63 26.84
CA GLU B 108 -38.63 -15.85 27.32
C GLU B 108 -39.40 -14.55 27.29
N GLY B 109 -40.72 -14.66 27.27
CA GLY B 109 -41.64 -13.53 27.21
C GLY B 109 -43.05 -13.98 27.51
N THR B 110 -43.93 -13.94 26.50
CA THR B 110 -45.32 -14.39 26.61
C THR B 110 -45.44 -15.80 26.05
N PRO B 111 -45.82 -16.79 26.88
CA PRO B 111 -45.95 -18.16 26.34
C PRO B 111 -47.17 -18.40 25.48
N PHE B 112 -47.04 -19.33 24.53
CA PHE B 112 -48.12 -19.85 23.70
C PHE B 112 -47.96 -21.36 23.66
N SER B 113 -49.07 -22.09 23.54
CA SER B 113 -49.01 -23.54 23.46
C SER B 113 -50.23 -24.05 22.73
N ILE B 114 -50.03 -25.04 21.87
CA ILE B 114 -51.13 -25.65 21.15
C ILE B 114 -51.00 -27.20 21.26
N PRO B 115 -51.39 -27.76 22.42
CA PRO B 115 -51.40 -29.22 22.55
C PRO B 115 -52.58 -29.78 21.76
N VAL B 116 -52.32 -30.77 20.90
CA VAL B 116 -53.36 -31.38 20.07
C VAL B 116 -53.75 -32.67 20.79
N ALA B 117 -54.92 -32.65 21.46
CA ALA B 117 -55.42 -33.83 22.18
C ALA B 117 -55.87 -34.93 21.18
N GLU B 118 -56.39 -34.53 20.02
CA GLU B 118 -56.86 -35.44 18.96
C GLU B 118 -56.57 -34.77 17.63
N GLY B 119 -55.82 -35.45 16.77
CA GLY B 119 -55.43 -34.89 15.49
C GLY B 119 -53.95 -34.63 15.43
N LYS B 120 -53.50 -33.92 14.41
CA LYS B 120 -52.07 -33.64 14.23
C LYS B 120 -51.82 -32.26 13.65
N ILE B 121 -50.58 -31.75 13.82
CA ILE B 121 -50.14 -30.52 13.19
C ILE B 121 -49.62 -31.00 11.83
N ALA B 122 -50.16 -30.44 10.74
CA ALA B 122 -49.91 -30.89 9.37
C ALA B 122 -49.23 -29.87 8.49
N GLY B 123 -48.89 -28.72 9.05
CA GLY B 123 -48.26 -27.66 8.28
C GLY B 123 -48.07 -26.43 9.12
N PHE B 124 -47.37 -25.44 8.56
CA PHE B 124 -47.06 -24.20 9.25
C PHE B 124 -47.33 -23.00 8.37
N PHE B 125 -47.53 -21.86 9.02
CA PHE B 125 -47.63 -20.54 8.38
C PHE B 125 -47.03 -19.56 9.38
N GLY B 126 -46.74 -18.34 8.94
CA GLY B 126 -46.16 -17.38 9.88
C GLY B 126 -45.71 -16.12 9.19
N ARG B 127 -44.77 -15.42 9.83
CA ARG B 127 -44.16 -14.20 9.31
C ARG B 127 -42.67 -14.36 9.58
N ALA B 128 -41.84 -13.84 8.66
CA ALA B 128 -40.38 -13.95 8.80
C ALA B 128 -39.64 -12.91 7.99
N GLY B 129 -38.42 -12.62 8.44
CA GLY B 129 -37.44 -11.75 7.78
C GLY B 129 -36.13 -12.43 8.09
N SER B 130 -35.25 -11.80 8.88
N SER B 130 -35.26 -11.80 8.91
CA SER B 130 -34.02 -12.51 9.28
CA SER B 130 -34.02 -12.44 9.37
C SER B 130 -34.34 -13.49 10.42
C SER B 130 -34.35 -13.50 10.41
N PHE B 131 -35.52 -13.37 11.05
CA PHE B 131 -35.92 -14.26 12.14
C PHE B 131 -37.35 -14.74 11.97
N ILE B 132 -37.80 -15.64 12.84
CA ILE B 132 -39.21 -16.07 12.79
C ILE B 132 -40.02 -15.07 13.61
N ASP B 133 -40.67 -14.07 12.94
CA ASP B 133 -41.44 -13.07 13.69
C ASP B 133 -42.68 -13.66 14.28
N ALA B 134 -43.29 -14.62 13.55
CA ALA B 134 -44.57 -15.19 14.02
C ALA B 134 -44.77 -16.61 13.45
N ILE B 135 -45.58 -17.46 14.12
CA ILE B 135 -45.77 -18.83 13.66
C ILE B 135 -47.21 -19.28 13.94
N GLY B 136 -47.67 -20.22 13.14
CA GLY B 136 -49.01 -20.81 13.23
C GLY B 136 -48.97 -22.21 12.64
N VAL B 137 -50.06 -22.97 12.85
CA VAL B 137 -50.16 -24.36 12.39
C VAL B 137 -51.45 -24.69 11.66
N TYR B 138 -51.36 -25.69 10.78
CA TYR B 138 -52.49 -26.35 10.14
C TYR B 138 -52.80 -27.56 10.98
N LEU B 139 -54.09 -27.89 11.12
CA LEU B 139 -54.49 -29.07 11.87
C LEU B 139 -55.29 -30.00 10.96
N MET B 140 -55.07 -31.32 11.12
CA MET B 140 -55.78 -32.37 10.36
C MET B 140 -56.06 -33.55 11.28
N PRO B 141 -57.10 -34.37 11.01
CA PRO B 141 -57.33 -35.52 11.88
C PRO B 141 -56.27 -36.61 11.71
N ASN B 142 -56.21 -37.55 12.66
CA ASN B 142 -55.33 -38.71 12.62
C ASN B 142 -56.12 -39.93 12.17
N GLY C 3 14.28 19.08 -10.44
CA GLY C 3 14.53 17.65 -10.22
C GLY C 3 14.70 17.24 -8.77
N ALA C 4 14.38 18.14 -7.83
CA ALA C 4 14.42 17.87 -6.40
C ALA C 4 13.03 17.38 -5.93
N ILE C 5 12.96 16.94 -4.67
CA ILE C 5 11.69 16.59 -4.05
C ILE C 5 11.60 17.52 -2.85
N LYS C 6 10.71 18.51 -2.92
CA LYS C 6 10.54 19.50 -1.85
C LYS C 6 9.12 19.41 -1.36
N VAL C 7 8.94 19.21 -0.04
CA VAL C 7 7.61 19.13 0.55
C VAL C 7 7.45 20.29 1.53
N GLY C 8 6.28 20.88 1.51
CA GLY C 8 5.93 22.09 2.23
C GLY C 8 5.79 23.22 1.23
N THR C 9 5.82 24.47 1.66
CA THR C 9 5.97 24.87 3.07
C THR C 9 4.66 24.73 3.87
N TRP C 10 4.80 24.78 5.19
CA TRP C 10 3.72 24.91 6.16
C TRP C 10 4.06 26.24 6.80
N GLY C 11 3.07 27.12 6.93
CA GLY C 11 3.31 28.43 7.52
C GLY C 11 2.70 29.58 6.76
N GLY C 12 3.01 30.80 7.20
CA GLY C 12 2.49 32.03 6.61
C GLY C 12 3.27 32.59 5.45
N ASN C 13 2.79 33.73 4.94
CA ASN C 13 3.33 34.44 3.78
C ASN C 13 4.31 35.58 4.11
N GLY C 14 4.52 35.87 5.39
CA GLY C 14 5.45 36.90 5.83
C GLY C 14 6.91 36.50 5.68
N GLY C 15 7.80 37.43 6.00
CA GLY C 15 9.25 37.23 5.92
C GLY C 15 9.75 37.17 4.50
N SER C 16 10.98 36.69 4.32
CA SER C 16 11.61 36.55 3.02
C SER C 16 11.93 35.10 2.79
N GLU C 17 11.85 34.66 1.53
CA GLU C 17 12.16 33.29 1.15
C GLU C 17 13.61 32.94 1.42
N TRP C 18 13.81 31.72 1.93
CA TRP C 18 15.15 31.17 2.17
C TRP C 18 15.16 29.72 1.70
N ASP C 19 16.34 29.25 1.27
CA ASP C 19 16.47 27.91 0.71
C ASP C 19 17.91 27.43 0.84
N MET C 20 18.11 26.39 1.64
CA MET C 20 19.41 25.77 1.92
C MET C 20 19.88 24.92 0.73
N GLY C 21 18.92 24.37 0.01
CA GLY C 21 19.18 23.38 -1.01
C GLY C 21 19.34 22.01 -0.35
N PRO C 22 19.39 20.91 -1.13
CA PRO C 22 19.60 19.59 -0.50
C PRO C 22 21.05 19.34 -0.14
N ALA C 23 21.28 18.52 0.88
CA ALA C 23 22.64 18.20 1.29
C ALA C 23 22.80 16.73 1.57
N TYR C 24 23.88 16.14 1.05
CA TYR C 24 24.16 14.71 1.26
C TYR C 24 24.44 14.36 2.70
N ARG C 25 24.89 15.32 3.51
CA ARG C 25 25.13 15.08 4.92
C ARG C 25 24.71 16.28 5.75
N ILE C 26 23.85 16.07 6.73
CA ILE C 26 23.50 17.15 7.65
C ILE C 26 24.31 16.84 8.93
N ASP C 27 25.15 17.79 9.36
CA ASP C 27 26.03 17.61 10.51
C ASP C 27 25.40 18.04 11.83
N SER C 28 24.66 19.15 11.83
CA SER C 28 24.06 19.66 13.07
C SER C 28 22.90 20.61 12.81
N VAL C 29 21.97 20.72 13.77
CA VAL C 29 20.84 21.65 13.68
C VAL C 29 20.79 22.38 15.01
N LYS C 30 20.59 23.71 14.96
CA LYS C 30 20.45 24.56 16.13
C LYS C 30 19.16 25.33 15.95
N ILE C 31 18.20 25.10 16.88
CA ILE C 31 16.93 25.80 16.82
C ILE C 31 16.90 26.75 17.99
N ASN C 32 16.48 27.99 17.74
CA ASN C 32 16.26 28.98 18.79
C ASN C 32 14.75 29.12 18.93
N ALA C 33 14.24 29.00 20.14
CA ALA C 33 12.81 29.03 20.37
C ALA C 33 12.49 29.56 21.76
N GLY C 34 11.38 30.26 21.84
CA GLY C 34 10.77 30.73 23.09
C GLY C 34 9.37 30.15 23.09
N ASP C 35 8.35 31.02 22.94
CA ASP C 35 6.97 30.58 22.77
C ASP C 35 6.83 30.04 21.35
N ILE C 36 7.64 30.55 20.42
CA ILE C 36 7.54 30.17 19.00
C ILE C 36 8.92 29.86 18.44
N ILE C 37 9.00 29.54 17.14
CA ILE C 37 10.28 29.28 16.50
C ILE C 37 10.89 30.53 15.96
N ASP C 38 11.99 30.98 16.61
CA ASP C 38 12.67 32.20 16.17
C ASP C 38 13.61 31.93 15.01
N ALA C 39 14.36 30.83 15.08
CA ALA C 39 15.43 30.53 14.11
C ALA C 39 15.80 29.08 13.99
N ILE C 40 16.38 28.72 12.85
CA ILE C 40 16.88 27.39 12.58
C ILE C 40 18.22 27.60 11.87
N GLU C 41 19.25 26.93 12.34
CA GLU C 41 20.60 27.08 11.81
C GLU C 41 21.13 25.70 11.53
N ILE C 42 21.53 25.46 10.27
CA ILE C 42 21.97 24.14 9.85
C ILE C 42 23.42 24.17 9.36
N THR C 43 24.21 23.17 9.79
CA THR C 43 25.56 22.90 9.32
C THR C 43 25.43 21.63 8.50
N PHE C 44 25.92 21.71 7.26
CA PHE C 44 25.80 20.60 6.33
C PHE C 44 27.06 20.50 5.49
N THR C 45 27.29 19.30 4.91
CA THR C 45 28.47 19.04 4.08
C THR C 45 27.99 18.49 2.74
N ARG C 46 28.44 19.10 1.65
CA ARG C 46 28.11 18.63 0.28
C ARG C 46 29.19 19.08 -0.69
N TYR C 47 29.50 18.19 -1.65
CA TYR C 47 30.49 18.43 -2.72
C TYR C 47 31.89 18.87 -2.21
N GLY C 48 32.27 18.37 -1.03
CA GLY C 48 33.58 18.61 -0.44
C GLY C 48 33.73 19.78 0.52
N LEU C 49 32.64 20.52 0.78
CA LEU C 49 32.68 21.66 1.70
C LEU C 49 31.61 21.58 2.73
N THR C 50 31.93 22.04 3.94
CA THR C 50 31.02 22.17 5.07
C THR C 50 30.56 23.65 5.09
N GLU C 51 29.27 23.87 5.37
CA GLU C 51 28.69 25.21 5.41
C GLU C 51 27.68 25.32 6.54
N THR C 52 27.49 26.53 7.09
CA THR C 52 26.46 26.80 8.10
C THR C 52 25.59 27.92 7.55
N GLN C 53 24.28 27.77 7.70
CA GLN C 53 23.31 28.79 7.26
C GLN C 53 22.33 29.01 8.40
N HIS C 54 22.11 30.27 8.76
CA HIS C 54 21.15 30.62 9.83
C HIS C 54 19.98 31.34 9.18
N TYR C 55 18.76 30.96 9.56
CA TYR C 55 17.52 31.55 9.06
C TYR C 55 16.68 32.00 10.24
N GLY C 56 16.04 33.17 10.14
CA GLY C 56 15.25 33.69 11.24
C GLY C 56 16.01 34.71 12.08
N GLY C 57 15.40 35.11 13.18
CA GLY C 57 15.88 36.15 14.07
C GLY C 57 16.90 35.80 15.13
N THR C 58 17.03 36.72 16.09
CA THR C 58 18.01 36.65 17.18
C THR C 58 17.43 36.19 18.51
N GLY C 59 16.11 36.09 18.60
CA GLY C 59 15.43 35.68 19.82
C GLY C 59 15.45 34.19 20.14
N GLY C 60 14.80 33.84 21.25
CA GLY C 60 14.66 32.47 21.73
C GLY C 60 15.90 31.87 22.35
N GLU C 61 15.72 30.75 23.05
CA GLU C 61 16.79 29.99 23.70
C GLU C 61 17.30 28.94 22.71
N PRO C 62 18.63 28.71 22.65
CA PRO C 62 19.16 27.73 21.68
C PRO C 62 19.14 26.28 22.15
N HIS C 63 18.98 25.37 21.17
CA HIS C 63 18.99 23.92 21.35
C HIS C 63 19.76 23.40 20.17
N GLU C 64 20.68 22.47 20.40
CA GLU C 64 21.56 21.99 19.36
C GLU C 64 21.76 20.49 19.43
N ILE C 65 21.89 19.87 18.26
CA ILE C 65 22.12 18.45 18.07
C ILE C 65 23.23 18.27 17.03
N ALA C 66 24.26 17.49 17.36
CA ALA C 66 25.33 17.16 16.43
C ALA C 66 25.09 15.70 16.05
N PHE C 67 24.73 15.45 14.78
CA PHE C 67 24.42 14.11 14.31
C PHE C 67 25.61 13.17 14.27
N GLU C 68 25.39 11.92 14.69
CA GLU C 68 26.38 10.84 14.70
C GLU C 68 26.59 10.36 13.27
N ASP C 69 27.64 9.56 13.05
CA ASP C 69 27.88 8.94 11.74
C ASP C 69 26.76 7.90 11.56
N GLY C 70 26.07 7.98 10.43
CA GLY C 70 24.94 7.11 10.11
C GLY C 70 23.61 7.57 10.69
N GLU C 71 23.59 8.75 11.33
CA GLU C 71 22.35 9.30 11.90
C GLU C 71 21.78 10.29 10.88
N TYR C 72 20.48 10.14 10.58
CA TYR C 72 19.79 10.96 9.59
C TYR C 72 18.40 11.31 10.07
N ILE C 73 17.86 12.42 9.55
CA ILE C 73 16.53 12.93 9.91
C ILE C 73 15.47 12.11 9.19
N MET C 74 14.56 11.51 9.97
CA MET C 74 13.45 10.64 9.52
C MET C 74 12.10 11.35 9.57
N SER C 75 11.96 12.40 10.40
CA SER C 75 10.67 13.08 10.45
C SER C 75 10.76 14.53 10.94
N MET C 76 9.77 15.32 10.58
CA MET C 76 9.61 16.69 11.07
C MET C 76 8.13 16.83 11.44
N GLU C 77 7.84 17.40 12.63
CA GLU C 77 6.47 17.62 13.11
C GLU C 77 6.43 19.00 13.74
N GLY C 78 5.35 19.72 13.54
CA GLY C 78 5.19 21.04 14.13
C GLY C 78 3.81 21.61 14.06
N HIS C 79 3.69 22.91 14.37
CA HIS C 79 2.43 23.62 14.34
C HIS C 79 2.55 24.95 13.65
N VAL C 80 1.52 25.26 12.85
CA VAL C 80 1.36 26.57 12.19
C VAL C 80 0.43 27.35 13.14
N VAL C 81 0.87 28.53 13.58
CA VAL C 81 0.12 29.27 14.58
C VAL C 81 -0.10 30.75 14.23
N ASP C 82 -0.98 31.38 15.00
CA ASP C 82 -1.24 32.80 14.91
C ASP C 82 -0.53 33.36 16.14
N TYR C 83 0.55 34.11 15.92
CA TYR C 83 1.32 34.72 16.98
C TYR C 83 1.33 36.23 16.74
N THR C 84 0.60 37.00 17.57
CA THR C 84 0.45 38.47 17.46
C THR C 84 -0.14 38.88 16.08
N GLY C 85 -0.91 37.98 15.49
CA GLY C 85 -1.53 38.20 14.19
C GLY C 85 -0.66 37.76 13.03
N LEU C 86 0.52 37.15 13.33
CA LEU C 86 1.43 36.64 12.29
C LEU C 86 1.25 35.12 12.19
N THR C 87 1.15 34.58 10.96
CA THR C 87 1.03 33.12 10.74
C THR C 87 2.45 32.56 10.63
N ILE C 88 2.89 31.87 11.68
CA ILE C 88 4.28 31.40 11.78
C ILE C 88 4.36 29.98 12.35
N ILE C 89 5.59 29.46 12.50
CA ILE C 89 5.82 28.15 13.09
C ILE C 89 5.93 28.34 14.60
N GLY C 90 5.00 27.73 15.34
CA GLY C 90 4.93 27.82 16.79
C GLY C 90 5.59 26.70 17.56
N LYS C 91 5.76 25.55 16.93
CA LYS C 91 6.36 24.38 17.57
C LYS C 91 7.02 23.53 16.50
N LEU C 92 8.14 22.87 16.85
CA LEU C 92 8.89 22.07 15.88
C LEU C 92 9.70 20.98 16.57
N THR C 93 9.71 19.79 15.96
CA THR C 93 10.44 18.60 16.40
C THR C 93 11.07 17.97 15.14
N LEU C 94 12.30 17.45 15.27
CA LEU C 94 12.95 16.68 14.22
C LEU C 94 13.29 15.34 14.88
N THR C 95 12.99 14.22 14.23
CA THR C 95 13.33 12.91 14.81
C THR C 95 14.32 12.26 13.86
N THR C 96 15.32 11.58 14.43
CA THR C 96 16.30 10.89 13.60
C THR C 96 16.04 9.41 13.74
N ASN C 97 16.91 8.57 13.16
CA ASN C 97 16.81 7.12 13.29
C ASN C 97 17.25 6.69 14.71
N ARG C 98 17.79 7.64 15.49
CA ARG C 98 18.28 7.37 16.85
C ARG C 98 17.69 8.24 17.98
N ARG C 99 17.38 9.52 17.71
CA ARG C 99 16.93 10.44 18.77
C ARG C 99 15.76 11.35 18.36
N THR C 100 15.10 11.95 19.35
CA THR C 100 14.07 12.96 19.16
C THR C 100 14.71 14.31 19.53
N PHE C 101 14.59 15.32 18.64
CA PHE C 101 15.15 16.65 18.87
C PHE C 101 13.98 17.59 18.93
N GLY C 102 13.52 17.83 20.15
CA GLY C 102 12.37 18.65 20.38
C GLY C 102 11.32 17.92 21.19
N PRO C 103 10.11 18.49 21.32
CA PRO C 103 9.62 19.74 20.69
C PRO C 103 10.20 21.02 21.28
N PHE C 104 10.39 22.01 20.42
CA PHE C 104 10.81 23.34 20.83
C PHE C 104 9.71 24.27 20.40
N GLY C 105 9.56 25.36 21.15
CA GLY C 105 8.45 26.28 20.97
C GLY C 105 7.31 25.84 21.87
N ALA C 106 6.32 26.68 22.04
CA ALA C 106 5.24 26.39 22.98
C ALA C 106 3.86 26.71 22.41
N TYR C 107 3.75 27.04 21.11
CA TYR C 107 2.49 27.41 20.48
C TYR C 107 1.94 26.32 19.55
N GLU C 108 0.68 25.96 19.74
CA GLU C 108 -0.02 24.97 18.93
C GLU C 108 -1.15 25.65 18.16
N GLY C 109 -1.50 25.06 17.03
CA GLY C 109 -2.51 25.58 16.13
C GLY C 109 -2.93 24.50 15.15
N THR C 110 -2.42 24.58 13.91
CA THR C 110 -2.69 23.59 12.85
C THR C 110 -1.45 22.69 12.71
N PRO C 111 -1.52 21.42 13.13
CA PRO C 111 -0.32 20.59 13.09
C PRO C 111 0.05 20.12 11.70
N PHE C 112 1.36 19.88 11.49
CA PHE C 112 1.87 19.28 10.28
C PHE C 112 2.86 18.20 10.67
N SER C 113 2.99 17.15 9.86
CA SER C 113 3.94 16.08 10.17
C SER C 113 4.38 15.44 8.87
N ILE C 114 5.67 15.13 8.79
CA ILE C 114 6.29 14.46 7.65
C ILE C 114 7.02 13.24 8.19
N PRO C 115 6.32 12.10 8.39
CA PRO C 115 7.01 10.88 8.82
C PRO C 115 7.58 10.20 7.57
N VAL C 116 8.91 10.20 7.42
CA VAL C 116 9.55 9.60 6.24
C VAL C 116 9.72 8.11 6.50
N ALA C 117 8.82 7.30 5.91
CA ALA C 117 8.83 5.83 6.05
C ALA C 117 10.04 5.23 5.31
N GLU C 118 10.41 5.86 4.20
CA GLU C 118 11.57 5.42 3.43
C GLU C 118 12.21 6.66 2.81
N GLY C 119 13.50 6.80 3.06
CA GLY C 119 14.23 7.97 2.58
C GLY C 119 14.62 8.83 3.76
N LYS C 120 14.99 10.08 3.52
CA LYS C 120 15.44 11.02 4.58
C LYS C 120 15.17 12.47 4.24
N ILE C 121 15.14 13.33 5.27
CA ILE C 121 15.05 14.79 5.16
C ILE C 121 16.50 15.21 4.91
N ALA C 122 16.75 15.92 3.81
CA ALA C 122 18.12 16.26 3.43
C ALA C 122 18.35 17.76 3.31
N GLY C 123 17.45 18.55 3.84
CA GLY C 123 17.60 20.00 3.75
C GLY C 123 16.30 20.70 4.04
N PHE C 124 16.37 22.03 4.09
CA PHE C 124 15.24 22.86 4.46
C PHE C 124 15.09 24.06 3.53
N PHE C 125 13.89 24.62 3.49
CA PHE C 125 13.56 25.88 2.78
C PHE C 125 12.39 26.49 3.52
N GLY C 126 12.11 27.76 3.30
CA GLY C 126 10.98 28.38 3.98
C GLY C 126 10.94 29.88 3.83
N ARG C 127 10.34 30.55 4.82
CA ARG C 127 10.26 32.01 4.87
C ARG C 127 10.66 32.42 6.27
N ALA C 128 11.36 33.55 6.39
CA ALA C 128 11.80 34.00 7.71
C ALA C 128 12.02 35.51 7.75
N GLY C 129 11.86 36.07 8.94
CA GLY C 129 12.14 37.47 9.22
C GLY C 129 12.72 37.50 10.61
N SER C 130 11.93 38.00 11.57
CA SER C 130 12.27 37.94 12.99
C SER C 130 12.09 36.50 13.47
N PHE C 131 11.14 35.77 12.87
CA PHE C 131 10.83 34.39 13.24
C PHE C 131 10.85 33.48 12.02
N ILE C 132 10.57 32.18 12.23
CA ILE C 132 10.43 31.23 11.10
C ILE C 132 8.95 31.27 10.72
N ASP C 133 8.62 32.06 9.66
CA ASP C 133 7.26 32.22 9.16
C ASP C 133 6.78 30.92 8.52
N ALA C 134 7.66 30.24 7.78
CA ALA C 134 7.29 29.00 7.10
C ALA C 134 8.50 28.06 6.98
N ILE C 135 8.24 26.73 6.82
CA ILE C 135 9.28 25.73 6.72
C ILE C 135 8.85 24.61 5.75
N GLY C 136 9.83 24.04 5.10
CA GLY C 136 9.70 22.95 4.16
C GLY C 136 10.96 22.10 4.21
N VAL C 137 10.89 20.89 3.62
CA VAL C 137 12.04 19.99 3.61
C VAL C 137 12.33 19.42 2.26
N TYR C 138 13.62 19.11 2.02
CA TYR C 138 14.06 18.35 0.85
C TYR C 138 14.05 16.91 1.27
N LEU C 139 13.65 16.01 0.36
CA LEU C 139 13.67 14.57 0.62
C LEU C 139 14.61 13.90 -0.37
N MET C 140 15.39 12.94 0.11
CA MET C 140 16.33 12.22 -0.72
C MET C 140 16.25 10.75 -0.36
N PRO C 141 16.64 9.80 -1.25
CA PRO C 141 16.63 8.38 -0.84
C PRO C 141 17.77 8.11 0.15
N ASN C 142 17.67 7.04 0.93
CA ASN C 142 18.73 6.69 1.86
C ASN C 142 19.85 6.00 1.10
N ALA D 2 15.10 0.19 -3.30
CA ALA D 2 15.36 0.65 -4.67
C ALA D 2 15.29 2.18 -4.79
N GLY D 3 15.56 2.85 -3.68
CA GLY D 3 15.60 4.31 -3.61
C GLY D 3 14.27 5.04 -3.61
N ALA D 4 13.20 4.39 -3.13
CA ALA D 4 11.88 5.03 -3.05
C ALA D 4 11.86 6.09 -1.93
N ILE D 5 10.92 7.00 -2.04
CA ILE D 5 10.68 8.04 -1.04
C ILE D 5 9.23 7.86 -0.62
N LYS D 6 9.01 7.45 0.64
CA LYS D 6 7.69 7.19 1.18
C LYS D 6 7.46 8.12 2.37
N VAL D 7 6.33 8.82 2.38
CA VAL D 7 5.99 9.72 3.51
C VAL D 7 4.60 9.30 4.02
N GLY D 8 4.52 9.01 5.30
CA GLY D 8 3.30 8.52 5.93
C GLY D 8 3.64 7.38 6.87
N THR D 9 2.65 6.72 7.47
CA THR D 9 1.23 7.04 7.21
C THR D 9 0.74 8.08 8.21
N TRP D 10 -0.45 8.64 7.92
CA TRP D 10 -1.28 9.46 8.80
C TRP D 10 -2.53 8.59 8.96
N GLY D 11 -3.03 8.48 10.18
CA GLY D 11 -4.24 7.71 10.49
C GLY D 11 -4.07 6.81 11.69
N GLY D 12 -4.91 5.81 11.79
CA GLY D 12 -4.91 4.85 12.90
C GLY D 12 -4.08 3.61 12.65
N ASN D 13 -4.13 2.69 13.62
CA ASN D 13 -3.39 1.44 13.61
C ASN D 13 -4.24 0.24 13.20
N GLY D 14 -5.51 0.49 12.88
CA GLY D 14 -6.43 -0.57 12.47
C GLY D 14 -6.27 -1.02 11.04
N GLY D 15 -7.13 -1.95 10.62
CA GLY D 15 -7.09 -2.50 9.28
C GLY D 15 -5.80 -3.27 9.04
N SER D 16 -5.51 -3.54 7.76
CA SER D 16 -4.31 -4.23 7.30
C SER D 16 -3.54 -3.34 6.35
N GLU D 17 -2.21 -3.54 6.31
CA GLU D 17 -1.37 -2.75 5.42
C GLU D 17 -1.66 -3.04 3.95
N TRP D 18 -1.65 -1.97 3.15
CA TRP D 18 -1.77 -2.06 1.69
C TRP D 18 -0.70 -1.15 1.08
N ASP D 19 -0.27 -1.47 -0.12
CA ASP D 19 0.82 -0.72 -0.77
C ASP D 19 0.76 -0.88 -2.27
N MET D 20 0.42 0.21 -2.96
CA MET D 20 0.30 0.25 -4.42
C MET D 20 1.69 0.20 -5.08
N GLY D 21 2.67 0.76 -4.39
CA GLY D 21 4.01 0.95 -4.93
C GLY D 21 4.03 2.24 -5.71
N PRO D 22 5.22 2.71 -6.16
CA PRO D 22 5.25 3.93 -6.99
C PRO D 22 4.87 3.63 -8.44
N ALA D 23 4.28 4.59 -9.15
CA ALA D 23 3.90 4.37 -10.54
C ALA D 23 4.48 5.45 -11.45
N TYR D 24 4.77 5.06 -12.70
CA TYR D 24 5.28 5.98 -13.71
C TYR D 24 4.23 7.08 -13.99
N ARG D 25 2.95 6.69 -14.07
CA ARG D 25 1.85 7.60 -14.32
C ARG D 25 0.61 7.16 -13.56
N ILE D 26 -0.03 8.10 -12.86
CA ILE D 26 -1.32 7.84 -12.23
C ILE D 26 -2.36 8.32 -13.25
N ASP D 27 -3.18 7.41 -13.77
CA ASP D 27 -4.20 7.72 -14.78
C ASP D 27 -5.49 8.28 -14.20
N SER D 28 -5.92 7.71 -13.07
CA SER D 28 -7.15 8.20 -12.44
C SER D 28 -7.27 7.75 -11.00
N VAL D 29 -8.04 8.52 -10.20
CA VAL D 29 -8.27 8.18 -8.80
C VAL D 29 -9.77 8.25 -8.56
N LYS D 30 -10.30 7.26 -7.86
CA LYS D 30 -11.68 7.21 -7.40
C LYS D 30 -11.70 7.11 -5.87
N ILE D 31 -12.36 8.10 -5.20
CA ILE D 31 -12.50 8.08 -3.76
C ILE D 31 -13.96 7.78 -3.41
N ASN D 32 -14.21 6.83 -2.49
CA ASN D 32 -15.59 6.61 -2.02
C ASN D 32 -15.69 7.19 -0.64
N ALA D 33 -16.70 8.05 -0.42
CA ALA D 33 -16.84 8.72 0.86
C ALA D 33 -18.30 9.04 1.19
N GLY D 34 -18.57 9.07 2.49
CA GLY D 34 -19.86 9.43 3.10
C GLY D 34 -19.50 10.34 4.24
N ASP D 35 -19.70 9.88 5.48
CA ASP D 35 -19.25 10.64 6.63
C ASP D 35 -17.71 10.60 6.67
N ILE D 36 -17.08 9.49 6.20
CA ILE D 36 -15.62 9.32 6.26
C ILE D 36 -15.07 8.79 4.94
N ILE D 37 -13.78 8.41 4.89
CA ILE D 37 -13.21 7.85 3.65
C ILE D 37 -13.32 6.35 3.70
N ASP D 38 -14.19 5.81 2.85
CA ASP D 38 -14.45 4.36 2.78
C ASP D 38 -13.42 3.66 1.91
N ALA D 39 -13.03 4.27 0.79
CA ALA D 39 -12.11 3.65 -0.17
C ALA D 39 -11.38 4.60 -1.06
N ILE D 40 -10.24 4.12 -1.56
CA ILE D 40 -9.45 4.81 -2.58
C ILE D 40 -9.09 3.75 -3.64
N GLU D 41 -9.35 4.07 -4.89
CA GLU D 41 -9.09 3.21 -6.04
C GLU D 41 -8.23 3.98 -7.02
N ILE D 42 -7.08 3.41 -7.39
CA ILE D 42 -6.13 4.08 -8.28
C ILE D 42 -5.93 3.29 -9.55
N THR D 43 -6.03 3.98 -10.71
CA THR D 43 -5.73 3.41 -12.03
C THR D 43 -4.41 4.03 -12.39
N PHE D 44 -3.40 3.18 -12.65
CA PHE D 44 -2.05 3.63 -12.91
C PHE D 44 -1.34 2.76 -13.95
N THR D 45 -0.24 3.28 -14.49
CA THR D 45 0.59 2.62 -15.51
C THR D 45 1.99 2.47 -14.98
N ARG D 46 2.50 1.25 -15.03
CA ARG D 46 3.83 0.90 -14.54
C ARG D 46 4.35 -0.24 -15.42
N TYR D 47 5.60 -0.11 -15.95
CA TYR D 47 6.22 -1.10 -16.85
C TYR D 47 5.31 -1.47 -18.05
N GLY D 48 4.68 -0.46 -18.64
CA GLY D 48 3.81 -0.63 -19.80
C GLY D 48 2.42 -1.19 -19.54
N LEU D 49 2.12 -1.57 -18.29
CA LEU D 49 0.82 -2.12 -17.93
C LEU D 49 -0.06 -1.15 -17.13
N THR D 50 -1.31 -0.96 -17.59
CA THR D 50 -2.30 -0.15 -16.91
C THR D 50 -3.08 -1.10 -16.03
N GLU D 51 -3.17 -0.77 -14.74
CA GLU D 51 -3.78 -1.61 -13.71
C GLU D 51 -4.68 -0.74 -12.80
N THR D 52 -5.69 -1.34 -12.17
CA THR D 52 -6.59 -0.67 -11.22
C THR D 52 -6.50 -1.42 -9.90
N GLN D 53 -6.30 -0.70 -8.78
CA GLN D 53 -6.24 -1.32 -7.47
C GLN D 53 -7.20 -0.59 -6.53
N HIS D 54 -8.07 -1.33 -5.83
CA HIS D 54 -9.05 -0.81 -4.86
C HIS D 54 -8.62 -1.12 -3.43
N TYR D 55 -8.63 -0.10 -2.54
CA TYR D 55 -8.27 -0.23 -1.12
C TYR D 55 -9.44 0.28 -0.30
N GLY D 56 -9.80 -0.45 0.76
CA GLY D 56 -10.94 -0.09 1.60
C GLY D 56 -12.19 -0.89 1.26
N GLY D 57 -13.32 -0.49 1.82
CA GLY D 57 -14.59 -1.21 1.67
C GLY D 57 -15.49 -0.83 0.52
N THR D 58 -16.76 -1.23 0.64
CA THR D 58 -17.79 -1.04 -0.40
C THR D 58 -18.75 0.14 -0.17
N GLY D 59 -18.61 0.86 0.94
CA GLY D 59 -19.48 1.98 1.27
C GLY D 59 -19.14 3.30 0.60
N GLY D 60 -19.97 4.30 0.88
CA GLY D 60 -19.80 5.66 0.39
C GLY D 60 -20.08 5.91 -1.07
N GLU D 61 -20.19 7.20 -1.43
CA GLU D 61 -20.46 7.63 -2.78
C GLU D 61 -19.16 7.84 -3.53
N PRO D 62 -19.09 7.43 -4.82
CA PRO D 62 -17.84 7.60 -5.57
C PRO D 62 -17.64 8.98 -6.18
N HIS D 63 -16.38 9.38 -6.31
CA HIS D 63 -15.95 10.63 -6.93
C HIS D 63 -14.71 10.25 -7.68
N GLU D 64 -14.58 10.74 -8.92
CA GLU D 64 -13.46 10.37 -9.77
C GLU D 64 -12.79 11.53 -10.45
N ILE D 65 -11.47 11.42 -10.64
CA ILE D 65 -10.68 12.38 -11.39
C ILE D 65 -9.87 11.59 -12.42
N ALA D 66 -9.92 11.99 -13.70
CA ALA D 66 -9.12 11.36 -14.73
C ALA D 66 -8.09 12.41 -15.16
N PHE D 67 -6.82 12.13 -14.90
CA PHE D 67 -5.72 13.06 -15.13
C PHE D 67 -5.50 13.37 -16.59
N GLU D 68 -5.39 14.66 -16.91
CA GLU D 68 -5.12 15.15 -18.27
C GLU D 68 -3.63 14.90 -18.52
N ASP D 69 -3.19 15.02 -19.80
CA ASP D 69 -1.77 14.86 -20.12
C ASP D 69 -1.02 16.05 -19.47
N GLY D 70 0.04 15.75 -18.74
CA GLY D 70 0.84 16.75 -18.05
C GLY D 70 0.28 17.15 -16.69
N GLU D 71 -0.80 16.50 -16.25
CA GLU D 71 -1.41 16.74 -14.95
C GLU D 71 -0.91 15.67 -13.98
N TYR D 72 -0.50 16.11 -12.79
CA TYR D 72 0.06 15.24 -11.76
C TYR D 72 -0.40 15.71 -10.39
N ILE D 73 -0.34 14.81 -9.40
CA ILE D 73 -0.75 15.13 -8.03
C ILE D 73 0.39 15.90 -7.35
N MET D 74 0.08 17.08 -6.80
CA MET D 74 1.10 17.86 -6.11
C MET D 74 0.74 18.18 -4.65
N SER D 75 -0.36 17.61 -4.13
CA SER D 75 -0.70 17.78 -2.71
C SER D 75 -1.76 16.78 -2.26
N MET D 76 -1.69 16.40 -1.00
CA MET D 76 -2.69 15.55 -0.35
C MET D 76 -2.91 16.16 1.02
N GLU D 77 -4.18 16.24 1.46
CA GLU D 77 -4.42 16.76 2.79
C GLU D 77 -5.67 16.12 3.33
N GLY D 78 -5.83 16.09 4.62
CA GLY D 78 -7.02 15.47 5.18
C GLY D 78 -7.07 15.58 6.68
N HIS D 79 -7.95 14.77 7.29
CA HIS D 79 -8.13 14.72 8.73
C HIS D 79 -8.15 13.28 9.21
N VAL D 80 -7.45 13.03 10.32
CA VAL D 80 -7.46 11.76 11.06
C VAL D 80 -8.56 11.97 12.12
N VAL D 81 -9.56 11.08 12.11
CA VAL D 81 -10.75 11.26 12.95
C VAL D 81 -11.08 10.06 13.82
N ASP D 82 -11.94 10.31 14.83
CA ASP D 82 -12.53 9.27 15.65
C ASP D 82 -13.91 9.03 15.03
N TYR D 83 -14.09 7.88 14.39
CA TYR D 83 -15.35 7.48 13.76
C TYR D 83 -15.83 6.20 14.42
N THR D 84 -16.91 6.28 15.21
CA THR D 84 -17.49 5.14 15.93
C THR D 84 -16.45 4.42 16.83
N GLY D 85 -15.45 5.17 17.32
CA GLY D 85 -14.39 4.62 18.16
C GLY D 85 -13.16 4.16 17.39
N LEU D 86 -13.21 4.25 16.06
CA LEU D 86 -12.09 3.88 15.18
C LEU D 86 -11.27 5.11 14.81
N THR D 87 -9.93 5.00 14.72
CA THR D 87 -9.07 6.12 14.29
C THR D 87 -8.82 5.92 12.80
N ILE D 88 -9.50 6.71 11.95
CA ILE D 88 -9.45 6.51 10.50
C ILE D 88 -9.34 7.82 9.75
N ILE D 89 -9.29 7.75 8.41
CA ILE D 89 -9.25 8.96 7.57
C ILE D 89 -10.69 9.45 7.35
N GLY D 90 -11.00 10.64 7.86
CA GLY D 90 -12.36 11.18 7.78
C GLY D 90 -12.59 12.19 6.68
N LYS D 91 -11.50 12.83 6.21
CA LYS D 91 -11.58 13.83 5.14
C LYS D 91 -10.32 13.70 4.32
N LEU D 92 -10.46 13.84 3.00
CA LEU D 92 -9.35 13.72 2.04
C LEU D 92 -9.55 14.60 0.81
N THR D 93 -8.45 15.24 0.39
CA THR D 93 -8.37 16.06 -0.81
C THR D 93 -7.04 15.72 -1.49
N LEU D 94 -7.06 15.68 -2.83
CA LEU D 94 -5.85 15.58 -3.65
C LEU D 94 -5.88 16.82 -4.51
N THR D 95 -4.73 17.49 -4.68
CA THR D 95 -4.67 18.67 -5.55
C THR D 95 -3.64 18.38 -6.64
N THR D 96 -3.95 18.77 -7.86
CA THR D 96 -3.07 18.62 -9.01
C THR D 96 -2.49 19.99 -9.36
N ASN D 97 -1.69 20.06 -10.43
CA ASN D 97 -1.14 21.32 -10.94
C ASN D 97 -2.24 22.16 -11.61
N ARG D 98 -3.46 21.58 -11.77
CA ARG D 98 -4.57 22.24 -12.45
C ARG D 98 -5.91 22.27 -11.71
N ARG D 99 -6.20 21.28 -10.85
CA ARG D 99 -7.50 21.16 -10.18
C ARG D 99 -7.37 20.68 -8.74
N THR D 100 -8.44 20.88 -7.95
CA THR D 100 -8.60 20.39 -6.58
C THR D 100 -9.66 19.26 -6.62
N PHE D 101 -9.31 18.07 -6.13
CA PHE D 101 -10.20 16.91 -6.10
C PHE D 101 -10.59 16.70 -4.65
N GLY D 102 -11.78 17.16 -4.31
CA GLY D 102 -12.25 17.12 -2.93
C GLY D 102 -12.45 18.51 -2.35
N PRO D 103 -12.65 18.63 -1.01
CA PRO D 103 -12.61 17.57 0.02
C PRO D 103 -13.75 16.59 -0.03
N PHE D 104 -13.47 15.33 0.35
CA PHE D 104 -14.49 14.29 0.48
C PHE D 104 -14.49 13.87 1.91
N GLY D 105 -15.64 13.45 2.41
CA GLY D 105 -15.78 13.08 3.81
C GLY D 105 -16.33 14.25 4.59
N ALA D 106 -16.86 13.99 5.78
CA ALA D 106 -17.52 15.02 6.61
C ALA D 106 -16.93 15.21 7.99
N TYR D 107 -16.15 14.24 8.47
CA TYR D 107 -15.57 14.26 9.80
C TYR D 107 -14.25 14.99 9.87
N GLU D 108 -14.02 15.70 10.97
CA GLU D 108 -12.78 16.42 11.21
C GLU D 108 -12.11 15.95 12.50
N GLY D 109 -10.83 16.22 12.62
CA GLY D 109 -10.07 15.78 13.79
C GLY D 109 -8.71 16.43 13.79
N THR D 110 -7.68 15.65 13.48
CA THR D 110 -6.31 16.14 13.43
C THR D 110 -5.93 16.26 11.97
N PRO D 111 -5.67 17.50 11.48
CA PRO D 111 -5.28 17.63 10.07
C PRO D 111 -3.85 17.15 9.76
N PHE D 112 -3.65 16.78 8.51
CA PHE D 112 -2.34 16.43 7.95
C PHE D 112 -2.35 17.00 6.56
N SER D 113 -1.18 17.37 6.05
CA SER D 113 -1.09 17.91 4.71
C SER D 113 0.31 17.68 4.19
N ILE D 114 0.41 17.32 2.91
CA ILE D 114 1.70 17.11 2.29
C ILE D 114 1.73 17.88 0.94
N PRO D 115 1.92 19.22 0.97
CA PRO D 115 2.06 19.95 -0.30
C PRO D 115 3.45 19.65 -0.90
N VAL D 116 3.50 19.39 -2.20
CA VAL D 116 4.76 19.09 -2.88
C VAL D 116 5.12 20.36 -3.67
N ALA D 117 6.10 21.12 -3.16
CA ALA D 117 6.57 22.35 -3.81
C ALA D 117 7.30 22.02 -5.11
N GLU D 118 7.99 20.88 -5.14
CA GLU D 118 8.74 20.41 -6.32
C GLU D 118 8.71 18.89 -6.33
N GLY D 119 8.30 18.32 -7.46
CA GLY D 119 8.12 16.87 -7.59
C GLY D 119 6.65 16.53 -7.64
N LYS D 120 6.32 15.25 -7.43
CA LYS D 120 4.92 14.81 -7.49
C LYS D 120 4.65 13.61 -6.57
N ILE D 121 3.37 13.40 -6.24
CA ILE D 121 2.92 12.21 -5.53
C ILE D 121 2.77 11.15 -6.63
N ALA D 122 3.45 10.00 -6.47
CA ALA D 122 3.50 8.98 -7.52
C ALA D 122 2.90 7.62 -7.14
N GLY D 123 2.26 7.56 -5.98
CA GLY D 123 1.66 6.34 -5.51
C GLY D 123 1.20 6.48 -4.08
N PHE D 124 0.53 5.45 -3.56
CA PHE D 124 -0.05 5.46 -2.23
C PHE D 124 0.22 4.15 -1.51
N PHE D 125 0.15 4.20 -0.18
CA PHE D 125 0.25 3.05 0.71
C PHE D 125 -0.61 3.43 1.90
N GLY D 126 -0.90 2.47 2.77
CA GLY D 126 -1.72 2.78 3.95
C GLY D 126 -2.24 1.55 4.66
N ARG D 127 -3.38 1.71 5.37
CA ARG D 127 -4.03 0.63 6.09
C ARG D 127 -5.50 0.71 5.77
N ALA D 128 -6.17 -0.45 5.66
CA ALA D 128 -7.59 -0.46 5.35
C ALA D 128 -8.29 -1.72 5.81
N GLY D 129 -9.59 -1.59 6.05
CA GLY D 129 -10.53 -2.67 6.36
C GLY D 129 -11.75 -2.26 5.57
N SER D 130 -12.88 -1.97 6.26
CA SER D 130 -14.05 -1.49 5.52
CA SER D 130 -14.10 -1.45 5.61
C SER D 130 -13.87 -0.01 5.16
N PHE D 131 -12.91 0.69 5.83
CA PHE D 131 -12.61 2.10 5.58
C PHE D 131 -11.12 2.30 5.38
N ILE D 132 -10.73 3.52 5.06
CA ILE D 132 -9.30 3.86 4.96
C ILE D 132 -8.83 4.27 6.35
N ASP D 133 -8.17 3.33 7.07
CA ASP D 133 -7.66 3.58 8.40
C ASP D 133 -6.47 4.52 8.36
N ALA D 134 -5.62 4.38 7.33
CA ALA D 134 -4.42 5.21 7.24
C ALA D 134 -3.95 5.35 5.80
N ILE D 135 -3.19 6.41 5.50
CA ILE D 135 -2.75 6.67 4.13
C ILE D 135 -1.38 7.33 4.15
N GLY D 136 -0.68 7.19 3.05
CA GLY D 136 0.65 7.76 2.84
C GLY D 136 0.92 7.79 1.35
N VAL D 137 2.01 8.46 0.95
CA VAL D 137 2.37 8.65 -0.45
C VAL D 137 3.80 8.32 -0.81
N TYR D 138 4.02 7.94 -2.09
CA TYR D 138 5.32 7.83 -2.74
C TYR D 138 5.56 9.15 -3.43
N LEU D 139 6.82 9.63 -3.44
CA LEU D 139 7.18 10.86 -4.11
C LEU D 139 8.28 10.57 -5.13
N MET D 140 8.28 11.37 -6.18
CA MET D 140 9.24 11.28 -7.28
C MET D 140 9.45 12.70 -7.84
N PRO D 141 10.60 13.00 -8.47
CA PRO D 141 10.74 14.34 -9.08
C PRO D 141 9.93 14.41 -10.37
N ASN D 142 9.81 15.63 -10.95
CA ASN D 142 9.14 15.81 -12.23
C ASN D 142 10.19 15.92 -13.34
N ALA E 2 -82.59 -28.40 9.01
CA ALA E 2 -82.86 -29.22 10.18
C ALA E 2 -81.62 -30.01 10.63
N GLY E 3 -80.79 -30.46 9.68
CA GLY E 3 -79.52 -31.11 10.00
C GLY E 3 -79.57 -32.49 10.66
N ALA E 4 -80.70 -33.18 10.53
CA ALA E 4 -80.80 -34.54 11.07
C ALA E 4 -80.19 -35.52 10.07
N ILE E 5 -80.04 -36.80 10.50
CA ILE E 5 -79.63 -37.89 9.62
C ILE E 5 -80.80 -38.88 9.69
N LYS E 6 -81.45 -39.13 8.54
CA LYS E 6 -82.61 -40.04 8.47
C LYS E 6 -82.35 -41.06 7.41
N VAL E 7 -82.44 -42.35 7.76
CA VAL E 7 -82.22 -43.40 6.78
C VAL E 7 -83.49 -44.23 6.69
N GLY E 8 -83.98 -44.39 5.47
CA GLY E 8 -85.26 -45.06 5.22
C GLY E 8 -86.11 -44.24 4.26
N THR E 9 -87.36 -44.66 4.00
CA THR E 9 -87.93 -45.84 4.64
C THR E 9 -87.66 -47.11 3.82
N TRP E 10 -87.94 -48.26 4.46
CA TRP E 10 -88.02 -49.58 3.82
C TRP E 10 -89.49 -49.95 4.00
N GLY E 11 -90.13 -50.51 2.98
CA GLY E 11 -91.53 -50.90 3.07
C GLY E 11 -92.38 -50.38 1.93
N GLY E 12 -93.70 -50.53 2.05
CA GLY E 12 -94.64 -50.12 1.01
C GLY E 12 -95.08 -48.67 1.06
N ASN E 13 -96.01 -48.32 0.15
CA ASN E 13 -96.58 -46.98 -0.02
C ASN E 13 -97.95 -46.79 0.62
N GLY E 14 -98.44 -47.79 1.33
CA GLY E 14 -99.75 -47.74 1.98
C GLY E 14 -99.72 -47.01 3.30
N GLY E 15 -100.89 -46.86 3.90
CA GLY E 15 -101.00 -46.15 5.17
C GLY E 15 -100.72 -44.67 5.05
N SER E 16 -100.44 -44.05 6.21
CA SER E 16 -100.13 -42.63 6.38
C SER E 16 -98.72 -42.45 6.94
N GLU E 17 -98.04 -41.39 6.47
CA GLU E 17 -96.70 -41.06 6.97
C GLU E 17 -96.81 -40.66 8.42
N TRP E 18 -95.83 -41.10 9.21
CA TRP E 18 -95.68 -40.73 10.62
C TRP E 18 -94.21 -40.44 10.87
N ASP E 19 -93.94 -39.60 11.85
CA ASP E 19 -92.57 -39.19 12.12
C ASP E 19 -92.45 -38.77 13.58
N MET E 20 -91.74 -39.57 14.39
CA MET E 20 -91.48 -39.37 15.81
C MET E 20 -90.52 -38.19 16.04
N GLY E 21 -89.64 -37.98 15.06
CA GLY E 21 -88.56 -37.01 15.19
C GLY E 21 -87.42 -37.64 15.98
N PRO E 22 -86.24 -37.00 16.06
CA PRO E 22 -85.15 -37.57 16.87
C PRO E 22 -85.38 -37.33 18.35
N ALA E 23 -84.90 -38.22 19.22
CA ALA E 23 -85.11 -38.05 20.66
C ALA E 23 -83.80 -38.04 21.40
N TYR E 24 -83.77 -37.39 22.60
CA TYR E 24 -82.54 -37.39 23.40
C TYR E 24 -82.30 -38.80 23.92
N ARG E 25 -83.39 -39.51 24.27
CA ARG E 25 -83.33 -40.89 24.74
C ARG E 25 -84.60 -41.63 24.39
N ILE E 26 -84.44 -42.88 23.95
CA ILE E 26 -85.54 -43.79 23.70
C ILE E 26 -85.58 -44.59 24.99
N ASP E 27 -86.73 -44.51 25.70
CA ASP E 27 -86.87 -45.18 27.00
C ASP E 27 -87.36 -46.60 26.85
N SER E 28 -88.35 -46.81 25.98
CA SER E 28 -88.90 -48.15 25.75
C SER E 28 -89.54 -48.26 24.39
N VAL E 29 -89.64 -49.49 23.89
CA VAL E 29 -90.26 -49.81 22.62
C VAL E 29 -91.18 -50.98 22.85
N LYS E 30 -92.38 -50.91 22.26
CA LYS E 30 -93.37 -51.97 22.30
C LYS E 30 -93.73 -52.32 20.87
N ILE E 31 -93.49 -53.57 20.47
CA ILE E 31 -93.83 -54.02 19.13
C ILE E 31 -94.97 -55.03 19.21
N ASN E 32 -96.03 -54.84 18.42
CA ASN E 32 -97.11 -55.81 18.32
C ASN E 32 -96.94 -56.55 17.01
N ALA E 33 -96.91 -57.90 17.09
CA ALA E 33 -96.74 -58.73 15.91
C ALA E 33 -97.44 -60.08 16.00
N GLY E 34 -97.75 -60.62 14.85
CA GLY E 34 -98.35 -61.95 14.65
C GLY E 34 -97.64 -62.50 13.43
N ASP E 35 -98.35 -62.57 12.30
CA ASP E 35 -97.73 -62.97 11.03
C ASP E 35 -96.85 -61.81 10.53
N ILE E 36 -97.28 -60.56 10.82
CA ILE E 36 -96.57 -59.36 10.35
C ILE E 36 -96.40 -58.34 11.47
N ILE E 37 -95.89 -57.13 11.17
CA ILE E 37 -95.72 -56.11 12.21
C ILE E 37 -96.94 -55.21 12.27
N ASP E 38 -97.74 -55.40 13.33
CA ASP E 38 -98.98 -54.62 13.51
C ASP E 38 -98.73 -53.21 13.97
N ALA E 39 -97.87 -53.05 14.97
CA ALA E 39 -97.63 -51.75 15.58
C ALA E 39 -96.27 -51.58 16.20
N ILE E 40 -95.85 -50.32 16.33
CA ILE E 40 -94.64 -49.95 17.04
C ILE E 40 -95.03 -48.77 17.94
N GLU E 41 -94.69 -48.85 19.20
CA GLU E 41 -95.02 -47.82 20.17
C GLU E 41 -93.76 -47.43 20.88
N ILE E 42 -93.43 -46.14 20.80
CA ILE E 42 -92.19 -45.65 21.39
C ILE E 42 -92.46 -44.66 22.51
N THR E 43 -91.73 -44.86 23.61
CA THR E 43 -91.70 -43.94 24.75
C THR E 43 -90.34 -43.29 24.67
N PHE E 44 -90.33 -41.98 24.54
CA PHE E 44 -89.09 -41.24 24.36
C PHE E 44 -89.05 -39.92 25.13
N THR E 45 -87.84 -39.43 25.39
CA THR E 45 -87.58 -38.20 26.11
C THR E 45 -86.92 -37.17 25.18
N ARG E 46 -87.44 -35.94 25.21
CA ARG E 46 -86.96 -34.84 24.39
C ARG E 46 -87.41 -33.52 25.02
N TYR E 47 -86.46 -32.56 25.16
CA TYR E 47 -86.69 -31.20 25.67
C TYR E 47 -87.47 -31.19 27.02
N GLY E 48 -87.03 -32.03 27.95
CA GLY E 48 -87.62 -32.18 29.28
C GLY E 48 -88.99 -32.81 29.32
N LEU E 49 -89.42 -33.42 28.21
CA LEU E 49 -90.74 -34.06 28.13
C LEU E 49 -90.62 -35.52 27.74
N THR E 50 -91.40 -36.39 28.39
CA THR E 50 -91.47 -37.82 28.07
C THR E 50 -92.85 -38.10 27.52
N GLU E 51 -92.91 -38.67 26.31
CA GLU E 51 -94.22 -38.97 25.73
C GLU E 51 -94.20 -40.33 25.08
N THR E 52 -95.39 -40.87 24.83
CA THR E 52 -95.57 -42.16 24.19
C THR E 52 -96.36 -41.94 22.90
N GLN E 53 -95.84 -42.48 21.79
CA GLN E 53 -96.53 -42.37 20.53
C GLN E 53 -96.72 -43.76 19.95
N HIS E 54 -97.96 -44.08 19.52
CA HIS E 54 -98.32 -45.37 18.96
C HIS E 54 -98.53 -45.22 17.47
N TYR E 55 -97.95 -46.13 16.70
CA TYR E 55 -98.10 -46.16 15.25
C TYR E 55 -98.53 -47.56 14.86
N GLY E 56 -99.51 -47.66 13.98
CA GLY E 56 -100.05 -48.93 13.51
C GLY E 56 -101.41 -49.25 14.11
N GLY E 57 -101.85 -50.49 13.95
CA GLY E 57 -103.16 -50.95 14.42
C GLY E 57 -103.21 -51.58 15.78
N THR E 58 -104.30 -52.35 16.03
CA THR E 58 -104.58 -52.98 17.33
C THR E 58 -104.29 -54.49 17.39
N GLY E 59 -103.97 -55.11 16.26
CA GLY E 59 -103.66 -56.53 16.20
C GLY E 59 -102.32 -56.94 16.79
N GLY E 60 -102.02 -58.22 16.68
CA GLY E 60 -100.77 -58.84 17.11
C GLY E 60 -100.54 -58.94 18.60
N GLU E 61 -99.54 -59.75 18.98
CA GLU E 61 -99.14 -59.95 20.37
C GLU E 61 -98.06 -58.96 20.75
N PRO E 62 -98.17 -58.32 21.93
CA PRO E 62 -97.15 -57.33 22.32
C PRO E 62 -95.88 -57.92 22.88
N HIS E 63 -94.78 -57.20 22.66
CA HIS E 63 -93.45 -57.51 23.15
C HIS E 63 -92.84 -56.17 23.48
N GLU E 64 -92.31 -56.02 24.70
CA GLU E 64 -91.73 -54.76 25.13
C GLU E 64 -90.29 -54.91 25.62
N ILE E 65 -89.52 -53.83 25.46
CA ILE E 65 -88.12 -53.72 25.89
C ILE E 65 -87.98 -52.41 26.60
N ALA E 66 -87.49 -52.46 27.84
CA ALA E 66 -87.23 -51.28 28.66
C ALA E 66 -85.72 -51.12 28.63
N PHE E 67 -85.23 -50.00 28.08
CA PHE E 67 -83.79 -49.78 27.96
C PHE E 67 -83.13 -49.45 29.29
N GLU E 68 -82.07 -50.21 29.61
CA GLU E 68 -81.24 -50.06 30.80
C GLU E 68 -80.41 -48.78 30.63
N ASP E 69 -79.81 -48.28 31.72
CA ASP E 69 -78.94 -47.10 31.66
C ASP E 69 -77.66 -47.51 30.92
N GLY E 70 -77.33 -46.78 29.86
CA GLY E 70 -76.18 -47.06 29.02
C GLY E 70 -76.51 -47.97 27.84
N GLU E 71 -77.78 -48.40 27.74
CA GLU E 71 -78.26 -49.26 26.65
C GLU E 71 -78.90 -48.39 25.55
N TYR E 72 -78.48 -48.61 24.31
CA TYR E 72 -78.94 -47.85 23.15
C TYR E 72 -79.15 -48.78 21.96
N ILE E 73 -80.00 -48.35 21.01
CA ILE E 73 -80.27 -49.13 19.81
C ILE E 73 -79.10 -48.93 18.82
N MET E 74 -78.47 -50.04 18.41
CA MET E 74 -77.37 -49.94 17.45
C MET E 74 -77.61 -50.77 16.17
N SER E 75 -78.81 -51.35 16.01
CA SER E 75 -79.17 -52.05 14.78
C SER E 75 -80.68 -52.21 14.63
N MET E 76 -81.14 -52.25 13.37
CA MET E 76 -82.53 -52.55 12.99
C MET E 76 -82.47 -53.42 11.73
N GLU E 77 -83.26 -54.49 11.68
CA GLU E 77 -83.31 -55.38 10.52
C GLU E 77 -84.68 -55.98 10.42
N GLY E 78 -85.06 -56.34 9.21
CA GLY E 78 -86.38 -56.92 8.98
C GLY E 78 -86.62 -57.30 7.56
N HIS E 79 -87.88 -57.55 7.24
CA HIS E 79 -88.29 -57.92 5.89
C HIS E 79 -89.45 -57.06 5.43
N VAL E 80 -89.43 -56.70 4.12
CA VAL E 80 -90.52 -56.01 3.43
C VAL E 80 -91.26 -57.15 2.73
N VAL E 81 -92.54 -57.32 3.04
CA VAL E 81 -93.32 -58.48 2.55
C VAL E 81 -94.62 -58.15 1.84
N ASP E 82 -95.16 -59.14 1.09
CA ASP E 82 -96.46 -59.03 0.48
C ASP E 82 -97.39 -59.79 1.44
N TYR E 83 -98.33 -59.07 2.05
CA TYR E 83 -99.28 -59.64 3.00
C TYR E 83 -100.69 -59.25 2.58
N THR E 84 -101.49 -60.23 2.11
CA THR E 84 -102.87 -60.02 1.64
C THR E 84 -102.96 -58.89 0.57
N GLY E 85 -101.94 -58.83 -0.30
CA GLY E 85 -101.86 -57.82 -1.36
C GLY E 85 -101.32 -56.46 -0.94
N LEU E 86 -100.78 -56.38 0.29
CA LEU E 86 -100.21 -55.13 0.83
C LEU E 86 -98.71 -55.28 1.02
N THR E 87 -97.92 -54.23 0.72
CA THR E 87 -96.46 -54.27 0.88
C THR E 87 -96.16 -53.63 2.21
N ILE E 88 -95.83 -54.44 3.23
CA ILE E 88 -95.67 -53.95 4.61
C ILE E 88 -94.46 -54.58 5.29
N ILE E 89 -94.21 -54.23 6.57
CA ILE E 89 -93.12 -54.79 7.33
C ILE E 89 -93.63 -56.10 7.96
N GLY E 90 -93.01 -57.21 7.57
CA GLY E 90 -93.37 -58.55 8.01
C GLY E 90 -92.56 -59.12 9.16
N LYS E 91 -91.33 -58.65 9.31
CA LYS E 91 -90.43 -59.07 10.38
C LYS E 91 -89.65 -57.86 10.80
N LEU E 92 -89.41 -57.73 12.09
CA LEU E 92 -88.63 -56.62 12.64
C LEU E 92 -87.83 -57.02 13.85
N THR E 93 -86.59 -56.51 13.93
CA THR E 93 -85.69 -56.71 15.07
C THR E 93 -85.02 -55.39 15.38
N LEU E 94 -84.85 -55.11 16.65
CA LEU E 94 -84.02 -54.01 17.12
C LEU E 94 -82.92 -54.65 17.95
N THR E 95 -81.65 -54.34 17.66
CA THR E 95 -80.54 -54.90 18.44
C THR E 95 -79.94 -53.76 19.26
N THR E 96 -79.65 -54.02 20.51
CA THR E 96 -79.00 -53.06 21.37
C THR E 96 -77.54 -53.49 21.56
N ASN E 97 -76.78 -52.74 22.35
CA ASN E 97 -75.39 -53.07 22.66
C ASN E 97 -75.31 -54.27 23.64
N ARG E 98 -76.47 -54.69 24.18
CA ARG E 98 -76.59 -55.77 25.16
C ARG E 98 -77.51 -56.92 24.79
N ARG E 99 -78.68 -56.62 24.20
CA ARG E 99 -79.70 -57.61 23.88
C ARG E 99 -80.23 -57.50 22.44
N THR E 100 -80.94 -58.56 21.98
CA THR E 100 -81.61 -58.60 20.67
C THR E 100 -83.13 -58.64 20.93
N PHE E 101 -83.85 -57.61 20.50
CA PHE E 101 -85.29 -57.51 20.66
C PHE E 101 -85.94 -57.96 19.34
N GLY E 102 -86.35 -59.22 19.30
CA GLY E 102 -86.91 -59.83 18.10
C GLY E 102 -86.12 -61.02 17.59
N PRO E 103 -86.34 -61.52 16.36
CA PRO E 103 -87.30 -61.03 15.36
C PRO E 103 -88.74 -61.27 15.76
N PHE E 104 -89.60 -60.30 15.43
CA PHE E 104 -91.04 -60.42 15.64
C PHE E 104 -91.62 -60.47 14.26
N GLY E 105 -92.72 -61.19 14.11
CA GLY E 105 -93.37 -61.40 12.82
C GLY E 105 -92.93 -62.72 12.20
N ALA E 106 -93.69 -63.20 11.21
CA ALA E 106 -93.45 -64.51 10.57
C ALA E 106 -93.23 -64.49 9.05
N TYR E 107 -93.60 -63.40 8.39
CA TYR E 107 -93.48 -63.30 6.94
C TYR E 107 -92.12 -62.84 6.49
N GLU E 108 -91.67 -63.35 5.34
CA GLU E 108 -90.40 -62.96 4.74
C GLU E 108 -90.59 -62.45 3.32
N GLY E 109 -89.61 -61.67 2.87
CA GLY E 109 -89.65 -61.07 1.54
C GLY E 109 -88.30 -60.49 1.20
N THR E 110 -88.26 -59.16 1.07
CA THR E 110 -87.01 -58.45 0.78
C THR E 110 -86.37 -57.97 2.08
N PRO E 111 -85.18 -58.49 2.46
CA PRO E 111 -84.59 -58.06 3.73
C PRO E 111 -83.97 -56.68 3.67
N PHE E 112 -83.90 -56.03 4.84
CA PHE E 112 -83.23 -54.75 5.04
C PHE E 112 -82.52 -54.83 6.35
N SER E 113 -81.40 -54.10 6.49
CA SER E 113 -80.65 -54.09 7.72
C SER E 113 -79.85 -52.82 7.81
N ILE E 114 -79.85 -52.21 9.00
CA ILE E 114 -79.07 -51.00 9.24
C ILE E 114 -78.20 -51.20 10.50
N PRO E 115 -77.08 -51.93 10.38
CA PRO E 115 -76.19 -52.07 11.54
C PRO E 115 -75.44 -50.76 11.76
N VAL E 116 -75.48 -50.23 12.97
CA VAL E 116 -74.80 -48.97 13.30
C VAL E 116 -73.45 -49.35 13.96
N ALA E 117 -72.35 -49.24 13.19
CA ALA E 117 -71.00 -49.54 13.69
C ALA E 117 -70.52 -48.49 14.68
N GLU E 118 -70.93 -47.23 14.49
CA GLU E 118 -70.61 -46.10 15.36
C GLU E 118 -71.79 -45.15 15.38
N GLY E 119 -72.34 -44.95 16.57
CA GLY E 119 -73.50 -44.10 16.75
C GLY E 119 -74.70 -44.88 17.27
N LYS E 120 -75.89 -44.28 17.19
CA LYS E 120 -77.11 -44.95 17.65
C LYS E 120 -78.32 -44.58 16.84
N ILE E 121 -79.35 -45.43 16.91
CA ILE E 121 -80.66 -45.13 16.35
C ILE E 121 -81.35 -44.30 17.45
N ALA E 122 -81.77 -43.08 17.13
CA ALA E 122 -82.35 -42.14 18.11
C ALA E 122 -83.80 -41.75 17.86
N GLY E 123 -84.44 -42.37 16.89
CA GLY E 123 -85.82 -42.06 16.55
C GLY E 123 -86.27 -42.84 15.34
N PHE E 124 -87.57 -42.74 15.04
CA PHE E 124 -88.18 -43.49 13.95
C PHE E 124 -89.12 -42.63 13.12
N PHE E 125 -89.39 -43.10 11.90
CA PHE E 125 -90.38 -42.51 11.01
C PHE E 125 -90.85 -43.66 10.12
N GLY E 126 -91.97 -43.49 9.44
CA GLY E 126 -92.44 -44.56 8.57
C GLY E 126 -93.81 -44.27 8.01
N ARG E 127 -94.55 -45.35 7.71
CA ARG E 127 -95.91 -45.32 7.20
C ARG E 127 -96.69 -46.36 8.01
N ALA E 128 -97.97 -46.07 8.29
CA ALA E 128 -98.83 -46.99 9.05
C ALA E 128 -100.29 -46.78 8.79
N GLY E 129 -101.04 -47.86 8.96
CA GLY E 129 -102.50 -47.92 8.89
C GLY E 129 -102.90 -48.86 10.01
N SER E 130 -103.41 -50.04 9.67
CA SER E 130 -103.69 -51.03 10.71
C SER E 130 -102.39 -51.84 10.95
N PHE E 131 -101.39 -51.67 10.05
CA PHE E 131 -100.09 -52.36 10.16
C PHE E 131 -98.98 -51.36 9.99
N ILE E 132 -97.72 -51.81 10.19
CA ILE E 132 -96.55 -50.96 9.90
C ILE E 132 -96.18 -51.17 8.42
N ASP E 133 -96.60 -50.25 7.55
CA ASP E 133 -96.35 -50.30 6.11
C ASP E 133 -94.89 -50.08 5.79
N ALA E 134 -94.24 -49.17 6.54
CA ALA E 134 -92.84 -48.79 6.27
C ALA E 134 -92.21 -48.21 7.54
N ILE E 135 -90.89 -48.29 7.64
CA ILE E 135 -90.13 -47.83 8.82
C ILE E 135 -88.79 -47.25 8.36
N GLY E 136 -88.27 -46.35 9.16
CA GLY E 136 -86.99 -45.69 8.93
C GLY E 136 -86.45 -45.23 10.25
N VAL E 137 -85.18 -44.81 10.30
CA VAL E 137 -84.54 -44.38 11.57
C VAL E 137 -83.84 -43.05 11.51
N TYR E 138 -83.75 -42.40 12.68
CA TYR E 138 -82.91 -41.21 12.86
C TYR E 138 -81.60 -41.74 13.45
N LEU E 139 -80.46 -41.11 13.11
CA LEU E 139 -79.16 -41.51 13.62
C LEU E 139 -78.50 -40.34 14.33
N MET E 140 -77.83 -40.62 15.45
CA MET E 140 -77.16 -39.60 16.26
C MET E 140 -75.87 -40.17 16.81
N PRO E 141 -74.82 -39.37 17.12
CA PRO E 141 -73.60 -39.99 17.65
C PRO E 141 -73.75 -40.55 19.05
N ASN E 142 -72.81 -41.44 19.46
CA ASN E 142 -72.69 -42.13 20.74
C ASN E 142 -73.80 -43.15 20.97
N GLY F 3 -67.40 -40.89 17.73
CA GLY F 3 -68.15 -39.68 17.41
C GLY F 3 -68.72 -39.61 15.99
N ALA F 4 -68.36 -40.56 15.13
CA ALA F 4 -68.84 -40.59 13.75
C ALA F 4 -70.17 -41.35 13.68
N ILE F 5 -70.85 -41.26 12.53
CA ILE F 5 -72.04 -42.06 12.27
C ILE F 5 -71.55 -43.01 11.19
N LYS F 6 -71.40 -44.29 11.53
CA LYS F 6 -70.96 -45.34 10.62
C LYS F 6 -72.02 -46.42 10.57
N VAL F 7 -72.50 -46.76 9.35
CA VAL F 7 -73.52 -47.78 9.15
C VAL F 7 -72.94 -48.85 8.25
N GLY F 8 -73.10 -50.08 8.70
CA GLY F 8 -72.53 -51.27 8.08
C GLY F 8 -71.65 -51.97 9.09
N THR F 9 -70.77 -52.89 8.68
CA THR F 9 -70.59 -53.30 7.28
C THR F 9 -71.66 -54.32 6.89
N TRP F 10 -71.76 -54.58 5.59
CA TRP F 10 -72.53 -55.64 4.95
C TRP F 10 -71.43 -56.40 4.18
N GLY F 11 -71.44 -57.72 4.26
CA GLY F 11 -70.45 -58.55 3.60
C GLY F 11 -69.80 -59.56 4.52
N GLY F 12 -68.73 -60.17 4.05
CA GLY F 12 -68.02 -61.20 4.79
C GLY F 12 -66.89 -60.74 5.68
N ASN F 13 -66.19 -61.72 6.26
CA ASN F 13 -65.10 -61.52 7.19
C ASN F 13 -63.70 -61.67 6.59
N GLY F 14 -63.62 -61.93 5.28
CA GLY F 14 -62.35 -62.05 4.58
C GLY F 14 -61.67 -60.71 4.31
N GLY F 15 -60.47 -60.77 3.73
CA GLY F 15 -59.66 -59.60 3.41
C GLY F 15 -59.14 -58.90 4.63
N SER F 16 -58.71 -57.63 4.45
CA SER F 16 -58.18 -56.75 5.50
C SER F 16 -59.09 -55.53 5.66
N GLU F 17 -59.18 -55.00 6.89
CA GLU F 17 -60.00 -53.82 7.17
C GLU F 17 -59.43 -52.57 6.50
N TRP F 18 -60.31 -51.74 5.99
CA TRP F 18 -59.93 -50.45 5.39
C TRP F 18 -60.93 -49.40 5.83
N ASP F 19 -60.49 -48.15 5.87
CA ASP F 19 -61.34 -47.08 6.37
C ASP F 19 -60.88 -45.77 5.79
N MET F 20 -61.75 -45.14 5.02
CA MET F 20 -61.48 -43.87 4.38
C MET F 20 -61.52 -42.70 5.37
N GLY F 21 -62.37 -42.84 6.38
CA GLY F 21 -62.70 -41.77 7.31
C GLY F 21 -63.78 -40.92 6.65
N PRO F 22 -64.49 -40.05 7.41
CA PRO F 22 -65.51 -39.19 6.79
C PRO F 22 -64.88 -38.02 6.04
N ALA F 23 -65.58 -37.50 5.01
CA ALA F 23 -65.09 -36.34 4.27
C ALA F 23 -66.26 -35.43 3.91
N TYR F 24 -66.05 -34.12 4.10
CA TYR F 24 -67.02 -33.07 3.79
C TYR F 24 -67.32 -33.00 2.30
N ARG F 25 -66.40 -33.47 1.46
CA ARG F 25 -66.63 -33.44 0.04
C ARG F 25 -66.07 -34.69 -0.63
N ILE F 26 -66.91 -35.43 -1.34
CA ILE F 26 -66.46 -36.58 -2.16
C ILE F 26 -66.47 -36.04 -3.60
N ASP F 27 -65.29 -36.07 -4.26
CA ASP F 27 -65.10 -35.51 -5.60
C ASP F 27 -65.45 -36.53 -6.68
N SER F 28 -65.07 -37.80 -6.48
CA SER F 28 -65.32 -38.83 -7.48
C SER F 28 -65.26 -40.23 -6.89
N VAL F 29 -65.91 -41.18 -7.56
CA VAL F 29 -65.90 -42.59 -7.16
C VAL F 29 -65.64 -43.40 -8.43
N LYS F 30 -64.76 -44.38 -8.33
CA LYS F 30 -64.43 -45.31 -9.42
C LYS F 30 -64.65 -46.73 -8.88
N ILE F 31 -65.54 -47.49 -9.53
CA ILE F 31 -65.80 -48.87 -9.14
C ILE F 31 -65.32 -49.81 -10.26
N ASN F 32 -64.56 -50.88 -9.91
CA ASN F 32 -64.12 -51.92 -10.85
C ASN F 32 -64.96 -53.14 -10.55
N ALA F 33 -65.61 -53.65 -11.58
CA ALA F 33 -66.52 -54.78 -11.40
C ALA F 33 -66.59 -55.67 -12.64
N GLY F 34 -66.84 -56.95 -12.41
CA GLY F 34 -67.11 -57.97 -13.42
C GLY F 34 -68.38 -58.66 -12.95
N ASP F 35 -68.27 -59.95 -12.54
CA ASP F 35 -69.42 -60.67 -11.94
C ASP F 35 -69.67 -60.10 -10.56
N ILE F 36 -68.60 -59.68 -9.85
CA ILE F 36 -68.69 -59.15 -8.47
C ILE F 36 -67.96 -57.80 -8.36
N ILE F 37 -67.91 -57.22 -7.17
CA ILE F 37 -67.22 -55.93 -6.99
C ILE F 37 -65.76 -56.18 -6.64
N ASP F 38 -64.86 -55.85 -7.58
CA ASP F 38 -63.43 -56.03 -7.37
C ASP F 38 -62.83 -54.90 -6.56
N ALA F 39 -63.22 -53.65 -6.85
CA ALA F 39 -62.58 -52.51 -6.17
C ALA F 39 -63.41 -51.26 -6.12
N ILE F 40 -63.11 -50.39 -5.13
CA ILE F 40 -63.75 -49.09 -5.03
C ILE F 40 -62.61 -48.09 -4.75
N GLU F 41 -62.64 -46.96 -5.45
CA GLU F 41 -61.62 -45.93 -5.36
C GLU F 41 -62.28 -44.57 -5.20
N ILE F 42 -61.97 -43.88 -4.09
CA ILE F 42 -62.63 -42.63 -3.80
C ILE F 42 -61.62 -41.49 -3.75
N THR F 43 -61.99 -40.35 -4.36
CA THR F 43 -61.26 -39.09 -4.34
C THR F 43 -62.14 -38.15 -3.51
N PHE F 44 -61.54 -37.53 -2.52
CA PHE F 44 -62.29 -36.69 -1.60
C PHE F 44 -61.39 -35.53 -1.18
N THR F 45 -62.00 -34.45 -0.65
CA THR F 45 -61.26 -33.26 -0.20
CA THR F 45 -61.27 -33.25 -0.22
C THR F 45 -61.69 -32.94 1.20
N ARG F 46 -60.70 -32.78 2.10
CA ARG F 46 -60.97 -32.46 3.50
C ARG F 46 -59.73 -31.81 4.12
N TYR F 47 -59.96 -30.87 5.03
CA TYR F 47 -58.93 -30.17 5.82
C TYR F 47 -57.82 -29.53 4.93
N GLY F 48 -58.22 -29.07 3.73
CA GLY F 48 -57.33 -28.37 2.79
C GLY F 48 -56.57 -29.21 1.79
N LEU F 49 -56.81 -30.56 1.76
CA LEU F 49 -56.12 -31.44 0.82
C LEU F 49 -57.08 -32.38 0.13
N THR F 50 -56.73 -32.74 -1.12
CA THR F 50 -57.44 -33.74 -1.93
C THR F 50 -56.68 -35.07 -1.79
N GLU F 51 -57.40 -36.20 -1.73
CA GLU F 51 -56.74 -37.49 -1.61
C GLU F 51 -57.53 -38.55 -2.38
N THR F 52 -56.82 -39.56 -2.92
CA THR F 52 -57.43 -40.70 -3.60
C THR F 52 -57.00 -41.95 -2.85
N GLN F 53 -57.99 -42.82 -2.56
CA GLN F 53 -57.72 -44.09 -1.89
CA GLN F 53 -57.73 -44.09 -1.89
C GLN F 53 -58.40 -45.22 -2.67
N HIS F 54 -57.66 -46.31 -2.95
CA HIS F 54 -58.14 -47.49 -3.69
C HIS F 54 -58.18 -48.63 -2.73
N TYR F 55 -59.30 -49.37 -2.73
CA TYR F 55 -59.54 -50.53 -1.89
C TYR F 55 -59.97 -51.67 -2.81
N GLY F 56 -59.44 -52.87 -2.54
CA GLY F 56 -59.72 -54.05 -3.36
C GLY F 56 -58.63 -54.33 -4.38
N GLY F 57 -58.90 -55.27 -5.28
CA GLY F 57 -57.92 -55.72 -6.26
C GLY F 57 -57.82 -54.98 -7.58
N THR F 58 -57.24 -55.68 -8.56
CA THR F 58 -56.97 -55.14 -9.90
C THR F 58 -57.92 -55.63 -10.98
N GLY F 59 -58.82 -56.55 -10.64
CA GLY F 59 -59.78 -57.12 -11.59
C GLY F 59 -60.94 -56.21 -11.94
N GLY F 60 -61.78 -56.69 -12.86
CA GLY F 60 -62.99 -56.03 -13.31
C GLY F 60 -62.83 -54.81 -14.20
N GLU F 61 -63.92 -54.37 -14.78
CA GLU F 61 -63.95 -53.22 -15.67
C GLU F 61 -64.24 -51.94 -14.88
N PRO F 62 -63.54 -50.82 -15.20
CA PRO F 62 -63.75 -49.58 -14.43
C PRO F 62 -64.99 -48.78 -14.83
N HIS F 63 -65.57 -48.10 -13.83
CA HIS F 63 -66.74 -47.23 -13.98
C HIS F 63 -66.46 -46.03 -13.11
N GLU F 64 -66.63 -44.82 -13.64
CA GLU F 64 -66.24 -43.62 -12.89
C GLU F 64 -67.28 -42.53 -12.95
N ILE F 65 -67.42 -41.77 -11.85
CA ILE F 65 -68.33 -40.63 -11.78
C ILE F 65 -67.60 -39.50 -11.08
N ALA F 66 -67.62 -38.29 -11.66
CA ALA F 66 -67.03 -37.10 -11.04
C ALA F 66 -68.21 -36.23 -10.65
N PHE F 67 -68.38 -35.98 -9.34
CA PHE F 67 -69.52 -35.22 -8.84
C PHE F 67 -69.45 -33.73 -9.16
N GLU F 68 -70.59 -33.17 -9.53
CA GLU F 68 -70.74 -31.74 -9.84
C GLU F 68 -70.75 -30.99 -8.51
N ASP F 69 -70.66 -29.65 -8.56
CA ASP F 69 -70.78 -28.85 -7.34
C ASP F 69 -72.25 -28.95 -6.92
N GLY F 70 -72.48 -29.20 -5.65
CA GLY F 70 -73.83 -29.37 -5.12
C GLY F 70 -74.35 -30.79 -5.24
N GLU F 71 -73.61 -31.68 -5.92
CA GLU F 71 -74.00 -33.08 -6.07
C GLU F 71 -73.36 -33.91 -4.93
N TYR F 72 -74.19 -34.71 -4.23
CA TYR F 72 -73.80 -35.54 -3.09
C TYR F 72 -74.49 -36.89 -3.13
N ILE F 73 -73.89 -37.89 -2.48
CA ILE F 73 -74.40 -39.27 -2.42
C ILE F 73 -75.58 -39.36 -1.45
N MET F 74 -76.74 -39.82 -1.97
CA MET F 74 -77.97 -39.93 -1.17
C MET F 74 -78.34 -41.37 -0.84
N SER F 75 -77.74 -42.37 -1.53
CA SER F 75 -78.06 -43.76 -1.26
CA SER F 75 -78.09 -43.77 -1.31
C SER F 75 -77.02 -44.73 -1.76
N MET F 76 -76.97 -45.91 -1.15
CA MET F 76 -76.10 -47.01 -1.50
C MET F 76 -76.99 -48.29 -1.45
N GLU F 77 -76.93 -49.11 -2.49
CA GLU F 77 -77.71 -50.36 -2.53
C GLU F 77 -76.80 -51.44 -3.09
N GLY F 78 -76.92 -52.64 -2.56
CA GLY F 78 -76.11 -53.73 -3.10
C GLY F 78 -76.53 -55.11 -2.64
N HIS F 79 -75.69 -56.10 -2.93
CA HIS F 79 -75.93 -57.50 -2.56
C HIS F 79 -74.71 -58.14 -1.92
N VAL F 80 -74.94 -58.93 -0.86
CA VAL F 80 -73.94 -59.77 -0.19
C VAL F 80 -74.12 -61.16 -0.80
N VAL F 81 -73.03 -61.71 -1.39
CA VAL F 81 -73.11 -62.99 -2.12
C VAL F 81 -72.04 -63.99 -1.71
N ASP F 82 -72.22 -65.26 -2.12
CA ASP F 82 -71.24 -66.31 -1.98
C ASP F 82 -70.62 -66.44 -3.38
N TYR F 83 -69.35 -66.07 -3.51
CA TYR F 83 -68.64 -66.14 -4.78
C TYR F 83 -67.42 -67.03 -4.59
N THR F 84 -67.46 -68.25 -5.18
CA THR F 84 -66.40 -69.28 -5.05
C THR F 84 -66.15 -69.62 -3.56
N GLY F 85 -67.19 -69.53 -2.75
CA GLY F 85 -67.09 -69.81 -1.32
C GLY F 85 -66.78 -68.60 -0.46
N LEU F 86 -66.53 -67.43 -1.08
CA LEU F 86 -66.21 -66.20 -0.33
C LEU F 86 -67.46 -65.33 -0.19
N THR F 87 -67.70 -64.77 1.00
CA THR F 87 -68.85 -63.89 1.26
C THR F 87 -68.39 -62.47 0.97
N ILE F 88 -68.80 -61.93 -0.19
CA ILE F 88 -68.33 -60.62 -0.64
C ILE F 88 -69.49 -59.79 -1.21
N ILE F 89 -69.17 -58.59 -1.71
CA ILE F 89 -70.13 -57.70 -2.35
C ILE F 89 -70.24 -58.11 -3.81
N GLY F 90 -71.42 -58.53 -4.21
CA GLY F 90 -71.64 -58.98 -5.58
C GLY F 90 -72.21 -57.97 -6.53
N LYS F 91 -72.84 -56.92 -5.99
CA LYS F 91 -73.48 -55.85 -6.79
C LYS F 91 -73.48 -54.59 -5.98
N LEU F 92 -73.31 -53.42 -6.65
CA LEU F 92 -73.31 -52.15 -5.92
C LEU F 92 -73.83 -51.00 -6.80
N THR F 93 -74.61 -50.10 -6.18
CA THR F 93 -75.15 -48.89 -6.82
C THR F 93 -75.02 -47.75 -5.82
N LEU F 94 -74.66 -46.56 -6.31
CA LEU F 94 -74.65 -45.32 -5.53
C LEU F 94 -75.58 -44.34 -6.27
N THR F 95 -76.45 -43.63 -5.55
CA THR F 95 -77.35 -42.66 -6.17
C THR F 95 -77.06 -41.29 -5.57
N THR F 96 -77.01 -40.25 -6.39
CA THR F 96 -76.79 -38.91 -5.87
C THR F 96 -78.12 -38.19 -5.99
N ASN F 97 -78.16 -36.89 -5.64
CA ASN F 97 -79.35 -36.04 -5.78
C ASN F 97 -79.71 -35.77 -7.26
N ARG F 98 -78.80 -36.14 -8.19
CA ARG F 98 -78.98 -35.90 -9.62
C ARG F 98 -78.87 -37.11 -10.54
N ARG F 99 -78.06 -38.13 -10.17
CA ARG F 99 -77.80 -39.29 -11.04
C ARG F 99 -77.75 -40.63 -10.29
N THR F 100 -77.80 -41.72 -11.06
CA THR F 100 -77.63 -43.08 -10.56
C THR F 100 -76.28 -43.55 -11.09
N PHE F 101 -75.45 -44.16 -10.22
CA PHE F 101 -74.13 -44.71 -10.55
C PHE F 101 -74.20 -46.21 -10.27
N GLY F 102 -74.48 -46.95 -11.34
CA GLY F 102 -74.63 -48.39 -11.23
C GLY F 102 -76.00 -48.82 -11.70
N PRO F 103 -76.39 -50.07 -11.44
CA PRO F 103 -75.65 -51.12 -10.73
C PRO F 103 -74.45 -51.66 -11.48
N PHE F 104 -73.42 -52.06 -10.70
CA PHE F 104 -72.21 -52.70 -11.22
C PHE F 104 -72.11 -54.04 -10.53
N GLY F 105 -71.55 -55.02 -11.21
CA GLY F 105 -71.50 -56.38 -10.68
C GLY F 105 -72.71 -57.14 -11.21
N ALA F 106 -72.70 -58.47 -11.10
CA ALA F 106 -73.79 -59.26 -11.70
C ALA F 106 -74.29 -60.34 -10.76
N TYR F 107 -73.97 -60.24 -9.47
CA TYR F 107 -74.30 -61.23 -8.46
C TYR F 107 -75.27 -60.72 -7.42
N GLU F 108 -76.35 -61.48 -7.22
CA GLU F 108 -77.39 -61.19 -6.24
C GLU F 108 -77.46 -62.24 -5.15
N GLY F 109 -77.83 -61.83 -3.95
CA GLY F 109 -77.92 -62.69 -2.78
C GLY F 109 -78.78 -62.05 -1.71
N THR F 110 -78.14 -61.51 -0.67
CA THR F 110 -78.87 -60.83 0.40
C THR F 110 -78.72 -59.33 0.16
N PRO F 111 -79.82 -58.65 -0.22
CA PRO F 111 -79.70 -57.21 -0.50
C PRO F 111 -79.52 -56.36 0.75
N PHE F 112 -78.85 -55.21 0.56
CA PHE F 112 -78.74 -54.15 1.58
C PHE F 112 -79.03 -52.84 0.87
N SER F 113 -79.63 -51.89 1.59
CA SER F 113 -79.97 -50.58 1.00
C SER F 113 -79.96 -49.55 2.09
N ILE F 114 -79.32 -48.40 1.79
CA ILE F 114 -79.22 -47.27 2.73
C ILE F 114 -79.81 -46.04 2.00
N PRO F 115 -81.13 -45.83 2.04
CA PRO F 115 -81.72 -44.63 1.40
C PRO F 115 -81.64 -43.47 2.41
N VAL F 116 -80.78 -42.48 2.15
CA VAL F 116 -80.62 -41.34 3.07
C VAL F 116 -81.71 -40.30 2.74
N ALA F 117 -82.76 -40.27 3.57
CA ALA F 117 -83.85 -39.33 3.41
C ALA F 117 -83.42 -37.93 3.83
N GLU F 118 -82.48 -37.83 4.79
CA GLU F 118 -81.95 -36.56 5.26
C GLU F 118 -80.50 -36.75 5.65
N GLY F 119 -79.62 -35.93 5.08
CA GLY F 119 -78.18 -36.04 5.28
C GLY F 119 -77.50 -36.57 4.02
N LYS F 120 -76.24 -37.05 4.12
CA LYS F 120 -75.52 -37.59 2.94
C LYS F 120 -74.54 -38.68 3.33
N ILE F 121 -74.14 -39.52 2.35
CA ILE F 121 -73.07 -40.51 2.53
C ILE F 121 -71.78 -39.67 2.38
N ALA F 122 -70.87 -39.82 3.32
CA ALA F 122 -69.68 -38.97 3.39
C ALA F 122 -68.41 -39.77 3.51
N GLY F 123 -68.43 -41.02 3.09
CA GLY F 123 -67.23 -41.84 3.20
C GLY F 123 -67.57 -43.29 3.30
N PHE F 124 -66.54 -44.14 3.23
CA PHE F 124 -66.69 -45.59 3.18
C PHE F 124 -65.68 -46.27 4.06
N PHE F 125 -66.00 -47.47 4.47
CA PHE F 125 -65.13 -48.37 5.24
C PHE F 125 -65.56 -49.77 4.85
N GLY F 126 -64.77 -50.78 5.23
CA GLY F 126 -65.12 -52.15 4.91
C GLY F 126 -63.95 -53.11 5.01
N ARG F 127 -63.99 -54.19 4.23
CA ARG F 127 -62.93 -55.20 4.15
C ARG F 127 -62.61 -55.48 2.70
N ALA F 128 -61.34 -55.69 2.39
CA ALA F 128 -60.95 -55.98 1.01
C ALA F 128 -59.69 -56.83 0.92
N GLY F 129 -59.63 -57.67 -0.11
CA GLY F 129 -58.46 -58.47 -0.48
C GLY F 129 -58.30 -58.30 -1.98
N SER F 130 -58.57 -59.36 -2.76
CA SER F 130 -58.59 -59.25 -4.21
C SER F 130 -59.94 -58.59 -4.62
N PHE F 131 -60.96 -58.69 -3.74
CA PHE F 131 -62.30 -58.12 -4.02
C PHE F 131 -62.78 -57.25 -2.84
N ILE F 132 -63.99 -56.68 -2.95
CA ILE F 132 -64.59 -55.95 -1.85
C ILE F 132 -65.38 -56.97 -1.05
N ASP F 133 -64.81 -57.41 0.10
CA ASP F 133 -65.41 -58.41 0.98
C ASP F 133 -66.58 -57.83 1.77
N ALA F 134 -66.43 -56.57 2.21
CA ALA F 134 -67.44 -55.89 3.01
C ALA F 134 -67.40 -54.40 2.78
N ILE F 135 -68.54 -53.74 2.96
CA ILE F 135 -68.63 -52.29 2.77
C ILE F 135 -69.60 -51.66 3.79
N GLY F 136 -69.29 -50.41 4.14
CA GLY F 136 -70.07 -49.58 5.05
C GLY F 136 -69.92 -48.12 4.66
N VAL F 137 -70.80 -47.23 5.19
CA VAL F 137 -70.72 -45.80 4.88
C VAL F 137 -70.73 -44.92 6.11
N TYR F 138 -70.07 -43.75 6.00
CA TYR F 138 -70.13 -42.69 7.00
C TYR F 138 -71.32 -41.84 6.57
N LEU F 139 -72.09 -41.32 7.52
CA LEU F 139 -73.22 -40.43 7.25
C LEU F 139 -72.94 -39.10 7.95
N MET F 140 -73.33 -38.02 7.30
CA MET F 140 -73.15 -36.67 7.83
C MET F 140 -74.40 -35.86 7.55
N PRO F 141 -74.72 -34.80 8.33
CA PRO F 141 -75.86 -33.94 7.95
C PRO F 141 -75.56 -33.18 6.64
N ASN F 142 -76.63 -32.70 5.97
CA ASN F 142 -76.69 -31.92 4.72
C ASN F 142 -76.35 -32.75 3.47
N GLY G 3 33.30 13.01 -0.56
CA GLY G 3 32.06 13.67 -0.96
C GLY G 3 32.18 14.69 -2.08
N ALA G 4 33.42 15.02 -2.49
CA ALA G 4 33.64 15.98 -3.58
C ALA G 4 33.44 15.31 -4.96
N ILE G 5 33.42 16.15 -6.03
CA ILE G 5 33.40 15.66 -7.42
C ILE G 5 34.66 16.27 -8.07
N LYS G 6 35.64 15.42 -8.39
CA LYS G 6 36.94 15.77 -8.98
C LYS G 6 37.09 15.06 -10.29
N VAL G 7 37.34 15.83 -11.37
CA VAL G 7 37.53 15.26 -12.71
CA VAL G 7 37.52 15.29 -12.73
C VAL G 7 38.89 15.72 -13.25
N GLY G 8 39.70 14.76 -13.67
CA GLY G 8 41.03 15.01 -14.18
C GLY G 8 42.04 14.02 -13.63
N THR G 9 43.32 14.17 -13.94
CA THR G 9 43.84 15.31 -14.73
C THR G 9 43.94 15.02 -16.23
N TRP G 10 44.20 16.10 -17.00
CA TRP G 10 44.58 16.09 -18.42
C TRP G 10 45.97 16.72 -18.39
N GLY G 11 46.90 16.16 -19.16
CA GLY G 11 48.29 16.63 -19.22
C GLY G 11 49.26 15.49 -19.06
N GLY G 12 50.48 15.82 -18.66
CA GLY G 12 51.57 14.87 -18.47
C GLY G 12 51.73 14.36 -17.05
N ASN G 13 52.81 13.60 -16.84
CA ASN G 13 53.14 12.96 -15.55
C ASN G 13 54.26 13.67 -14.80
N GLY G 14 54.77 14.75 -15.38
CA GLY G 14 55.85 15.53 -14.76
C GLY G 14 55.37 16.46 -13.67
N GLY G 15 56.32 17.19 -13.10
CA GLY G 15 56.07 18.13 -12.03
C GLY G 15 55.58 17.46 -10.75
N SER G 16 55.06 18.28 -9.84
CA SER G 16 54.56 17.82 -8.54
C SER G 16 53.06 18.05 -8.44
N GLU G 17 52.35 17.15 -7.74
CA GLU G 17 50.90 17.26 -7.54
C GLU G 17 50.57 18.50 -6.73
N TRP G 18 49.50 19.22 -7.12
CA TRP G 18 48.98 20.36 -6.37
C TRP G 18 47.48 20.22 -6.32
N ASP G 19 46.87 20.80 -5.29
CA ASP G 19 45.43 20.66 -5.10
C ASP G 19 44.93 21.84 -4.26
N MET G 20 44.12 22.68 -4.90
CA MET G 20 43.50 23.87 -4.32
C MET G 20 42.32 23.46 -3.43
N GLY G 21 41.66 22.36 -3.81
CA GLY G 21 40.45 21.92 -3.13
C GLY G 21 39.25 22.69 -3.66
N PRO G 22 38.01 22.29 -3.32
CA PRO G 22 36.84 23.07 -3.78
C PRO G 22 36.70 24.36 -2.97
N ALA G 23 36.23 25.42 -3.60
CA ALA G 23 36.11 26.68 -2.89
C ALA G 23 34.66 27.11 -2.82
N TYR G 24 34.30 27.88 -1.78
CA TYR G 24 32.95 28.42 -1.67
C TYR G 24 32.75 29.47 -2.80
N ARG G 25 33.81 30.26 -3.06
CA ARG G 25 33.81 31.26 -4.12
C ARG G 25 35.22 31.44 -4.66
N ILE G 26 35.32 31.53 -5.98
CA ILE G 26 36.55 31.83 -6.69
C ILE G 26 36.46 33.33 -7.01
N ASP G 27 37.33 34.13 -6.40
CA ASP G 27 37.34 35.59 -6.58
C ASP G 27 37.99 35.98 -7.91
N SER G 28 39.12 35.34 -8.23
CA SER G 28 39.85 35.67 -9.45
C SER G 28 40.81 34.57 -9.86
N VAL G 29 41.16 34.57 -11.15
CA VAL G 29 42.12 33.65 -11.72
C VAL G 29 43.11 34.48 -12.56
N LYS G 30 44.39 34.17 -12.44
CA LYS G 30 45.46 34.78 -13.22
C LYS G 30 46.25 33.66 -13.89
N ILE G 31 46.31 33.68 -15.20
CA ILE G 31 47.08 32.68 -15.93
C ILE G 31 48.30 33.34 -16.55
N ASN G 32 49.50 32.72 -16.38
CA ASN G 32 50.69 33.21 -17.07
C ASN G 32 50.98 32.29 -18.23
N ALA G 33 51.21 32.88 -19.42
CA ALA G 33 51.43 32.08 -20.63
C ALA G 33 52.30 32.77 -21.65
N GLY G 34 52.96 31.97 -22.47
CA GLY G 34 53.79 32.40 -23.59
C GLY G 34 53.54 31.41 -24.69
N ASP G 35 54.54 30.57 -24.98
CA ASP G 35 54.34 29.47 -25.93
C ASP G 35 53.41 28.45 -25.27
N ILE G 36 53.48 28.31 -23.93
CA ILE G 36 52.69 27.32 -23.19
C ILE G 36 52.11 27.93 -21.91
N ILE G 37 51.49 27.10 -21.04
CA ILE G 37 50.94 27.59 -19.78
C ILE G 37 51.98 27.46 -18.67
N ASP G 38 52.53 28.61 -18.27
CA ASP G 38 53.54 28.67 -17.22
C ASP G 38 52.95 28.52 -15.83
N ALA G 39 51.86 29.23 -15.55
CA ALA G 39 51.26 29.28 -14.23
C ALA G 39 49.78 29.59 -14.17
N ILE G 40 49.14 29.18 -13.05
CA ILE G 40 47.76 29.48 -12.75
C ILE G 40 47.70 29.92 -11.28
N GLU G 41 47.05 31.06 -11.04
CA GLU G 41 46.98 31.60 -9.70
C GLU G 41 45.53 31.88 -9.41
N ILE G 42 45.02 31.36 -8.27
CA ILE G 42 43.64 31.47 -7.89
C ILE G 42 43.50 32.12 -6.52
N THR G 43 42.64 33.13 -6.44
CA THR G 43 42.28 33.81 -5.19
C THR G 43 40.88 33.29 -4.89
N PHE G 44 40.70 32.63 -3.75
CA PHE G 44 39.44 31.98 -3.43
C PHE G 44 39.08 32.12 -1.96
N THR G 45 37.84 31.84 -1.63
CA THR G 45 37.31 31.92 -0.27
C THR G 45 36.71 30.59 0.16
N ARG G 46 37.13 30.12 1.33
CA ARG G 46 36.71 28.88 1.98
C ARG G 46 36.67 29.16 3.48
N TYR G 47 35.60 28.77 4.16
CA TYR G 47 35.42 28.88 5.62
C TYR G 47 35.79 30.26 6.19
N GLY G 48 35.30 31.33 5.54
CA GLY G 48 35.58 32.71 5.93
C GLY G 48 37.04 33.13 5.81
N LEU G 49 37.81 32.41 5.00
CA LEU G 49 39.22 32.71 4.81
C LEU G 49 39.55 32.84 3.34
N THR G 50 40.09 34.00 2.92
CA THR G 50 40.48 34.28 1.54
C THR G 50 41.96 34.11 1.40
N GLU G 51 42.39 33.36 0.39
CA GLU G 51 43.81 33.18 0.16
C GLU G 51 44.10 33.10 -1.34
N THR G 52 45.36 33.30 -1.69
CA THR G 52 45.86 33.23 -3.06
C THR G 52 46.84 32.09 -3.14
N GLN G 53 46.66 31.20 -4.13
CA GLN G 53 47.60 30.11 -4.33
C GLN G 53 48.12 30.16 -5.75
N HIS G 54 49.44 30.13 -5.91
CA HIS G 54 50.10 30.17 -7.22
C HIS G 54 50.66 28.79 -7.52
N TYR G 55 50.37 28.27 -8.73
CA TYR G 55 50.87 26.97 -9.18
C TYR G 55 51.62 27.17 -10.49
N GLY G 56 52.80 26.57 -10.61
CA GLY G 56 53.65 26.70 -11.79
C GLY G 56 54.80 27.67 -11.57
N GLY G 57 55.49 28.01 -12.66
CA GLY G 57 56.68 28.86 -12.59
C GLY G 57 56.51 30.35 -12.67
N THR G 58 57.63 31.04 -12.99
CA THR G 58 57.69 32.50 -13.04
C THR G 58 57.61 33.11 -14.45
N GLY G 59 57.64 32.27 -15.48
CA GLY G 59 57.60 32.74 -16.86
C GLY G 59 56.24 33.17 -17.38
N GLY G 60 56.22 33.56 -18.66
CA GLY G 60 55.01 33.98 -19.37
C GLY G 60 54.42 35.32 -18.99
N GLU G 61 53.46 35.79 -19.81
CA GLU G 61 52.76 37.05 -19.59
C GLU G 61 51.46 36.81 -18.82
N PRO G 62 51.11 37.66 -17.84
CA PRO G 62 49.89 37.42 -17.06
C PRO G 62 48.62 37.94 -17.71
N HIS G 63 47.50 37.27 -17.41
CA HIS G 63 46.15 37.63 -17.84
C HIS G 63 45.29 37.29 -16.67
N GLU G 64 44.32 38.14 -16.36
CA GLU G 64 43.48 37.93 -15.18
C GLU G 64 42.00 38.14 -15.44
N ILE G 65 41.16 37.43 -14.68
CA ILE G 65 39.70 37.58 -14.67
C ILE G 65 39.28 37.78 -13.21
N ALA G 66 38.50 38.84 -12.94
CA ALA G 66 37.96 39.10 -11.59
C ALA G 66 36.48 38.77 -11.75
N PHE G 67 36.02 37.71 -11.06
CA PHE G 67 34.66 37.22 -11.21
C PHE G 67 33.60 38.19 -10.70
N GLU G 68 32.59 38.44 -11.54
CA GLU G 68 31.46 39.32 -11.19
C GLU G 68 30.52 38.55 -10.29
N ASP G 69 29.62 39.27 -9.58
CA ASP G 69 28.62 38.62 -8.74
C ASP G 69 27.68 37.82 -9.64
N GLY G 70 27.51 36.54 -9.33
CA GLY G 70 26.69 35.65 -10.14
C GLY G 70 27.43 35.03 -11.32
N GLU G 71 28.74 35.30 -11.46
CA GLU G 71 29.55 34.74 -12.54
C GLU G 71 30.29 33.49 -12.04
N TYR G 72 30.24 32.40 -12.82
CA TYR G 72 30.82 31.10 -12.47
C TYR G 72 31.44 30.48 -13.71
N ILE G 73 32.39 29.57 -13.53
CA ILE G 73 33.07 28.91 -14.62
C ILE G 73 32.21 27.73 -15.07
N MET G 74 31.93 27.65 -16.38
CA MET G 74 31.11 26.56 -16.88
C MET G 74 31.82 25.72 -17.95
N SER G 75 33.11 25.99 -18.22
CA SER G 75 33.90 25.18 -19.12
C SER G 75 35.39 25.42 -18.96
N MET G 76 36.17 24.38 -19.23
CA MET G 76 37.64 24.49 -19.30
C MET G 76 38.03 23.68 -20.52
N GLU G 77 38.89 24.24 -21.38
CA GLU G 77 39.33 23.54 -22.61
C GLU G 77 40.80 23.91 -22.84
N GLY G 78 41.52 23.01 -23.47
CA GLY G 78 42.92 23.29 -23.79
C GLY G 78 43.58 22.24 -24.63
N HIS G 79 44.91 22.29 -24.66
CA HIS G 79 45.72 21.34 -25.41
C HIS G 79 46.81 20.75 -24.54
N VAL G 80 47.00 19.44 -24.66
CA VAL G 80 48.11 18.73 -24.03
C VAL G 80 49.15 18.70 -25.15
N VAL G 81 50.36 19.21 -24.87
CA VAL G 81 51.37 19.37 -25.91
C VAL G 81 52.74 18.78 -25.57
N ASP G 82 53.60 18.67 -26.61
CA ASP G 82 54.99 18.29 -26.44
C ASP G 82 55.77 19.61 -26.51
N TYR G 83 56.38 20.02 -25.39
CA TYR G 83 57.13 21.27 -25.28
C TYR G 83 58.51 20.96 -24.77
N THR G 84 59.51 21.00 -25.67
CA THR G 84 60.93 20.73 -25.37
C THR G 84 61.10 19.32 -24.74
N GLY G 85 60.28 18.38 -25.19
CA GLY G 85 60.32 17.00 -24.70
C GLY G 85 59.46 16.72 -23.49
N LEU G 86 58.73 17.74 -22.98
CA LEU G 86 57.83 17.62 -21.82
C LEU G 86 56.38 17.56 -22.27
N THR G 87 55.54 16.76 -21.56
CA THR G 87 54.11 16.64 -21.86
C THR G 87 53.39 17.57 -20.89
N ILE G 88 52.97 18.77 -21.35
CA ILE G 88 52.41 19.78 -20.44
C ILE G 88 51.15 20.45 -21.04
N ILE G 89 50.57 21.42 -20.34
CA ILE G 89 49.41 22.17 -20.88
C ILE G 89 49.95 23.31 -21.73
N GLY G 90 49.63 23.29 -23.02
CA GLY G 90 50.11 24.28 -23.99
C GLY G 90 49.14 25.40 -24.29
N LYS G 91 47.82 25.13 -24.11
CA LYS G 91 46.77 26.11 -24.34
C LYS G 91 45.71 25.90 -23.30
N LEU G 92 45.14 26.98 -22.81
CA LEU G 92 44.09 26.90 -21.80
C LEU G 92 43.07 28.03 -21.93
N THR G 93 41.79 27.69 -21.75
CA THR G 93 40.66 28.62 -21.78
C THR G 93 39.73 28.28 -20.64
N LEU G 94 39.22 29.31 -19.94
CA LEU G 94 38.14 29.10 -18.96
C LEU G 94 36.97 29.92 -19.50
N THR G 95 35.78 29.34 -19.58
CA THR G 95 34.60 30.03 -20.07
C THR G 95 33.63 30.17 -18.91
N THR G 96 33.07 31.36 -18.74
CA THR G 96 32.07 31.61 -17.70
C THR G 96 30.69 31.71 -18.36
N ASN G 97 29.64 31.97 -17.57
CA ASN G 97 28.29 32.18 -18.10
C ASN G 97 28.17 33.56 -18.82
N ARG G 98 29.21 34.40 -18.71
CA ARG G 98 29.21 35.75 -19.30
C ARG G 98 30.35 36.05 -20.25
N ARG G 99 31.56 35.49 -20.01
CA ARG G 99 32.74 35.79 -20.83
C ARG G 99 33.63 34.58 -21.07
N THR G 100 34.54 34.70 -22.06
CA THR G 100 35.56 33.68 -22.36
C THR G 100 36.92 34.24 -21.94
N PHE G 101 37.64 33.51 -21.08
CA PHE G 101 38.95 33.93 -20.58
C PHE G 101 39.98 33.08 -21.30
N GLY G 102 40.59 33.66 -22.31
CA GLY G 102 41.55 32.95 -23.14
C GLY G 102 41.07 32.83 -24.57
N PRO G 103 41.65 31.92 -25.39
CA PRO G 103 42.73 30.97 -25.07
C PRO G 103 44.07 31.65 -24.83
N PHE G 104 44.87 31.06 -23.93
CA PHE G 104 46.23 31.51 -23.65
C PHE G 104 47.15 30.36 -24.04
N GLY G 105 48.35 30.70 -24.47
CA GLY G 105 49.35 29.77 -24.96
C GLY G 105 49.28 29.68 -26.47
N ALA G 106 50.36 29.18 -27.08
CA ALA G 106 50.50 29.08 -28.54
C ALA G 106 50.59 27.66 -29.09
N TYR G 107 51.08 26.70 -28.30
CA TYR G 107 51.25 25.31 -28.74
C TYR G 107 49.96 24.53 -28.81
N GLU G 108 49.84 23.68 -29.83
CA GLU G 108 48.70 22.77 -29.98
C GLU G 108 49.18 21.33 -29.91
N GLY G 109 48.26 20.42 -29.62
CA GLY G 109 48.56 19.00 -29.49
C GLY G 109 47.30 18.19 -29.45
N THR G 110 47.03 17.57 -28.29
CA THR G 110 45.80 16.79 -28.12
C THR G 110 44.81 17.66 -27.37
N PRO G 111 43.68 18.04 -28.00
CA PRO G 111 42.70 18.85 -27.27
C PRO G 111 41.94 18.07 -26.20
N PHE G 112 41.61 18.75 -25.09
CA PHE G 112 40.76 18.24 -24.02
C PHE G 112 39.72 19.32 -23.71
N SER G 113 38.55 18.91 -23.24
CA SER G 113 37.53 19.87 -22.86
C SER G 113 36.65 19.25 -21.82
N ILE G 114 36.25 20.09 -20.85
CA ILE G 114 35.33 19.71 -19.79
C ILE G 114 34.15 20.73 -19.80
N PRO G 115 33.20 20.58 -20.76
CA PRO G 115 32.06 21.51 -20.79
C PRO G 115 31.04 21.13 -19.71
N VAL G 116 30.70 22.07 -18.83
CA VAL G 116 29.75 21.80 -17.74
C VAL G 116 28.39 22.31 -18.22
N ALA G 117 27.55 21.38 -18.70
CA ALA G 117 26.20 21.69 -19.21
C ALA G 117 25.30 22.16 -18.06
N GLU G 118 25.53 21.63 -16.84
CA GLU G 118 24.80 21.98 -15.62
C GLU G 118 25.74 21.86 -14.45
N GLY G 119 25.83 22.92 -13.64
CA GLY G 119 26.73 23.01 -12.50
C GLY G 119 27.86 23.99 -12.77
N LYS G 120 28.93 23.93 -11.97
CA LYS G 120 30.07 24.86 -12.13
C LYS G 120 31.39 24.28 -11.72
N ILE G 121 32.50 24.80 -12.28
CA ILE G 121 33.84 24.43 -11.85
C ILE G 121 34.10 25.27 -10.56
N ALA G 122 34.40 24.60 -9.44
CA ALA G 122 34.56 25.26 -8.15
C ALA G 122 35.95 25.16 -7.53
N GLY G 123 36.90 24.68 -8.29
CA GLY G 123 38.25 24.55 -7.82
C GLY G 123 39.10 23.80 -8.81
N PHE G 124 40.40 23.73 -8.55
CA PHE G 124 41.37 23.08 -9.46
C PHE G 124 42.34 22.19 -8.72
N PHE G 125 42.97 21.27 -9.45
CA PHE G 125 44.07 20.44 -8.96
C PHE G 125 44.91 20.13 -10.19
N GLY G 126 46.10 19.58 -10.03
CA GLY G 126 46.89 19.28 -11.21
C GLY G 126 48.31 18.96 -10.85
N ARG G 127 49.24 19.16 -11.79
CA ARG G 127 50.68 18.93 -11.60
C ARG G 127 51.43 20.15 -12.10
N ALA G 128 52.55 20.50 -11.47
CA ALA G 128 53.32 21.68 -11.89
C ALA G 128 54.76 21.62 -11.47
N GLY G 129 55.60 22.29 -12.24
CA GLY G 129 57.01 22.53 -11.93
C GLY G 129 57.27 23.96 -12.32
N SER G 130 58.06 24.20 -13.35
CA SER G 130 58.20 25.57 -13.86
C SER G 130 57.00 25.88 -14.79
N PHE G 131 56.26 24.83 -15.20
CA PHE G 131 55.08 24.97 -16.06
C PHE G 131 53.90 24.24 -15.48
N ILE G 132 52.72 24.39 -16.11
CA ILE G 132 51.55 23.59 -15.67
C ILE G 132 51.60 22.25 -16.44
N ASP G 133 52.06 21.17 -15.78
CA ASP G 133 52.15 19.84 -16.40
C ASP G 133 50.78 19.20 -16.63
N ALA G 134 49.85 19.41 -15.70
CA ALA G 134 48.53 18.78 -15.74
C ALA G 134 47.53 19.61 -14.94
N ILE G 135 46.24 19.44 -15.27
CA ILE G 135 45.16 20.19 -14.62
C ILE G 135 43.89 19.36 -14.55
N GLY G 136 43.08 19.62 -13.54
CA GLY G 136 41.79 18.98 -13.29
C GLY G 136 40.89 19.97 -12.56
N VAL G 137 39.60 19.64 -12.41
CA VAL G 137 38.63 20.53 -11.76
C VAL G 137 37.81 19.85 -10.70
N TYR G 138 37.29 20.65 -9.74
CA TYR G 138 36.28 20.22 -8.79
C TYR G 138 34.97 20.75 -9.36
N LEU G 139 33.88 19.97 -9.21
CA LEU G 139 32.56 20.37 -9.70
C LEU G 139 31.56 20.49 -8.56
N MET G 140 30.60 21.41 -8.71
CA MET G 140 29.52 21.63 -7.74
C MET G 140 28.25 22.05 -8.48
N PRO G 141 27.03 21.78 -7.96
CA PRO G 141 25.83 22.25 -8.66
C PRO G 141 25.69 23.78 -8.58
N ASN G 142 24.85 24.34 -9.49
CA ASN G 142 24.46 25.74 -9.73
C ASN G 142 25.48 26.51 -10.61
N GLY H 3 20.06 21.74 -10.46
CA GLY H 3 20.84 21.25 -9.32
C GLY H 3 21.66 20.01 -9.59
N ALA H 4 21.79 19.59 -10.87
CA ALA H 4 22.58 18.40 -11.23
C ALA H 4 23.97 18.85 -11.69
N ILE H 5 24.88 17.85 -11.88
CA ILE H 5 26.20 18.11 -12.42
C ILE H 5 26.26 17.31 -13.72
N LYS H 6 26.20 18.01 -14.86
CA LYS H 6 26.21 17.39 -16.18
C LYS H 6 27.43 17.89 -16.93
N VAL H 7 28.26 16.94 -17.41
CA VAL H 7 29.47 17.30 -18.15
C VAL H 7 29.38 16.69 -19.56
N GLY H 8 29.75 17.49 -20.54
CA GLY H 8 29.66 17.11 -21.95
C GLY H 8 28.75 18.07 -22.68
N THR H 9 28.41 17.78 -23.94
CA THR H 9 28.79 16.58 -24.67
C THR H 9 30.13 16.66 -25.38
N TRP H 10 30.59 15.50 -25.86
CA TRP H 10 31.72 15.26 -26.75
C TRP H 10 31.06 14.54 -27.92
N GLY H 11 31.32 15.00 -29.13
CA GLY H 11 30.73 14.42 -30.34
C GLY H 11 30.17 15.49 -31.26
N GLY H 12 29.46 15.06 -32.30
CA GLY H 12 28.88 15.96 -33.29
C GLY H 12 27.53 16.54 -32.93
N ASN H 13 26.99 17.37 -33.84
CA ASN H 13 25.71 18.07 -33.66
C ASN H 13 24.51 17.38 -34.34
N GLY H 14 24.76 16.26 -35.02
CA GLY H 14 23.72 15.47 -35.67
C GLY H 14 22.88 14.68 -34.69
N GLY H 15 21.88 13.99 -35.21
CA GLY H 15 20.94 13.17 -34.44
C GLY H 15 19.98 13.99 -33.59
N SER H 16 19.23 13.32 -32.71
CA SER H 16 18.29 13.97 -31.79
C SER H 16 18.81 13.87 -30.36
N GLU H 17 18.52 14.91 -29.56
CA GLU H 17 18.91 14.96 -28.14
C GLU H 17 18.20 13.89 -27.33
N TRP H 18 18.95 13.22 -26.45
CA TRP H 18 18.43 12.23 -25.50
C TRP H 18 19.00 12.51 -24.11
N ASP H 19 18.28 12.11 -23.06
CA ASP H 19 18.68 12.39 -21.69
C ASP H 19 18.07 11.39 -20.72
N MET H 20 18.93 10.59 -20.13
CA MET H 20 18.56 9.55 -19.18
C MET H 20 18.18 10.15 -17.84
N GLY H 21 18.85 11.25 -17.47
CA GLY H 21 18.73 11.84 -16.15
C GLY H 21 19.64 11.08 -15.20
N PRO H 22 19.87 11.56 -13.95
CA PRO H 22 20.76 10.80 -13.05
C PRO H 22 20.03 9.60 -12.41
N ALA H 23 20.76 8.54 -12.06
CA ALA H 23 20.07 7.40 -11.45
C ALA H 23 20.64 7.03 -10.08
N TYR H 24 19.76 6.46 -9.22
CA TYR H 24 20.08 5.99 -7.86
C TYR H 24 21.09 4.83 -7.99
N ARG H 25 20.83 3.92 -8.93
CA ARG H 25 21.71 2.79 -9.18
C ARG H 25 21.66 2.44 -10.66
N ILE H 26 22.82 2.28 -11.27
CA ILE H 26 22.92 1.79 -12.65
C ILE H 26 23.12 0.27 -12.49
N ASP H 27 22.19 -0.50 -13.06
CA ASP H 27 22.18 -1.95 -12.98
C ASP H 27 23.02 -2.59 -14.08
N SER H 28 22.89 -2.06 -15.30
CA SER H 28 23.61 -2.61 -16.45
C SER H 28 23.73 -1.62 -17.57
N VAL H 29 24.76 -1.82 -18.42
CA VAL H 29 24.98 -1.02 -19.61
C VAL H 29 25.20 -2.01 -20.74
N LYS H 30 24.58 -1.74 -21.89
CA LYS H 30 24.76 -2.53 -23.10
C LYS H 30 25.16 -1.58 -24.21
N ILE H 31 26.35 -1.78 -24.80
CA ILE H 31 26.78 -0.93 -25.92
C ILE H 31 26.76 -1.77 -27.20
N ASN H 32 26.18 -1.26 -28.29
CA ASN H 32 26.19 -1.92 -29.60
C ASN H 32 27.21 -1.19 -30.44
N ALA H 33 28.19 -1.95 -30.97
CA ALA H 33 29.28 -1.35 -31.72
C ALA H 33 29.78 -2.27 -32.83
N GLY H 34 30.24 -1.64 -33.89
CA GLY H 34 30.92 -2.31 -34.99
C GLY H 34 32.22 -1.56 -35.14
N ASP H 35 32.35 -0.79 -36.22
CA ASP H 35 33.52 0.06 -36.37
C ASP H 35 33.34 1.33 -35.56
N ILE H 36 32.09 1.69 -35.24
CA ILE H 36 31.74 2.88 -34.45
C ILE H 36 30.71 2.50 -33.37
N ILE H 37 30.30 3.47 -32.51
CA ILE H 37 29.31 3.20 -31.46
C ILE H 37 27.90 3.40 -32.01
N ASP H 38 27.13 2.31 -32.20
CA ASP H 38 25.77 2.38 -32.73
C ASP H 38 24.75 2.81 -31.67
N ALA H 39 24.85 2.24 -30.49
CA ALA H 39 23.87 2.45 -29.42
C ALA H 39 24.41 2.20 -28.04
N ILE H 40 23.76 2.82 -27.05
CA ILE H 40 24.02 2.63 -25.63
C ILE H 40 22.65 2.43 -24.95
N GLU H 41 22.53 1.38 -24.17
CA GLU H 41 21.29 1.07 -23.49
C GLU H 41 21.62 0.91 -22.02
N ILE H 42 20.83 1.56 -21.16
CA ILE H 42 21.11 1.52 -19.73
C ILE H 42 19.86 1.07 -18.95
N THR H 43 20.05 0.14 -18.01
CA THR H 43 19.03 -0.37 -17.09
C THR H 43 19.44 0.23 -15.76
N PHE H 44 18.49 0.92 -15.12
CA PHE H 44 18.83 1.64 -13.92
C PHE H 44 17.62 1.70 -12.99
N THR H 45 17.83 2.10 -11.74
CA THR H 45 16.73 2.19 -10.79
C THR H 45 16.76 3.54 -10.13
N ARG H 46 15.60 4.15 -9.91
CA ARG H 46 15.49 5.40 -9.15
C ARG H 46 14.06 5.55 -8.68
N TYR H 47 13.91 6.06 -7.45
CA TYR H 47 12.62 6.35 -6.80
C TYR H 47 11.67 5.14 -6.72
N GLY H 48 12.27 3.95 -6.64
CA GLY H 48 11.53 2.69 -6.49
C GLY H 48 11.16 1.97 -7.77
N LEU H 49 11.57 2.50 -8.93
CA LEU H 49 11.26 1.91 -10.24
C LEU H 49 12.50 1.63 -11.06
N THR H 50 12.50 0.47 -11.75
CA THR H 50 13.57 0.08 -12.68
C THR H 50 13.17 0.57 -14.06
N GLU H 51 14.14 0.99 -14.87
CA GLU H 51 13.84 1.52 -16.18
C GLU H 51 14.94 1.10 -17.14
N THR H 52 14.60 0.84 -18.41
CA THR H 52 15.57 0.52 -19.46
C THR H 52 15.36 1.51 -20.57
N GLN H 53 16.45 2.20 -20.97
CA GLN H 53 16.39 3.18 -22.07
C GLN H 53 17.47 2.84 -23.07
N HIS H 54 17.11 2.79 -24.37
CA HIS H 54 18.00 2.51 -25.49
C HIS H 54 18.10 3.80 -26.32
N TYR H 55 19.33 4.19 -26.62
CA TYR H 55 19.65 5.38 -27.40
C TYR H 55 20.54 4.93 -28.54
N GLY H 56 20.27 5.42 -29.74
CA GLY H 56 21.01 5.05 -30.94
C GLY H 56 20.23 4.10 -31.83
N GLY H 57 20.90 3.52 -32.83
CA GLY H 57 20.26 2.64 -33.80
C GLY H 57 20.22 1.16 -33.47
N THR H 58 19.93 0.34 -34.51
CA THR H 58 19.77 -1.11 -34.45
C THR H 58 21.03 -1.91 -34.85
N GLY H 59 22.07 -1.23 -35.36
CA GLY H 59 23.31 -1.87 -35.81
C GLY H 59 24.29 -2.24 -34.71
N GLY H 60 25.41 -2.84 -35.12
CA GLY H 60 26.52 -3.26 -34.27
C GLY H 60 26.26 -4.48 -33.39
N GLU H 61 27.34 -5.04 -32.84
CA GLU H 61 27.28 -6.19 -31.95
C GLU H 61 27.15 -5.75 -30.49
N PRO H 62 26.30 -6.43 -29.69
CA PRO H 62 26.12 -6.01 -28.28
C PRO H 62 27.21 -6.51 -27.36
N HIS H 63 27.50 -5.69 -26.33
CA HIS H 63 28.46 -5.99 -25.26
C HIS H 63 27.75 -5.49 -24.03
N GLU H 64 27.73 -6.28 -22.96
CA GLU H 64 26.97 -5.93 -21.76
C GLU H 64 27.75 -6.17 -20.49
N ILE H 65 27.44 -5.39 -19.46
CA ILE H 65 28.04 -5.47 -18.14
C ILE H 65 26.89 -5.31 -17.14
N ALA H 66 26.77 -6.25 -16.21
CA ALA H 66 25.77 -6.19 -15.14
C ALA H 66 26.59 -5.84 -13.92
N PHE H 67 26.32 -4.66 -13.33
CA PHE H 67 27.11 -4.18 -12.20
C PHE H 67 26.87 -4.95 -10.92
N GLU H 68 27.96 -5.22 -10.19
CA GLU H 68 27.94 -5.92 -8.91
C GLU H 68 27.54 -4.91 -7.83
N ASP H 69 27.23 -5.41 -6.61
CA ASP H 69 26.91 -4.54 -5.46
C ASP H 69 28.17 -3.75 -5.08
N GLY H 70 28.05 -2.44 -4.97
CA GLY H 70 29.18 -1.58 -4.65
C GLY H 70 30.08 -1.24 -5.82
N GLU H 71 29.66 -1.63 -7.05
CA GLU H 71 30.42 -1.33 -8.27
C GLU H 71 29.85 -0.06 -8.90
N TYR H 72 30.73 0.86 -9.33
CA TYR H 72 30.29 2.13 -9.94
C TYR H 72 31.24 2.58 -11.03
N ILE H 73 30.75 3.44 -11.95
CA ILE H 73 31.50 3.99 -13.06
C ILE H 73 32.42 5.13 -12.55
N MET H 74 33.74 4.99 -12.79
CA MET H 74 34.80 5.92 -12.38
C MET H 74 35.34 6.73 -13.54
N SER H 75 35.12 6.27 -14.77
CA SER H 75 35.71 6.91 -15.94
C SER H 75 34.97 6.58 -17.21
N MET H 76 35.03 7.50 -18.17
CA MET H 76 34.53 7.35 -19.53
C MET H 76 35.66 7.87 -20.42
N GLU H 77 36.08 7.08 -21.42
CA GLU H 77 37.12 7.48 -22.38
C GLU H 77 36.62 7.11 -23.74
N GLY H 78 36.88 7.95 -24.71
CA GLY H 78 36.44 7.62 -26.06
C GLY H 78 37.14 8.44 -27.11
N HIS H 79 36.60 8.35 -28.34
CA HIS H 79 37.07 9.08 -29.51
C HIS H 79 35.90 9.69 -30.25
N VAL H 80 36.07 10.96 -30.68
CA VAL H 80 35.11 11.67 -31.53
C VAL H 80 35.75 11.48 -32.93
N VAL H 81 34.98 10.91 -33.87
CA VAL H 81 35.51 10.58 -35.20
C VAL H 81 34.66 11.11 -36.36
N ASP H 82 35.22 11.06 -37.58
CA ASP H 82 34.55 11.38 -38.82
C ASP H 82 34.19 10.01 -39.41
N TYR H 83 32.89 9.70 -39.47
CA TYR H 83 32.41 8.44 -40.00
C TYR H 83 31.41 8.73 -41.12
N THR H 84 31.83 8.53 -42.38
CA THR H 84 31.04 8.79 -43.60
C THR H 84 30.60 10.28 -43.67
N GLY H 85 31.42 11.16 -43.09
CA GLY H 85 31.14 12.60 -43.06
C GLY H 85 30.35 13.04 -41.84
N LEU H 86 29.96 12.09 -40.97
CA LEU H 86 29.22 12.40 -39.73
C LEU H 86 30.21 12.44 -38.56
N THR H 87 30.08 13.45 -37.68
CA THR H 87 30.94 13.57 -36.49
C THR H 87 30.22 12.82 -35.36
N ILE H 88 30.76 11.64 -34.98
CA ILE H 88 30.15 10.72 -34.01
C ILE H 88 31.17 10.10 -33.03
N ILE H 89 30.69 9.19 -32.15
CA ILE H 89 31.54 8.47 -31.21
C ILE H 89 31.98 7.18 -31.90
N GLY H 90 33.27 7.10 -32.18
CA GLY H 90 33.87 5.96 -32.87
C GLY H 90 34.39 4.88 -31.96
N LYS H 91 34.72 5.23 -30.70
CA LYS H 91 35.26 4.30 -29.72
C LYS H 91 34.81 4.71 -28.32
N LEU H 92 34.51 3.73 -27.45
CA LEU H 92 34.03 4.01 -26.10
C LEU H 92 34.44 2.98 -25.08
N THR H 93 34.84 3.45 -23.90
CA THR H 93 35.24 2.63 -22.75
C THR H 93 34.63 3.23 -21.48
N LEU H 94 34.08 2.37 -20.62
CA LEU H 94 33.62 2.77 -19.30
C LEU H 94 34.46 1.98 -18.33
N THR H 95 35.04 2.64 -17.33
CA THR H 95 35.83 1.94 -16.33
C THR H 95 35.13 2.04 -14.99
N THR H 96 35.04 0.93 -14.27
CA THR H 96 34.43 0.91 -12.94
C THR H 96 35.56 0.71 -11.91
N ASN H 97 35.21 0.72 -10.60
CA ASN H 97 36.17 0.44 -9.51
C ASN H 97 36.66 -1.03 -9.53
N ARG H 98 36.01 -1.90 -10.31
CA ARG H 98 36.36 -3.32 -10.39
C ARG H 98 36.85 -3.82 -11.75
N ARG H 99 36.35 -3.26 -12.87
CA ARG H 99 36.76 -3.73 -14.20
C ARG H 99 36.67 -2.68 -15.31
N THR H 100 37.18 -3.03 -16.49
CA THR H 100 37.17 -2.20 -17.70
C THR H 100 36.14 -2.78 -18.66
N PHE H 101 35.19 -1.94 -19.09
CA PHE H 101 34.13 -2.30 -20.03
C PHE H 101 34.47 -1.59 -21.32
N GLY H 102 35.16 -2.31 -22.19
CA GLY H 102 35.65 -1.78 -23.44
C GLY H 102 37.14 -1.95 -23.59
N PRO H 103 37.75 -1.34 -24.60
CA PRO H 103 37.14 -0.45 -25.62
C PRO H 103 36.25 -1.17 -26.61
N PHE H 104 35.19 -0.49 -27.09
CA PHE H 104 34.28 -0.98 -28.13
C PHE H 104 34.28 0.07 -29.20
N GLY H 105 34.09 -0.36 -30.44
CA GLY H 105 34.22 0.51 -31.61
C GLY H 105 35.65 0.36 -32.09
N ALA H 106 35.92 0.76 -33.32
CA ALA H 106 37.26 0.58 -33.89
C ALA H 106 37.84 1.85 -34.51
N TYR H 107 37.10 2.97 -34.40
CA TYR H 107 37.48 4.25 -35.01
C TYR H 107 38.07 5.25 -33.99
N GLU H 108 39.27 5.76 -34.28
CA GLU H 108 39.95 6.74 -33.44
C GLU H 108 39.97 8.09 -34.18
N GLY H 109 40.07 9.16 -33.43
CA GLY H 109 40.09 10.53 -33.97
C GLY H 109 40.62 11.48 -32.94
N THR H 110 39.72 12.21 -32.25
CA THR H 110 40.05 13.13 -31.17
C THR H 110 39.66 12.46 -29.83
N PRO H 111 40.64 12.04 -29.00
CA PRO H 111 40.28 11.38 -27.74
C PRO H 111 39.71 12.34 -26.71
N PHE H 112 38.77 11.82 -25.90
CA PHE H 112 38.18 12.55 -24.78
C PHE H 112 38.18 11.58 -23.62
N SER H 113 38.43 12.09 -22.41
CA SER H 113 38.40 11.27 -21.22
C SER H 113 37.82 12.08 -20.09
N ILE H 114 37.04 11.42 -19.25
CA ILE H 114 36.40 11.97 -18.05
C ILE H 114 36.91 11.09 -16.93
N PRO H 115 38.12 11.36 -16.41
CA PRO H 115 38.62 10.54 -15.29
C PRO H 115 38.02 11.09 -14.00
N VAL H 116 37.10 10.35 -13.38
CA VAL H 116 36.49 10.81 -12.13
C VAL H 116 37.39 10.38 -10.98
N ALA H 117 38.26 11.29 -10.51
CA ALA H 117 39.20 11.01 -9.41
C ALA H 117 38.43 10.85 -8.09
N GLU H 118 37.32 11.55 -7.96
CA GLU H 118 36.44 11.48 -6.80
C GLU H 118 35.02 11.69 -7.27
N GLY H 119 34.12 10.79 -6.89
CA GLY H 119 32.72 10.82 -7.31
C GLY H 119 32.44 9.66 -8.25
N LYS H 120 31.31 9.70 -8.96
CA LYS H 120 30.93 8.66 -9.90
C LYS H 120 30.09 9.20 -11.05
N ILE H 121 30.06 8.46 -12.17
CA ILE H 121 29.18 8.73 -13.31
C ILE H 121 27.86 8.06 -12.93
N ALA H 122 26.75 8.82 -12.92
CA ALA H 122 25.44 8.34 -12.45
C ALA H 122 24.37 8.33 -13.53
N GLY H 123 24.75 8.68 -14.75
CA GLY H 123 23.83 8.71 -15.86
C GLY H 123 24.45 9.29 -17.09
N PHE H 124 23.67 9.29 -18.19
CA PHE H 124 24.10 9.73 -19.50
C PHE H 124 23.09 10.61 -20.21
N PHE H 125 23.57 11.39 -21.15
CA PHE H 125 22.79 12.25 -22.04
C PHE H 125 23.61 12.41 -23.33
N GLY H 126 23.00 12.96 -24.37
CA GLY H 126 23.72 13.15 -25.62
C GLY H 126 22.83 13.32 -26.84
N ARG H 127 23.37 12.94 -28.00
CA ARG H 127 22.69 13.00 -29.30
C ARG H 127 22.77 11.64 -29.97
N ALA H 128 21.68 11.23 -30.64
CA ALA H 128 21.60 9.94 -31.34
C ALA H 128 20.59 9.93 -32.48
N GLY H 129 20.96 9.19 -33.54
CA GLY H 129 20.16 8.94 -34.72
C GLY H 129 20.27 7.45 -34.97
N SER H 130 20.96 7.05 -36.04
CA SER H 130 21.23 5.63 -36.25
C SER H 130 22.47 5.24 -35.41
N PHE H 131 23.30 6.24 -35.00
CA PHE H 131 24.49 6.00 -34.18
C PHE H 131 24.49 6.94 -32.96
N ILE H 132 25.53 6.85 -32.11
CA ILE H 132 25.71 7.76 -30.98
C ILE H 132 26.54 8.95 -31.49
N ASP H 133 25.86 10.07 -31.81
CA ASP H 133 26.51 11.28 -32.32
C ASP H 133 27.35 11.97 -31.27
N ALA H 134 26.80 12.06 -30.05
CA ALA H 134 27.43 12.77 -28.93
C ALA H 134 27.03 12.15 -27.61
N ILE H 135 27.91 12.28 -26.59
CA ILE H 135 27.69 11.71 -25.26
C ILE H 135 28.16 12.67 -24.15
N GLY H 136 27.50 12.59 -23.01
CA GLY H 136 27.83 13.36 -21.81
C GLY H 136 27.42 12.54 -20.61
N VAL H 137 27.88 12.90 -19.41
CA VAL H 137 27.54 12.17 -18.21
C VAL H 137 27.03 13.04 -17.08
N TYR H 138 26.25 12.44 -16.19
CA TYR H 138 25.84 13.07 -14.93
C TYR H 138 26.85 12.62 -13.94
N LEU H 139 27.25 13.51 -13.00
CA LEU H 139 28.18 13.14 -11.94
C LEU H 139 27.50 13.33 -10.59
N MET H 140 27.87 12.49 -9.64
CA MET H 140 27.33 12.48 -8.30
C MET H 140 28.44 12.11 -7.33
N PRO H 141 28.33 12.53 -6.04
CA PRO H 141 29.36 12.12 -5.07
C PRO H 141 29.27 10.62 -4.82
N ASN H 142 30.39 10.04 -4.39
CA ASN H 142 30.53 8.61 -4.10
C ASN H 142 30.49 8.38 -2.60
N ALA I 2 64.15 7.15 -32.61
CA ALA I 2 64.43 5.72 -32.60
C ALA I 2 65.34 5.30 -33.75
N GLY I 3 65.66 6.23 -34.65
CA GLY I 3 66.57 5.97 -35.77
C GLY I 3 66.00 5.22 -36.96
N ALA I 4 64.67 4.97 -36.97
CA ALA I 4 64.02 4.27 -38.08
C ALA I 4 63.65 5.25 -39.20
N ILE I 5 63.24 4.70 -40.38
CA ILE I 5 62.73 5.49 -41.50
C ILE I 5 61.32 5.00 -41.75
N LYS I 6 60.32 5.85 -41.47
CA LYS I 6 58.90 5.54 -41.61
C LYS I 6 58.29 6.52 -42.58
N VAL I 7 57.65 6.03 -43.65
CA VAL I 7 57.00 6.86 -44.68
C VAL I 7 55.53 6.47 -44.78
N GLY I 8 54.67 7.46 -44.63
CA GLY I 8 53.22 7.25 -44.61
C GLY I 8 52.53 8.04 -43.52
N THR I 9 51.20 7.89 -43.36
CA THR I 9 50.40 6.94 -44.14
C THR I 9 49.77 7.55 -45.39
N TRP I 10 49.21 6.65 -46.25
CA TRP I 10 48.34 6.99 -47.39
C TRP I 10 47.00 6.31 -47.02
N GLY I 11 45.90 6.96 -47.37
CA GLY I 11 44.56 6.48 -47.06
C GLY I 11 43.76 7.53 -46.34
N GLY I 12 42.80 7.07 -45.55
CA GLY I 12 41.93 7.95 -44.78
C GLY I 12 42.35 8.15 -43.34
N ASN I 13 41.48 8.80 -42.58
CA ASN I 13 41.76 9.11 -41.18
C ASN I 13 40.99 8.25 -40.20
N GLY I 14 40.21 7.31 -40.70
CA GLY I 14 39.41 6.42 -39.86
C GLY I 14 40.19 5.24 -39.32
N GLY I 15 39.49 4.38 -38.60
CA GLY I 15 40.07 3.20 -37.96
C GLY I 15 40.97 3.58 -36.80
N SER I 16 41.73 2.58 -36.31
CA SER I 16 42.69 2.70 -35.20
C SER I 16 44.14 2.51 -35.69
N GLU I 17 45.10 3.27 -35.13
CA GLU I 17 46.52 3.11 -35.50
C GLU I 17 47.05 1.75 -35.17
N TRP I 18 47.85 1.15 -36.08
CA TRP I 18 48.54 -0.13 -35.86
C TRP I 18 49.95 0.04 -36.37
N ASP I 19 50.90 -0.72 -35.80
CA ASP I 19 52.29 -0.52 -36.13
C ASP I 19 53.03 -1.80 -35.85
N MET I 20 53.54 -2.42 -36.91
CA MET I 20 54.26 -3.67 -36.85
C MET I 20 55.71 -3.44 -36.42
N GLY I 21 56.23 -2.23 -36.71
CA GLY I 21 57.62 -1.91 -36.45
C GLY I 21 58.50 -2.43 -37.58
N PRO I 22 59.79 -2.05 -37.62
CA PRO I 22 60.69 -2.61 -38.66
C PRO I 22 61.08 -4.04 -38.31
N ALA I 23 61.28 -4.87 -39.31
CA ALA I 23 61.65 -6.25 -39.04
C ALA I 23 62.97 -6.58 -39.70
N TYR I 24 63.67 -7.61 -39.16
CA TYR I 24 64.93 -8.07 -39.77
C TYR I 24 64.57 -8.73 -41.11
N ARG I 25 63.47 -9.48 -41.13
CA ARG I 25 62.98 -10.12 -42.33
C ARG I 25 61.48 -10.22 -42.34
N ILE I 26 60.88 -9.91 -43.50
CA ILE I 26 59.44 -10.14 -43.73
C ILE I 26 59.42 -11.53 -44.38
N ASP I 27 58.79 -12.52 -43.69
CA ASP I 27 58.71 -13.90 -44.16
C ASP I 27 57.56 -14.13 -45.11
N SER I 28 56.38 -13.55 -44.82
CA SER I 28 55.23 -13.72 -45.69
C SER I 28 54.20 -12.62 -45.48
N VAL I 29 53.37 -12.38 -46.50
CA VAL I 29 52.28 -11.40 -46.44
C VAL I 29 51.00 -12.06 -46.98
N LYS I 30 49.89 -11.89 -46.25
CA LYS I 30 48.57 -12.37 -46.66
C LYS I 30 47.67 -11.14 -46.71
N ILE I 31 47.11 -10.87 -47.87
CA ILE I 31 46.16 -9.79 -48.06
C ILE I 31 44.78 -10.38 -48.29
N ASN I 32 43.76 -9.87 -47.58
CA ASN I 32 42.38 -10.25 -47.82
C ASN I 32 41.73 -9.08 -48.52
N ALA I 33 41.07 -9.36 -49.64
CA ALA I 33 40.45 -8.32 -50.44
C ALA I 33 39.20 -8.79 -51.17
N GLY I 34 38.35 -7.83 -51.48
CA GLY I 34 37.12 -8.02 -52.24
C GLY I 34 37.02 -6.81 -53.13
N ASP I 35 36.04 -5.95 -52.85
CA ASP I 35 35.91 -4.67 -53.55
C ASP I 35 37.03 -3.76 -53.08
N ILE I 36 37.46 -3.93 -51.82
CA ILE I 36 38.51 -3.11 -51.20
C ILE I 36 39.54 -3.97 -50.45
N ILE I 37 40.42 -3.34 -49.68
CA ILE I 37 41.39 -4.12 -48.90
C ILE I 37 40.84 -4.32 -47.50
N ASP I 38 40.49 -5.56 -47.18
CA ASP I 38 39.93 -5.88 -45.86
C ASP I 38 40.96 -5.99 -44.78
N ALA I 39 42.07 -6.67 -45.07
CA ALA I 39 43.09 -6.97 -44.07
C ALA I 39 44.44 -7.21 -44.69
N ILE I 40 45.48 -7.09 -43.87
CA ILE I 40 46.86 -7.42 -44.20
C ILE I 40 47.42 -8.17 -42.98
N GLU I 41 48.05 -9.31 -43.23
CA GLU I 41 48.63 -10.17 -42.20
C GLU I 41 50.08 -10.40 -42.58
N ILE I 42 51.00 -10.09 -41.66
CA ILE I 42 52.42 -10.20 -41.95
C ILE I 42 53.08 -11.14 -40.94
N THR I 43 53.91 -12.06 -41.46
CA THR I 43 54.74 -12.95 -40.67
C THR I 43 56.14 -12.39 -40.82
N PHE I 44 56.73 -11.99 -39.72
CA PHE I 44 58.03 -11.35 -39.73
C PHE I 44 58.94 -11.86 -38.60
N THR I 45 60.26 -11.72 -38.81
CA THR I 45 61.29 -12.12 -37.85
C THR I 45 62.08 -10.91 -37.40
N ARG I 46 62.31 -10.84 -36.07
CA ARG I 46 63.08 -9.78 -35.43
C ARG I 46 63.61 -10.36 -34.10
N TYR I 47 64.92 -10.18 -33.82
CA TYR I 47 65.62 -10.63 -32.59
C TYR I 47 65.48 -12.16 -32.35
N GLY I 48 65.60 -12.94 -33.42
CA GLY I 48 65.46 -14.40 -33.38
C GLY I 48 64.06 -14.90 -33.08
N LEU I 49 63.04 -14.02 -33.25
CA LEU I 49 61.66 -14.37 -32.95
C LEU I 49 60.73 -14.11 -34.14
N THR I 50 59.96 -15.14 -34.53
CA THR I 50 59.02 -15.03 -35.64
C THR I 50 57.63 -14.94 -35.08
N GLU I 51 56.84 -13.99 -35.63
CA GLU I 51 55.47 -13.81 -35.19
C GLU I 51 54.62 -13.33 -36.36
N THR I 52 53.30 -13.51 -36.23
CA THR I 52 52.30 -13.14 -37.20
C THR I 52 51.34 -12.14 -36.56
N GLN I 53 51.10 -11.02 -37.27
CA GLN I 53 50.19 -9.97 -36.83
C GLN I 53 49.20 -9.72 -37.96
N HIS I 54 47.92 -9.66 -37.61
CA HIS I 54 46.80 -9.43 -38.53
C HIS I 54 46.25 -8.04 -38.23
N TYR I 55 46.02 -7.26 -39.28
CA TYR I 55 45.42 -5.94 -39.16
C TYR I 55 44.24 -5.87 -40.13
N GLY I 56 43.12 -5.30 -39.68
CA GLY I 56 41.91 -5.20 -40.48
C GLY I 56 40.87 -6.23 -40.08
N GLY I 57 39.79 -6.32 -40.86
CA GLY I 57 38.66 -7.20 -40.58
C GLY I 57 38.72 -8.63 -41.08
N THR I 58 37.54 -9.27 -41.12
CA THR I 58 37.38 -10.68 -41.49
C THR I 58 36.89 -10.94 -42.91
N GLY I 59 36.57 -9.90 -43.66
CA GLY I 59 36.07 -10.03 -45.02
C GLY I 59 37.12 -10.30 -46.08
N GLY I 60 36.65 -10.39 -47.32
CA GLY I 60 37.47 -10.62 -48.50
C GLY I 60 38.08 -12.00 -48.66
N GLU I 61 38.64 -12.23 -49.85
CA GLU I 61 39.30 -13.46 -50.27
C GLU I 61 40.81 -13.34 -49.93
N PRO I 62 41.47 -14.40 -49.40
CA PRO I 62 42.91 -14.28 -49.08
C PRO I 62 43.85 -14.54 -50.24
N HIS I 63 45.02 -13.87 -50.21
CA HIS I 63 46.09 -14.00 -51.19
C HIS I 63 47.36 -13.96 -50.38
N GLU I 64 48.26 -14.93 -50.61
CA GLU I 64 49.49 -15.01 -49.81
C GLU I 64 50.73 -15.14 -50.65
N ILE I 65 51.82 -14.50 -50.17
CA ILE I 65 53.14 -14.56 -50.78
C ILE I 65 54.14 -15.00 -49.70
N ALA I 66 54.93 -16.02 -49.99
CA ALA I 66 55.98 -16.47 -49.07
C ALA I 66 57.26 -16.08 -49.79
N PHE I 67 58.04 -15.17 -49.18
CA PHE I 67 59.26 -14.67 -49.82
C PHE I 67 60.38 -15.70 -49.86
N GLU I 68 61.00 -15.79 -51.03
CA GLU I 68 62.13 -16.67 -51.32
C GLU I 68 63.40 -16.10 -50.67
N ASP I 69 64.47 -16.93 -50.58
CA ASP I 69 65.77 -16.47 -50.08
C ASP I 69 66.28 -15.41 -51.07
N GLY I 70 66.64 -14.25 -50.55
CA GLY I 70 67.12 -13.14 -51.38
C GLY I 70 66.02 -12.29 -51.99
N GLU I 71 64.75 -12.59 -51.67
CA GLU I 71 63.60 -11.84 -52.16
C GLU I 71 63.18 -10.79 -51.12
N TYR I 72 63.01 -9.53 -51.55
CA TYR I 72 62.64 -8.43 -50.66
C TYR I 72 61.63 -7.51 -51.34
N ILE I 73 60.85 -6.76 -50.54
CA ILE I 73 59.84 -5.86 -51.11
C ILE I 73 60.55 -4.59 -51.53
N MET I 74 60.31 -4.15 -52.78
CA MET I 74 60.94 -2.91 -53.23
C MET I 74 59.90 -1.90 -53.73
N SER I 75 58.58 -2.18 -53.55
CA SER I 75 57.54 -1.22 -53.93
C SER I 75 56.18 -1.58 -53.33
N MET I 76 55.42 -0.54 -53.05
CA MET I 76 54.01 -0.62 -52.62
C MET I 76 53.24 0.44 -53.41
N GLU I 77 52.11 0.06 -54.00
CA GLU I 77 51.28 1.00 -54.72
C GLU I 77 49.82 0.59 -54.59
N GLY I 78 48.93 1.55 -54.69
CA GLY I 78 47.51 1.25 -54.57
C GLY I 78 46.65 2.45 -54.86
N HIS I 79 45.41 2.39 -54.41
CA HIS I 79 44.45 3.45 -54.59
C HIS I 79 43.81 3.80 -53.29
N VAL I 80 43.64 5.11 -53.06
CA VAL I 80 42.88 5.61 -51.92
C VAL I 80 41.48 5.84 -52.52
N VAL I 81 40.46 5.19 -51.97
CA VAL I 81 39.12 5.22 -52.57
C VAL I 81 38.01 5.66 -51.61
N ASP I 82 36.82 5.98 -52.18
CA ASP I 82 35.60 6.30 -51.45
C ASP I 82 34.78 5.00 -51.46
N TYR I 83 34.68 4.32 -50.29
CA TYR I 83 33.93 3.06 -50.16
C TYR I 83 32.82 3.24 -49.13
N THR I 84 31.56 3.29 -49.60
CA THR I 84 30.36 3.48 -48.76
C THR I 84 30.48 4.75 -47.90
N GLY I 85 31.18 5.77 -48.41
CA GLY I 85 31.41 7.04 -47.71
C GLY I 85 32.69 7.08 -46.88
N LEU I 86 33.45 5.97 -46.82
CA LEU I 86 34.72 5.89 -46.07
C LEU I 86 35.89 6.08 -47.00
N THR I 87 36.96 6.74 -46.53
CA THR I 87 38.17 6.93 -47.32
C THR I 87 39.14 5.83 -46.86
N ILE I 88 39.34 4.81 -47.69
CA ILE I 88 40.17 3.66 -47.29
C ILE I 88 41.05 3.21 -48.43
N ILE I 89 41.82 2.12 -48.21
CA ILE I 89 42.67 1.52 -49.24
C ILE I 89 41.78 0.56 -50.04
N GLY I 90 41.65 0.86 -51.33
CA GLY I 90 40.80 0.08 -52.23
C GLY I 90 41.52 -0.93 -53.09
N LYS I 91 42.79 -0.65 -53.42
CA LYS I 91 43.65 -1.50 -54.22
C LYS I 91 45.02 -1.46 -53.60
N LEU I 92 45.72 -2.59 -53.63
CA LEU I 92 47.06 -2.68 -53.08
C LEU I 92 47.86 -3.70 -53.86
N THR I 93 49.14 -3.38 -54.11
CA THR I 93 50.15 -4.24 -54.76
C THR I 93 51.45 -4.13 -53.97
N LEU I 94 52.16 -5.24 -53.80
CA LEU I 94 53.52 -5.27 -53.26
C LEU I 94 54.38 -5.86 -54.37
N THR I 95 55.49 -5.18 -54.69
CA THR I 95 56.39 -5.64 -55.77
C THR I 95 57.71 -6.02 -55.15
N THR I 96 58.24 -7.16 -55.56
CA THR I 96 59.52 -7.62 -55.07
C THR I 96 60.54 -7.48 -56.19
N ASN I 97 61.77 -7.86 -55.92
CA ASN I 97 62.84 -7.88 -56.94
C ASN I 97 62.60 -9.00 -57.96
N ARG I 98 61.65 -9.92 -57.68
CA ARG I 98 61.38 -11.08 -58.54
C ARG I 98 59.95 -11.24 -59.04
N ARG I 99 58.97 -10.73 -58.28
CA ARG I 99 57.55 -10.93 -58.57
C ARG I 99 56.70 -9.73 -58.22
N THR I 100 55.45 -9.75 -58.70
CA THR I 100 54.44 -8.76 -58.37
C THR I 100 53.32 -9.47 -57.64
N PHE I 101 53.01 -8.99 -56.43
CA PHE I 101 51.93 -9.55 -55.61
C PHE I 101 50.75 -8.56 -55.63
N GLY I 102 49.74 -8.91 -56.38
CA GLY I 102 48.58 -8.04 -56.60
C GLY I 102 48.54 -7.51 -58.02
N PRO I 103 47.71 -6.49 -58.33
CA PRO I 103 46.80 -5.76 -57.44
C PRO I 103 45.66 -6.60 -56.89
N PHE I 104 45.26 -6.27 -55.67
CA PHE I 104 44.12 -6.82 -54.95
C PHE I 104 43.16 -5.68 -54.73
N GLY I 105 41.87 -5.98 -54.74
CA GLY I 105 40.83 -4.98 -54.63
C GLY I 105 40.33 -4.55 -56.00
N ALA I 106 39.11 -4.03 -56.07
CA ALA I 106 38.49 -3.63 -57.34
C ALA I 106 38.27 -2.13 -57.46
N TYR I 107 38.08 -1.42 -56.33
CA TYR I 107 37.81 0.01 -56.35
C TYR I 107 39.01 0.84 -56.78
N GLU I 108 38.75 1.91 -57.55
CA GLU I 108 39.77 2.84 -57.98
C GLU I 108 39.47 4.23 -57.44
N GLY I 109 40.50 5.05 -57.33
CA GLY I 109 40.35 6.40 -56.80
C GLY I 109 41.58 7.20 -57.08
N THR I 110 42.29 7.61 -56.01
CA THR I 110 43.54 8.37 -56.10
C THR I 110 44.72 7.39 -55.95
N PRO I 111 45.48 7.13 -57.03
CA PRO I 111 46.64 6.23 -56.88
C PRO I 111 47.75 6.81 -56.01
N PHE I 112 48.46 5.93 -55.29
CA PHE I 112 49.63 6.29 -54.47
C PHE I 112 50.65 5.23 -54.76
N SER I 113 51.93 5.59 -54.66
CA SER I 113 53.02 4.67 -54.90
C SER I 113 54.23 5.06 -54.09
N ILE I 114 54.93 4.05 -53.59
CA ILE I 114 56.18 4.25 -52.90
C ILE I 114 57.23 3.33 -53.56
N PRO I 115 57.74 3.73 -54.76
CA PRO I 115 58.76 2.90 -55.42
C PRO I 115 60.09 3.05 -54.69
N VAL I 116 60.70 1.93 -54.28
CA VAL I 116 61.99 2.00 -53.60
C VAL I 116 63.07 1.70 -54.67
N ALA I 117 63.72 2.77 -55.20
CA ALA I 117 64.79 2.65 -56.19
C ALA I 117 66.04 2.00 -55.56
N GLU I 118 66.29 2.26 -54.27
CA GLU I 118 67.41 1.67 -53.54
C GLU I 118 66.98 1.44 -52.12
N GLY I 119 67.13 0.20 -51.66
CA GLY I 119 66.71 -0.18 -50.31
C GLY I 119 65.54 -1.15 -50.35
N LYS I 120 64.82 -1.29 -49.22
CA LYS I 120 63.70 -2.22 -49.15
C LYS I 120 62.65 -1.81 -48.13
N ILE I 121 61.43 -2.31 -48.32
CA ILE I 121 60.35 -2.11 -47.36
C ILE I 121 60.59 -3.20 -46.32
N ALA I 122 60.75 -2.81 -45.04
CA ALA I 122 61.09 -3.70 -43.92
C ALA I 122 59.99 -3.82 -42.86
N GLY I 123 58.85 -3.17 -43.09
CA GLY I 123 57.74 -3.23 -42.15
C GLY I 123 56.60 -2.33 -42.56
N PHE I 124 55.50 -2.40 -41.79
CA PHE I 124 54.32 -1.61 -42.12
C PHE I 124 53.71 -1.00 -40.89
N PHE I 125 52.94 0.05 -41.10
CA PHE I 125 52.10 0.64 -40.07
C PHE I 125 50.88 1.19 -40.81
N GLY I 126 49.86 1.61 -40.09
CA GLY I 126 48.68 2.13 -40.76
C GLY I 126 47.54 2.35 -39.80
N ARG I 127 46.31 2.33 -40.34
CA ARG I 127 45.06 2.50 -39.58
C ARG I 127 44.14 1.41 -40.07
N ALA I 128 43.28 0.88 -39.18
CA ALA I 128 42.36 -0.19 -39.54
C ALA I 128 41.19 -0.31 -38.58
N GLY I 129 40.10 -0.87 -39.09
CA GLY I 129 38.89 -1.20 -38.36
C GLY I 129 38.48 -2.51 -38.99
N SER I 130 37.34 -2.50 -39.71
CA SER I 130 36.92 -3.70 -40.46
CA SER I 130 36.88 -3.67 -40.48
C SER I 130 37.70 -3.76 -41.77
N PHE I 131 38.30 -2.62 -42.18
CA PHE I 131 39.08 -2.53 -43.42
C PHE I 131 40.41 -1.86 -43.18
N ILE I 132 41.28 -1.83 -44.19
CA ILE I 132 42.55 -1.12 -44.07
C ILE I 132 42.27 0.34 -44.44
N ASP I 133 42.12 1.21 -43.44
CA ASP I 133 41.84 2.63 -43.66
C ASP I 133 43.04 3.35 -44.21
N ALA I 134 44.23 2.99 -43.75
CA ALA I 134 45.48 3.65 -44.15
C ALA I 134 46.68 2.72 -44.02
N ILE I 135 47.76 3.03 -44.75
CA ILE I 135 48.96 2.18 -44.71
C ILE I 135 50.21 3.01 -44.94
N GLY I 136 51.32 2.55 -44.38
CA GLY I 136 52.64 3.14 -44.50
C GLY I 136 53.72 2.09 -44.35
N VAL I 137 54.97 2.46 -44.60
CA VAL I 137 56.08 1.49 -44.57
C VAL I 137 57.28 1.98 -43.79
N TYR I 138 58.10 1.01 -43.31
CA TYR I 138 59.45 1.21 -42.76
C TYR I 138 60.41 0.92 -43.89
N LEU I 139 61.52 1.66 -43.95
CA LEU I 139 62.53 1.45 -44.99
C LEU I 139 63.87 1.16 -44.36
N MET I 140 64.66 0.35 -45.05
CA MET I 140 66.02 -0.03 -44.64
C MET I 140 66.87 -0.22 -45.91
N PRO I 141 68.21 -0.04 -45.86
CA PRO I 141 69.02 -0.32 -47.06
C PRO I 141 69.13 -1.83 -47.29
N ASN I 142 69.56 -2.24 -48.51
CA ASN I 142 69.79 -3.65 -48.83
C ASN I 142 71.21 -4.06 -48.44
N GLY J 3 73.52 1.01 -50.97
CA GLY J 3 73.44 1.27 -49.53
C GLY J 3 72.61 2.49 -49.13
N ALA J 4 72.10 3.26 -50.11
CA ALA J 4 71.26 4.44 -49.84
C ALA J 4 69.81 4.01 -49.74
N ILE J 5 68.94 4.95 -49.30
CA ILE J 5 67.50 4.75 -49.32
C ILE J 5 66.99 5.82 -50.28
N LYS J 6 66.53 5.39 -51.44
CA LYS J 6 66.02 6.25 -52.50
C LYS J 6 64.60 5.82 -52.81
N VAL J 7 63.68 6.78 -52.73
CA VAL J 7 62.27 6.52 -53.04
C VAL J 7 61.84 7.42 -54.18
N GLY J 8 61.17 6.82 -55.15
CA GLY J 8 60.75 7.50 -56.38
C GLY J 8 61.30 6.79 -57.60
N THR J 9 61.18 7.38 -58.79
CA THR J 9 60.62 8.71 -59.01
C THR J 9 59.11 8.71 -59.21
N TRP J 10 58.53 9.94 -59.20
CA TRP J 10 57.15 10.27 -59.57
C TRP J 10 57.35 11.27 -60.71
N GLY J 11 56.60 11.10 -61.79
CA GLY J 11 56.70 11.95 -62.97
C GLY J 11 56.92 11.14 -64.23
N GLY J 12 57.27 11.83 -65.31
CA GLY J 12 57.45 11.22 -66.63
C GLY J 12 58.82 10.66 -66.93
N ASN J 13 58.98 10.21 -68.18
CA ASN J 13 60.17 9.55 -68.70
C ASN J 13 61.07 10.46 -69.53
N GLY J 14 60.62 11.69 -69.79
CA GLY J 14 61.38 12.67 -70.56
C GLY J 14 62.58 13.26 -69.82
N GLY J 15 63.35 14.08 -70.54
CA GLY J 15 64.54 14.75 -70.01
C GLY J 15 65.67 13.79 -69.70
N SER J 16 66.71 14.28 -69.00
CA SER J 16 67.86 13.44 -68.67
C SER J 16 67.90 13.16 -67.17
N GLU J 17 68.50 12.04 -66.77
CA GLU J 17 68.66 11.67 -65.38
C GLU J 17 69.60 12.61 -64.65
N TRP J 18 69.22 12.96 -63.41
CA TRP J 18 70.04 13.77 -62.49
C TRP J 18 69.99 13.17 -61.11
N ASP J 19 71.08 13.34 -60.35
CA ASP J 19 71.18 12.73 -59.05
C ASP J 19 72.13 13.51 -58.18
N MET J 20 71.58 14.11 -57.11
CA MET J 20 72.30 14.91 -56.14
C MET J 20 73.17 14.03 -55.23
N GLY J 21 72.68 12.84 -54.94
CA GLY J 21 73.26 11.95 -53.94
C GLY J 21 72.74 12.36 -52.56
N PRO J 22 72.94 11.56 -51.49
CA PRO J 22 72.44 11.99 -50.17
C PRO J 22 73.38 13.00 -49.54
N ALA J 23 72.84 13.85 -48.66
CA ALA J 23 73.66 14.83 -47.95
C ALA J 23 73.23 14.91 -46.51
N TYR J 24 74.21 14.87 -45.59
CA TYR J 24 73.98 14.99 -44.15
C TYR J 24 73.32 16.31 -43.74
N ARG J 25 73.46 17.35 -44.57
CA ARG J 25 72.83 18.64 -44.27
C ARG J 25 72.41 19.35 -45.55
N ILE J 26 71.13 19.72 -45.65
CA ILE J 26 70.60 20.51 -46.77
C ILE J 26 70.53 21.93 -46.23
N ASP J 27 71.24 22.87 -46.88
CA ASP J 27 71.30 24.26 -46.43
C ASP J 27 70.17 25.10 -46.98
N SER J 28 69.84 24.95 -48.26
CA SER J 28 68.81 25.74 -48.90
C SER J 28 68.27 25.08 -50.12
N VAL J 29 67.04 25.45 -50.52
CA VAL J 29 66.38 24.94 -51.71
C VAL J 29 65.78 26.16 -52.41
N LYS J 30 65.98 26.22 -53.72
CA LYS J 30 65.43 27.26 -54.60
C LYS J 30 64.61 26.56 -55.69
N ILE J 31 63.32 26.86 -55.76
CA ILE J 31 62.41 26.29 -56.75
C ILE J 31 61.97 27.40 -57.71
N ASN J 32 62.10 27.15 -59.01
CA ASN J 32 61.58 28.04 -60.04
C ASN J 32 60.33 27.42 -60.60
N ALA J 33 59.22 28.17 -60.56
CA ALA J 33 57.95 27.67 -61.04
C ALA J 33 57.09 28.77 -61.61
N GLY J 34 56.28 28.39 -62.58
CA GLY J 34 55.27 29.25 -63.17
C GLY J 34 54.00 28.43 -63.04
N ASP J 35 53.44 28.01 -64.17
CA ASP J 35 52.31 27.09 -64.16
C ASP J 35 52.75 25.69 -63.75
N ILE J 36 54.04 25.37 -64.00
CA ILE J 36 54.62 24.05 -63.64
C ILE J 36 55.98 24.23 -62.95
N ILE J 37 56.63 23.12 -62.57
CA ILE J 37 57.94 23.20 -61.91
C ILE J 37 59.03 23.25 -62.98
N ASP J 38 59.67 24.41 -63.11
CA ASP J 38 60.74 24.55 -64.08
C ASP J 38 62.06 24.00 -63.58
N ALA J 39 62.39 24.28 -62.33
CA ALA J 39 63.70 23.90 -61.80
C ALA J 39 63.75 23.73 -60.31
N ILE J 40 64.74 22.94 -59.88
CA ILE J 40 65.05 22.76 -58.46
C ILE J 40 66.58 22.94 -58.28
N GLU J 41 66.96 23.76 -57.31
CA GLU J 41 68.37 24.06 -57.02
C GLU J 41 68.61 23.84 -55.54
N ILE J 42 69.54 22.95 -55.22
CA ILE J 42 69.82 22.60 -53.84
C ILE J 42 71.26 22.95 -53.45
N THR J 43 71.46 23.54 -52.25
CA THR J 43 72.75 23.82 -51.63
C THR J 43 72.82 22.88 -50.45
N PHE J 44 73.89 22.12 -50.38
CA PHE J 44 74.02 21.10 -49.33
C PHE J 44 75.48 21.01 -48.88
N THR J 45 75.72 20.45 -47.68
CA THR J 45 77.05 20.31 -47.10
CA THR J 45 77.05 20.31 -47.12
C THR J 45 77.25 18.87 -46.69
N ARG J 46 78.36 18.27 -47.14
CA ARG J 46 78.70 16.88 -46.81
C ARG J 46 80.19 16.68 -46.95
N TYR J 47 80.79 15.88 -46.05
CA TYR J 47 82.21 15.51 -46.06
C TYR J 47 83.15 16.74 -46.10
N GLY J 48 82.73 17.82 -45.43
CA GLY J 48 83.51 19.04 -45.29
C GLY J 48 83.37 20.03 -46.43
N LEU J 49 82.52 19.74 -47.42
CA LEU J 49 82.32 20.65 -48.55
C LEU J 49 80.87 21.01 -48.77
N THR J 50 80.64 22.27 -49.13
CA THR J 50 79.32 22.82 -49.52
C THR J 50 79.27 22.85 -51.04
N GLU J 51 78.11 22.54 -51.62
CA GLU J 51 77.96 22.51 -53.07
C GLU J 51 76.53 22.94 -53.43
N THR J 52 76.36 23.53 -54.63
CA THR J 52 75.04 23.93 -55.16
C THR J 52 74.85 23.19 -56.48
N GLN J 53 73.68 22.60 -56.69
CA GLN J 53 73.39 21.89 -57.93
C GLN J 53 72.03 22.36 -58.44
N HIS J 54 71.96 22.76 -59.72
CA HIS J 54 70.72 23.22 -60.35
C HIS J 54 70.27 22.16 -61.34
N TYR J 55 68.98 21.83 -61.28
CA TYR J 55 68.32 20.84 -62.14
C TYR J 55 67.11 21.50 -62.77
N GLY J 56 66.92 21.29 -64.06
CA GLY J 56 65.80 21.89 -64.78
C GLY J 56 66.24 23.09 -65.60
N GLY J 57 65.28 23.81 -66.14
CA GLY J 57 65.53 24.93 -67.04
C GLY J 57 65.67 26.30 -66.43
N THR J 58 65.45 27.33 -67.29
CA THR J 58 65.65 28.74 -66.93
C THR J 58 64.34 29.49 -66.64
N GLY J 59 63.19 28.84 -66.90
CA GLY J 59 61.89 29.47 -66.68
C GLY J 59 61.42 29.55 -65.25
N GLY J 60 60.24 30.15 -65.07
CA GLY J 60 59.55 30.30 -63.80
C GLY J 60 60.10 31.36 -62.85
N GLU J 61 59.28 31.74 -61.86
CA GLU J 61 59.65 32.71 -60.82
C GLU J 61 60.36 31.97 -59.70
N PRO J 62 61.42 32.55 -59.09
CA PRO J 62 62.13 31.84 -58.02
C PRO J 62 61.52 31.97 -56.63
N HIS J 63 61.68 30.90 -55.82
CA HIS J 63 61.22 30.86 -54.43
C HIS J 63 62.35 30.15 -53.71
N GLU J 64 62.77 30.66 -52.57
CA GLU J 64 63.93 30.11 -51.86
C GLU J 64 63.72 30.05 -50.36
N ILE J 65 64.27 28.99 -49.73
CA ILE J 65 64.24 28.78 -48.29
C ILE J 65 65.66 28.43 -47.83
N ALA J 66 66.13 29.08 -46.77
CA ALA J 66 67.45 28.84 -46.17
C ALA J 66 67.12 28.18 -44.84
N PHE J 67 67.50 26.90 -44.70
CA PHE J 67 67.14 26.18 -43.47
C PHE J 67 67.90 26.66 -42.25
N GLU J 68 67.17 26.73 -41.12
CA GLU J 68 67.71 27.12 -39.82
C GLU J 68 68.49 25.91 -39.28
N ASP J 69 69.28 26.12 -38.18
CA ASP J 69 69.99 25.04 -37.52
C ASP J 69 68.94 24.15 -36.87
N GLY J 70 69.00 22.86 -37.16
CA GLY J 70 68.03 21.90 -36.61
C GLY J 70 66.77 21.74 -37.43
N GLU J 71 66.69 22.43 -38.59
CA GLU J 71 65.55 22.37 -39.52
C GLU J 71 65.86 21.37 -40.62
N TYR J 72 64.95 20.41 -40.82
CA TYR J 72 65.10 19.35 -41.82
C TYR J 72 63.81 19.13 -42.57
N ILE J 73 63.90 18.54 -43.76
CA ILE J 73 62.72 18.26 -44.59
C ILE J 73 62.04 16.98 -44.07
N MET J 74 60.73 17.08 -43.78
CA MET J 74 59.90 16.00 -43.25
C MET J 74 58.92 15.45 -44.29
N SER J 75 58.67 16.20 -45.37
CA SER J 75 57.67 15.80 -46.35
C SER J 75 57.88 16.45 -47.70
N MET J 76 57.43 15.77 -48.76
CA MET J 76 57.38 16.27 -50.12
C MET J 76 56.01 15.87 -50.65
N GLU J 77 55.29 16.83 -51.26
CA GLU J 77 53.98 16.58 -51.88
C GLU J 77 53.95 17.30 -53.21
N GLY J 78 53.42 16.64 -54.23
CA GLY J 78 53.33 17.28 -55.54
C GLY J 78 52.26 16.67 -56.39
N HIS J 79 52.27 17.03 -57.68
CA HIS J 79 51.34 16.50 -58.67
C HIS J 79 52.11 16.16 -59.91
N VAL J 80 51.73 15.04 -60.54
CA VAL J 80 52.28 14.64 -61.82
C VAL J 80 51.19 15.06 -62.80
N VAL J 81 51.57 15.82 -63.81
CA VAL J 81 50.62 16.43 -64.73
C VAL J 81 50.97 16.22 -66.18
N ASP J 82 50.00 16.57 -67.04
CA ASP J 82 50.22 16.61 -68.47
C ASP J 82 50.32 18.08 -68.81
N TYR J 83 51.50 18.50 -69.25
CA TYR J 83 51.75 19.87 -69.66
C TYR J 83 52.26 19.85 -71.10
N THR J 84 51.42 20.33 -72.03
CA THR J 84 51.69 20.34 -73.50
C THR J 84 52.00 18.92 -74.03
N GLY J 85 51.40 17.91 -73.41
CA GLY J 85 51.60 16.50 -73.77
C GLY J 85 52.82 15.87 -73.10
N LEU J 86 53.50 16.60 -72.18
CA LEU J 86 54.67 16.07 -71.47
C LEU J 86 54.23 15.66 -70.05
N THR J 87 54.69 14.50 -69.56
CA THR J 87 54.37 14.06 -68.19
C THR J 87 55.44 14.65 -67.25
N ILE J 88 55.10 15.71 -66.51
CA ILE J 88 56.08 16.41 -65.67
C ILE J 88 55.52 16.74 -64.29
N ILE J 89 56.32 17.40 -63.44
CA ILE J 89 55.88 17.85 -62.10
C ILE J 89 55.22 19.21 -62.27
N GLY J 90 53.95 19.32 -61.86
CA GLY J 90 53.16 20.54 -62.03
C GLY J 90 52.98 21.38 -60.77
N LYS J 91 53.20 20.78 -59.61
CA LYS J 91 53.06 21.42 -58.30
C LYS J 91 53.94 20.69 -57.34
N LEU J 92 54.56 21.41 -56.41
CA LEU J 92 55.48 20.83 -55.43
C LEU J 92 55.49 21.67 -54.16
N THR J 93 55.54 20.98 -53.01
CA THR J 93 55.65 21.57 -51.69
C THR J 93 56.67 20.76 -50.92
N LEU J 94 57.51 21.42 -50.14
CA LEU J 94 58.42 20.74 -49.20
C LEU J 94 58.04 21.24 -47.80
N THR J 95 57.86 20.36 -46.84
CA THR J 95 57.53 20.76 -45.47
C THR J 95 58.65 20.33 -44.53
N THR J 96 59.03 21.23 -43.64
CA THR J 96 60.06 20.95 -42.66
C THR J 96 59.41 20.77 -41.29
N ASN J 97 60.22 20.51 -40.25
CA ASN J 97 59.73 20.39 -38.87
C ASN J 97 59.24 21.76 -38.36
N ARG J 98 59.55 22.85 -39.10
CA ARG J 98 59.21 24.21 -38.71
C ARG J 98 58.33 25.02 -39.68
N ARG J 99 58.46 24.81 -41.00
CA ARG J 99 57.73 25.62 -41.99
C ARG J 99 57.25 24.81 -43.20
N THR J 100 56.36 25.43 -44.00
CA THR J 100 55.89 24.88 -45.26
C THR J 100 56.56 25.72 -46.36
N PHE J 101 57.20 25.06 -47.35
CA PHE J 101 57.83 25.74 -48.48
C PHE J 101 57.01 25.33 -49.69
N GLY J 102 56.09 26.21 -50.09
CA GLY J 102 55.18 25.93 -51.18
C GLY J 102 53.73 26.02 -50.73
N PRO J 103 52.78 25.61 -51.58
CA PRO J 103 52.96 25.04 -52.92
C PRO J 103 53.41 26.01 -53.99
N PHE J 104 54.27 25.52 -54.91
CA PHE J 104 54.70 26.27 -56.08
C PHE J 104 54.23 25.50 -57.30
N GLY J 105 53.94 26.22 -58.37
CA GLY J 105 53.38 25.63 -59.57
C GLY J 105 51.86 25.72 -59.46
N ALA J 106 51.17 25.53 -60.56
CA ALA J 106 49.72 25.72 -60.51
C ALA J 106 48.95 24.64 -61.25
N TYR J 107 49.64 23.54 -61.62
CA TYR J 107 49.06 22.42 -62.36
C TYR J 107 48.86 21.21 -61.46
N GLU J 108 47.62 20.67 -61.49
CA GLU J 108 47.24 19.48 -60.75
C GLU J 108 46.93 18.36 -61.75
N GLY J 109 47.11 17.14 -61.27
CA GLY J 109 46.93 15.92 -62.05
C GLY J 109 46.79 14.77 -61.07
N THR J 110 47.84 13.96 -60.95
CA THR J 110 47.91 12.83 -60.00
C THR J 110 48.77 13.23 -58.79
N PRO J 111 48.17 13.44 -57.60
CA PRO J 111 49.00 13.84 -56.45
C PRO J 111 49.90 12.70 -55.93
N PHE J 112 51.09 13.07 -55.39
CA PHE J 112 52.02 12.12 -54.77
C PHE J 112 52.47 12.76 -53.49
N SER J 113 52.70 11.94 -52.45
CA SER J 113 53.11 12.43 -51.17
C SER J 113 54.06 11.47 -50.53
N ILE J 114 55.10 12.03 -49.92
CA ILE J 114 56.12 11.28 -49.19
C ILE J 114 56.11 11.88 -47.80
N PRO J 115 55.16 11.47 -46.93
CA PRO J 115 55.14 12.00 -45.56
C PRO J 115 56.14 11.20 -44.71
N VAL J 116 57.21 11.83 -44.26
CA VAL J 116 58.23 11.12 -43.49
C VAL J 116 57.88 11.25 -42.00
N ALA J 117 57.25 10.18 -41.46
CA ALA J 117 56.81 10.08 -40.06
C ALA J 117 58.02 9.99 -39.12
N GLU J 118 59.10 9.37 -39.58
CA GLU J 118 60.35 9.23 -38.84
C GLU J 118 61.49 9.22 -39.84
N GLY J 119 62.50 10.04 -39.60
CA GLY J 119 63.62 10.21 -40.53
C GLY J 119 63.52 11.56 -41.23
N LYS J 120 64.29 11.75 -42.29
CA LYS J 120 64.27 13.01 -43.07
C LYS J 120 64.56 12.81 -44.53
N ILE J 121 64.18 13.79 -45.38
CA ILE J 121 64.53 13.83 -46.79
C ILE J 121 65.94 14.40 -46.80
N ALA J 122 66.90 13.69 -47.41
CA ALA J 122 68.31 14.07 -47.37
C ALA J 122 68.97 14.29 -48.73
N GLY J 123 68.18 14.43 -49.76
CA GLY J 123 68.67 14.60 -51.12
C GLY J 123 67.58 14.33 -52.13
N PHE J 124 67.86 14.58 -53.40
CA PHE J 124 66.92 14.47 -54.48
C PHE J 124 67.57 13.80 -55.67
N PHE J 125 66.75 13.27 -56.55
CA PHE J 125 67.17 12.71 -57.83
C PHE J 125 65.95 12.81 -58.73
N GLY J 126 66.14 12.60 -60.02
CA GLY J 126 65.00 12.65 -60.95
C GLY J 126 65.41 12.75 -62.40
N ARG J 127 64.55 13.42 -63.17
CA ARG J 127 64.75 13.68 -64.59
CA ARG J 127 64.79 13.69 -64.58
C ARG J 127 64.43 15.14 -64.84
N ALA J 128 65.17 15.79 -65.76
CA ALA J 128 64.95 17.20 -66.10
C ALA J 128 65.45 17.53 -67.49
N GLY J 129 64.79 18.49 -68.11
CA GLY J 129 65.14 19.08 -69.41
C GLY J 129 64.94 20.57 -69.22
N SER J 130 63.95 21.15 -69.92
CA SER J 130 63.56 22.55 -69.68
C SER J 130 62.79 22.62 -68.33
N PHE J 131 62.15 21.51 -67.94
CA PHE J 131 61.35 21.47 -66.70
C PHE J 131 61.78 20.25 -65.85
N ILE J 132 61.19 20.07 -64.67
CA ILE J 132 61.44 18.91 -63.82
C ILE J 132 60.43 17.84 -64.29
N ASP J 133 60.90 16.88 -65.10
CA ASP J 133 60.04 15.79 -65.61
C ASP J 133 59.68 14.81 -64.50
N ALA J 134 60.66 14.48 -63.64
CA ALA J 134 60.48 13.51 -62.56
C ALA J 134 61.29 13.88 -61.35
N ILE J 135 60.85 13.42 -60.18
CA ILE J 135 61.55 13.71 -58.93
C ILE J 135 61.44 12.52 -57.97
N GLY J 136 62.44 12.39 -57.12
CA GLY J 136 62.55 11.37 -56.09
C GLY J 136 63.37 11.92 -54.94
N VAL J 137 63.41 11.21 -53.81
CA VAL J 137 64.18 11.68 -52.67
C VAL J 137 65.05 10.59 -52.04
N TYR J 138 66.14 11.00 -51.42
CA TYR J 138 66.98 10.16 -50.55
C TYR J 138 66.39 10.33 -49.17
N LEU J 139 66.40 9.26 -48.36
CA LEU J 139 65.91 9.29 -46.99
C LEU J 139 67.02 8.85 -46.05
N MET J 140 67.09 9.50 -44.89
CA MET J 140 68.08 9.16 -43.88
C MET J 140 67.43 9.18 -42.49
N PRO J 141 67.97 8.46 -41.48
CA PRO J 141 67.40 8.59 -40.13
C PRO J 141 67.72 9.97 -39.55
N ASN J 142 66.97 10.38 -38.53
CA ASN J 142 67.22 11.61 -37.78
C ASN J 142 68.04 11.28 -36.55
N ALA K 2 83.11 19.71 -38.16
CA ALA K 2 82.98 20.29 -39.51
C ALA K 2 82.35 19.31 -40.53
N GLY K 3 82.18 18.04 -40.13
CA GLY K 3 81.57 17.01 -40.96
C GLY K 3 82.48 16.33 -41.96
N ALA K 4 83.78 16.62 -41.90
CA ALA K 4 84.75 16.01 -42.82
C ALA K 4 85.22 14.66 -42.26
N ILE K 5 85.86 13.84 -43.10
CA ILE K 5 86.49 12.58 -42.65
C ILE K 5 87.99 12.76 -42.88
N LYS K 6 88.77 12.81 -41.79
CA LYS K 6 90.21 13.01 -41.89
C LYS K 6 90.91 11.83 -41.21
N VAL K 7 91.85 11.17 -41.90
CA VAL K 7 92.60 10.02 -41.37
CA VAL K 7 92.60 10.06 -41.34
C VAL K 7 94.09 10.40 -41.39
N GLY K 8 94.71 10.31 -40.24
CA GLY K 8 96.11 10.66 -40.06
C GLY K 8 96.25 11.54 -38.83
N THR K 9 97.46 12.11 -38.56
CA THR K 9 98.60 11.93 -39.48
C THR K 9 99.41 10.70 -39.14
N TRP K 10 100.33 10.35 -40.06
CA TRP K 10 101.40 9.39 -39.85
C TRP K 10 102.65 10.25 -39.99
N GLY K 11 103.64 10.04 -39.11
CA GLY K 11 104.89 10.81 -39.16
C GLY K 11 105.29 11.39 -37.82
N GLY K 12 106.26 12.29 -37.82
CA GLY K 12 106.77 12.91 -36.60
C GLY K 12 106.02 14.16 -36.17
N ASN K 13 106.55 14.80 -35.12
CA ASN K 13 105.99 16.00 -34.51
C ASN K 13 106.69 17.30 -34.88
N GLY K 14 107.66 17.21 -35.79
CA GLY K 14 108.42 18.36 -36.26
C GLY K 14 107.67 19.23 -37.25
N GLY K 15 108.28 20.35 -37.63
CA GLY K 15 107.68 21.28 -38.57
C GLY K 15 106.44 21.98 -38.02
N SER K 16 105.64 22.53 -38.95
CA SER K 16 104.40 23.28 -38.70
C SER K 16 103.21 22.57 -39.34
N GLU K 17 102.05 22.63 -38.71
CA GLU K 17 100.84 22.00 -39.26
C GLU K 17 100.43 22.69 -40.54
N TRP K 18 99.98 21.90 -41.53
CA TRP K 18 99.44 22.43 -42.78
C TRP K 18 98.17 21.65 -43.09
N ASP K 19 97.24 22.26 -43.84
CA ASP K 19 95.97 21.63 -44.09
C ASP K 19 95.37 22.22 -45.35
N MET K 20 95.35 21.41 -46.40
CA MET K 20 94.81 21.78 -47.69
C MET K 20 93.28 21.89 -47.64
N GLY K 21 92.65 21.09 -46.77
CA GLY K 21 91.20 20.98 -46.67
C GLY K 21 90.70 20.00 -47.74
N PRO K 22 89.39 19.66 -47.75
CA PRO K 22 88.90 18.76 -48.81
C PRO K 22 88.66 19.54 -50.10
N ALA K 23 88.87 18.91 -51.26
CA ALA K 23 88.68 19.57 -52.56
C ALA K 23 87.63 18.82 -53.37
N TYR K 24 86.93 19.55 -54.26
CA TYR K 24 85.94 18.96 -55.15
C TYR K 24 86.67 18.07 -56.15
N ARG K 25 87.85 18.52 -56.61
CA ARG K 25 88.68 17.76 -57.54
C ARG K 25 90.15 18.05 -57.30
N ILE K 26 90.97 16.99 -57.31
CA ILE K 26 92.42 17.13 -57.24
C ILE K 26 92.84 17.05 -58.71
N ASP K 27 93.48 18.13 -59.20
CA ASP K 27 93.90 18.27 -60.59
C ASP K 27 95.28 17.68 -60.85
N SER K 28 96.23 17.90 -59.92
CA SER K 28 97.58 17.36 -60.07
C SER K 28 98.31 17.34 -58.76
N VAL K 29 99.30 16.43 -58.64
CA VAL K 29 100.15 16.35 -57.47
C VAL K 29 101.60 16.31 -57.94
N LYS K 30 102.46 17.06 -57.28
CA LYS K 30 103.91 17.04 -57.52
C LYS K 30 104.61 16.65 -56.21
N ILE K 31 105.41 15.59 -56.23
CA ILE K 31 106.20 15.15 -55.07
C ILE K 31 107.68 15.41 -55.33
N ASN K 32 108.35 16.12 -54.41
CA ASN K 32 109.80 16.29 -54.51
C ASN K 32 110.43 15.34 -53.52
N ALA K 33 111.38 14.54 -53.99
CA ALA K 33 112.02 13.53 -53.17
C ALA K 33 113.47 13.26 -53.56
N GLY K 34 114.25 12.79 -52.60
CA GLY K 34 115.63 12.35 -52.75
C GLY K 34 115.75 11.11 -51.90
N ASP K 35 116.48 11.20 -50.79
CA ASP K 35 116.54 10.08 -49.83
C ASP K 35 115.19 10.02 -49.12
N ILE K 36 114.54 11.19 -48.92
CA ILE K 36 113.26 11.28 -48.18
C ILE K 36 112.22 12.13 -48.96
N ILE K 37 111.06 12.43 -48.35
CA ILE K 37 110.05 13.26 -49.04
C ILE K 37 110.27 14.69 -48.62
N ASP K 38 110.73 15.52 -49.57
CA ASP K 38 110.99 16.94 -49.30
C ASP K 38 109.73 17.79 -49.33
N ALA K 39 108.85 17.54 -50.30
CA ALA K 39 107.67 18.35 -50.52
C ALA K 39 106.58 17.63 -51.25
N ILE K 40 105.36 18.17 -51.14
CA ILE K 40 104.17 17.74 -51.87
C ILE K 40 103.46 19.02 -52.25
N GLU K 41 103.09 19.12 -53.50
CA GLU K 41 102.41 20.31 -54.02
C GLU K 41 101.16 19.85 -54.75
N ILE K 42 99.99 20.35 -54.33
CA ILE K 42 98.72 19.93 -54.88
C ILE K 42 98.01 21.09 -55.55
N THR K 43 97.53 20.85 -56.78
CA THR K 43 96.68 21.78 -57.54
C THR K 43 95.31 21.16 -57.46
N PHE K 44 94.35 21.92 -56.95
CA PHE K 44 93.02 21.42 -56.73
C PHE K 44 91.96 22.49 -56.98
N THR K 45 90.70 22.04 -57.14
CA THR K 45 89.56 22.91 -57.42
C THR K 45 88.50 22.72 -56.34
N ARG K 46 87.98 23.84 -55.84
CA ARG K 46 86.95 23.91 -54.82
C ARG K 46 86.26 25.29 -54.92
N TYR K 47 84.92 25.33 -54.83
CA TYR K 47 84.12 26.56 -54.84
C TYR K 47 84.35 27.47 -56.07
N GLY K 48 84.58 26.85 -57.23
CA GLY K 48 84.86 27.54 -58.47
C GLY K 48 86.22 28.20 -58.49
N LEU K 49 87.13 27.75 -57.60
CA LEU K 49 88.48 28.28 -57.52
C LEU K 49 89.51 27.17 -57.63
N THR K 50 90.52 27.40 -58.47
CA THR K 50 91.63 26.47 -58.64
C THR K 50 92.84 27.14 -58.02
N GLU K 51 93.61 26.41 -57.20
CA GLU K 51 94.84 26.94 -56.63
C GLU K 51 95.87 25.85 -56.44
N THR K 52 97.13 26.25 -56.36
CA THR K 52 98.24 25.36 -56.13
C THR K 52 98.81 25.69 -54.77
N GLN K 53 99.00 24.67 -53.94
CA GLN K 53 99.57 24.85 -52.61
C GLN K 53 100.78 23.93 -52.49
N HIS K 54 101.93 24.48 -52.10
CA HIS K 54 103.18 23.75 -51.90
C HIS K 54 103.43 23.60 -50.41
N TYR K 55 103.71 22.37 -49.97
CA TYR K 55 104.01 22.07 -48.57
C TYR K 55 105.38 21.41 -48.51
N GLY K 56 106.21 21.83 -47.57
CA GLY K 56 107.56 21.30 -47.48
C GLY K 56 108.59 22.24 -48.05
N GLY K 57 109.83 21.76 -48.19
CA GLY K 57 110.97 22.56 -48.63
C GLY K 57 111.26 22.59 -50.11
N THR K 58 112.48 23.04 -50.44
CA THR K 58 112.96 23.25 -51.82
C THR K 58 113.83 22.11 -52.40
N GLY K 59 114.16 21.10 -51.59
CA GLY K 59 115.01 19.99 -52.01
C GLY K 59 114.34 18.89 -52.80
N GLY K 60 115.14 17.89 -53.20
CA GLY K 60 114.68 16.73 -53.94
C GLY K 60 114.35 16.91 -55.40
N GLU K 61 114.23 15.79 -56.11
CA GLU K 61 113.84 15.75 -57.51
C GLU K 61 112.30 15.74 -57.63
N PRO K 62 111.71 16.50 -58.60
CA PRO K 62 110.25 16.49 -58.73
C PRO K 62 109.68 15.38 -59.62
N HIS K 63 108.49 14.92 -59.25
CA HIS K 63 107.72 13.92 -59.96
C HIS K 63 106.30 14.43 -59.96
N GLU K 64 105.61 14.35 -61.08
CA GLU K 64 104.25 14.88 -61.18
C GLU K 64 103.25 13.92 -61.82
N ILE K 65 101.99 13.99 -61.36
CA ILE K 65 100.86 13.24 -61.91
C ILE K 65 99.73 14.25 -62.21
N ALA K 66 99.24 14.26 -63.45
CA ALA K 66 98.10 15.12 -63.81
C ALA K 66 96.93 14.15 -63.97
N PHE K 67 95.89 14.26 -63.13
CA PHE K 67 94.76 13.31 -63.15
C PHE K 67 93.90 13.39 -64.40
N GLU K 68 93.59 12.23 -65.00
CA GLU K 68 92.73 12.17 -66.19
C GLU K 68 91.28 12.31 -65.76
N ASP K 69 90.38 12.52 -66.73
CA ASP K 69 88.94 12.61 -66.47
C ASP K 69 88.50 11.27 -65.88
N GLY K 70 87.84 11.31 -64.73
CA GLY K 70 87.39 10.11 -64.03
C GLY K 70 88.44 9.40 -63.19
N GLU K 71 89.67 9.96 -63.11
CA GLU K 71 90.76 9.39 -62.33
C GLU K 71 90.78 10.05 -60.95
N TYR K 72 90.89 9.24 -59.90
CA TYR K 72 90.89 9.71 -58.51
C TYR K 72 91.86 8.89 -57.69
N ILE K 73 92.33 9.43 -56.57
CA ILE K 73 93.29 8.75 -55.70
C ILE K 73 92.54 7.73 -54.85
N MET K 74 92.98 6.48 -54.90
CA MET K 74 92.29 5.47 -54.08
C MET K 74 93.23 4.77 -53.08
N SER K 75 94.48 5.27 -52.89
CA SER K 75 95.41 4.70 -51.91
C SER K 75 96.58 5.65 -51.71
N MET K 76 97.10 5.65 -50.47
CA MET K 76 98.35 6.32 -50.12
C MET K 76 99.09 5.33 -49.21
N GLU K 77 100.41 5.17 -49.41
CA GLU K 77 101.21 4.32 -48.51
C GLU K 77 102.61 4.83 -48.44
N GLY K 78 103.29 4.55 -47.34
CA GLY K 78 104.66 5.04 -47.18
C GLY K 78 105.36 4.56 -45.93
N HIS K 79 106.44 5.26 -45.55
CA HIS K 79 107.21 4.90 -44.35
C HIS K 79 107.50 6.17 -43.55
N VAL K 80 107.42 6.03 -42.21
CA VAL K 80 107.81 7.05 -41.23
C VAL K 80 109.23 6.62 -40.89
N VAL K 81 110.19 7.54 -41.03
CA VAL K 81 111.59 7.19 -40.90
C VAL K 81 112.37 8.11 -39.98
N ASP K 82 113.57 7.65 -39.57
CA ASP K 82 114.48 8.51 -38.81
C ASP K 82 115.50 8.99 -39.82
N TYR K 83 115.52 10.30 -40.07
CA TYR K 83 116.44 10.91 -41.02
C TYR K 83 117.17 12.03 -40.33
N THR K 84 118.48 11.89 -40.13
CA THR K 84 119.32 12.90 -39.47
C THR K 84 118.75 13.31 -38.08
N GLY K 85 118.15 12.34 -37.37
CA GLY K 85 117.56 12.56 -36.05
C GLY K 85 116.16 13.17 -36.07
N LEU K 86 115.55 13.25 -37.25
CA LEU K 86 114.18 13.76 -37.41
C LEU K 86 113.24 12.62 -37.74
N THR K 87 112.00 12.63 -37.22
CA THR K 87 111.01 11.61 -37.57
C THR K 87 110.14 12.21 -38.71
N ILE K 88 110.34 11.75 -39.95
CA ILE K 88 109.63 12.33 -41.11
C ILE K 88 109.14 11.26 -42.11
N ILE K 89 108.53 11.67 -43.24
CA ILE K 89 108.07 10.72 -44.26
C ILE K 89 109.26 10.45 -45.17
N GLY K 90 109.70 9.18 -45.21
CA GLY K 90 110.86 8.81 -46.02
C GLY K 90 110.54 8.19 -47.37
N LYS K 91 109.31 7.68 -47.52
CA LYS K 91 108.86 7.06 -48.77
C LYS K 91 107.38 7.34 -48.93
N LEU K 92 106.93 7.59 -50.15
CA LEU K 92 105.51 7.86 -50.41
C LEU K 92 105.06 7.41 -51.80
N THR K 93 103.84 6.82 -51.87
CA THR K 93 103.20 6.38 -53.10
C THR K 93 101.75 6.82 -53.03
N LEU K 94 101.19 7.23 -54.17
CA LEU K 94 99.76 7.49 -54.32
C LEU K 94 99.31 6.53 -55.43
N THR K 95 98.19 5.82 -55.21
CA THR K 95 97.67 4.94 -56.25
C THR K 95 96.33 5.48 -56.70
N THR K 96 96.09 5.49 -58.02
CA THR K 96 94.79 5.88 -58.54
C THR K 96 94.07 4.62 -59.03
N ASN K 97 92.86 4.80 -59.57
CA ASN K 97 92.06 3.72 -60.15
C ASN K 97 92.68 3.25 -61.48
N ARG K 98 93.73 3.95 -61.96
CA ARG K 98 94.38 3.67 -63.23
C ARG K 98 95.89 3.48 -63.21
N ARG K 99 96.62 4.13 -62.28
CA ARG K 99 98.10 4.13 -62.25
C ARG K 99 98.67 4.19 -60.83
N THR K 100 99.96 3.82 -60.68
CA THR K 100 100.70 3.91 -59.42
C THR K 100 101.72 5.04 -59.55
N PHE K 101 101.61 6.05 -58.68
CA PHE K 101 102.51 7.21 -58.66
C PHE K 101 103.51 6.99 -57.55
N GLY K 102 104.70 6.57 -57.94
CA GLY K 102 105.73 6.25 -56.98
C GLY K 102 106.05 4.78 -56.92
N PRO K 103 106.77 4.30 -55.88
CA PRO K 103 107.25 5.04 -54.68
C PRO K 103 108.34 6.05 -54.93
N PHE K 104 108.32 7.14 -54.17
CA PHE K 104 109.37 8.16 -54.17
C PHE K 104 109.99 8.14 -52.79
N GLY K 105 111.27 8.50 -52.72
CA GLY K 105 112.03 8.46 -51.48
C GLY K 105 112.77 7.14 -51.36
N ALA K 106 113.79 7.07 -50.51
CA ALA K 106 114.59 5.85 -50.36
C ALA K 106 114.61 5.25 -48.94
N TYR K 107 114.30 6.03 -47.90
CA TYR K 107 114.36 5.57 -46.52
C TYR K 107 113.15 4.73 -46.13
N GLU K 108 113.39 3.70 -45.30
CA GLU K 108 112.34 2.85 -44.76
C GLU K 108 112.36 2.91 -43.24
N GLY K 109 111.23 2.56 -42.65
CA GLY K 109 111.05 2.58 -41.20
C GLY K 109 109.78 1.87 -40.84
N THR K 110 108.80 2.62 -40.29
CA THR K 110 107.51 2.08 -39.92
C THR K 110 106.51 2.38 -41.05
N PRO K 111 105.98 1.33 -41.70
CA PRO K 111 105.02 1.56 -42.78
C PRO K 111 103.64 1.97 -42.34
N PHE K 112 102.95 2.70 -43.23
CA PHE K 112 101.55 3.07 -43.11
C PHE K 112 100.95 2.88 -44.50
N SER K 113 99.63 2.62 -44.55
CA SER K 113 98.96 2.40 -45.80
C SER K 113 97.48 2.65 -45.61
N ILE K 114 96.89 3.40 -46.53
CA ILE K 114 95.46 3.67 -46.45
C ILE K 114 94.81 3.32 -47.80
N PRO K 115 94.57 2.01 -48.05
CA PRO K 115 93.87 1.64 -49.29
C PRO K 115 92.40 2.04 -49.14
N VAL K 116 91.83 2.70 -50.15
CA VAL K 116 90.44 3.12 -50.11
C VAL K 116 89.67 2.10 -50.97
N ALA K 117 88.91 1.19 -50.34
CA ALA K 117 88.13 0.17 -51.08
C ALA K 117 86.90 0.79 -51.75
N GLU K 118 86.35 1.82 -51.12
CA GLU K 118 85.19 2.55 -51.61
C GLU K 118 85.34 4.00 -51.24
N GLY K 119 85.26 4.88 -52.24
CA GLY K 119 85.42 6.31 -52.02
C GLY K 119 86.72 6.79 -52.62
N LYS K 120 87.19 7.97 -52.19
CA LYS K 120 88.44 8.53 -52.71
C LYS K 120 89.16 9.39 -51.69
N ILE K 121 90.45 9.60 -51.90
CA ILE K 121 91.22 10.56 -51.09
C ILE K 121 90.97 11.92 -51.80
N ALA K 122 90.45 12.91 -51.06
CA ALA K 122 90.01 14.23 -51.59
C ALA K 122 90.82 15.42 -51.11
N GLY K 123 91.93 15.17 -50.43
CA GLY K 123 92.78 16.24 -49.92
C GLY K 123 93.78 15.72 -48.93
N PHE K 124 94.65 16.61 -48.44
CA PHE K 124 95.74 16.22 -47.54
C PHE K 124 95.91 17.21 -46.41
N PHE K 125 96.58 16.78 -45.36
CA PHE K 125 96.99 17.62 -44.22
C PHE K 125 98.20 16.96 -43.65
N GLY K 126 98.96 17.68 -42.84
CA GLY K 126 100.18 17.11 -42.31
C GLY K 126 100.98 18.13 -41.57
N ARG K 127 102.31 17.89 -41.51
CA ARG K 127 103.27 18.78 -40.86
C ARG K 127 104.43 18.90 -41.85
N ALA K 128 105.07 20.07 -41.88
CA ALA K 128 106.16 20.30 -42.81
C ALA K 128 107.06 21.42 -42.34
N GLY K 129 108.31 21.35 -42.77
CA GLY K 129 109.35 22.34 -42.52
C GLY K 129 110.13 22.35 -43.81
N SER K 130 111.40 21.91 -43.78
CA SER K 130 112.16 21.75 -45.02
C SER K 130 111.78 20.38 -45.65
N PHE K 131 111.10 19.51 -44.87
CA PHE K 131 110.68 18.19 -45.35
C PHE K 131 109.23 17.95 -44.99
N ILE K 132 108.68 16.82 -45.47
CA ILE K 132 107.33 16.40 -45.06
C ILE K 132 107.46 15.59 -43.78
N ASP K 133 107.20 16.23 -42.64
CA ASP K 133 107.29 15.58 -41.34
C ASP K 133 106.18 14.57 -41.14
N ALA K 134 104.97 14.92 -41.58
CA ALA K 134 103.78 14.08 -41.37
C ALA K 134 102.76 14.30 -42.47
N ILE K 135 101.88 13.29 -42.68
CA ILE K 135 100.88 13.44 -43.73
C ILE K 135 99.59 12.73 -43.31
N GLY K 136 98.47 13.18 -43.85
CA GLY K 136 97.13 12.63 -43.62
C GLY K 136 96.25 12.92 -44.83
N VAL K 137 95.09 12.27 -44.89
CA VAL K 137 94.17 12.43 -46.02
C VAL K 137 92.74 12.76 -45.59
N TYR K 138 92.01 13.49 -46.46
CA TYR K 138 90.58 13.73 -46.35
C TYR K 138 89.94 12.64 -47.21
N LEU K 139 88.79 12.09 -46.79
CA LEU K 139 88.08 11.08 -47.58
C LEU K 139 86.69 11.55 -47.94
N MET K 140 86.23 11.14 -49.12
CA MET K 140 84.90 11.48 -49.61
C MET K 140 84.38 10.30 -50.42
N PRO K 141 83.05 10.13 -50.55
CA PRO K 141 82.56 9.03 -51.39
C PRO K 141 82.75 9.38 -52.88
N ASN K 142 82.61 8.39 -53.76
CA ASN K 142 82.72 8.65 -55.19
C ASN K 142 81.38 9.05 -55.81
N GLY L 3 78.73 4.53 -52.68
CA GLY L 3 78.44 5.73 -51.88
C GLY L 3 79.00 5.73 -50.47
N ALA L 4 79.63 4.63 -50.03
CA ALA L 4 80.21 4.54 -48.70
C ALA L 4 81.68 4.92 -48.73
N ILE L 5 82.29 5.00 -47.53
CA ILE L 5 83.72 5.25 -47.41
C ILE L 5 84.29 4.02 -46.68
N LYS L 6 85.02 3.18 -47.41
CA LYS L 6 85.61 1.96 -46.85
C LYS L 6 87.12 2.01 -46.99
N VAL L 7 87.85 1.84 -45.88
CA VAL L 7 89.31 1.83 -45.92
C VAL L 7 89.82 0.47 -45.50
N GLY L 8 90.82 0.00 -46.20
CA GLY L 8 91.35 -1.34 -46.06
C GLY L 8 90.99 -2.10 -47.33
N THR L 9 91.13 -3.43 -47.35
CA THR L 9 91.55 -4.24 -46.19
C THR L 9 93.06 -4.26 -46.00
N TRP L 10 93.48 -4.70 -44.81
CA TRP L 10 94.85 -5.05 -44.47
C TRP L 10 94.74 -6.52 -44.10
N GLY L 11 95.66 -7.35 -44.59
CA GLY L 11 95.66 -8.78 -44.32
C GLY L 11 95.78 -9.60 -45.59
N GLY L 12 95.61 -10.90 -45.45
CA GLY L 12 95.74 -11.86 -46.56
C GLY L 12 94.52 -12.10 -47.40
N ASN L 13 94.67 -13.02 -48.37
CA ASN L 13 93.64 -13.37 -49.36
C ASN L 13 92.81 -14.59 -49.00
N GLY L 14 93.16 -15.24 -47.90
CA GLY L 14 92.46 -16.43 -47.41
C GLY L 14 91.09 -16.15 -46.82
N GLY L 15 90.37 -17.23 -46.53
CA GLY L 15 89.04 -17.20 -45.93
C GLY L 15 87.97 -16.65 -46.86
N SER L 16 86.82 -16.26 -46.30
CA SER L 16 85.70 -15.75 -47.10
C SER L 16 85.42 -14.29 -46.80
N GLU L 17 84.93 -13.56 -47.80
CA GLU L 17 84.54 -12.15 -47.62
C GLU L 17 83.39 -12.00 -46.65
N TRP L 18 83.47 -10.97 -45.81
CA TRP L 18 82.41 -10.59 -44.86
C TRP L 18 82.29 -9.08 -44.82
N ASP L 19 81.08 -8.61 -44.54
CA ASP L 19 80.80 -7.18 -44.57
C ASP L 19 79.62 -6.86 -43.69
N MET L 20 79.86 -6.07 -42.64
CA MET L 20 78.84 -5.67 -41.69
C MET L 20 77.96 -4.55 -42.26
N GLY L 21 78.53 -3.75 -43.15
CA GLY L 21 77.89 -2.54 -43.64
C GLY L 21 78.08 -1.42 -42.62
N PRO L 22 77.80 -0.14 -42.98
CA PRO L 22 78.00 0.93 -42.01
C PRO L 22 76.86 1.04 -41.01
N ALA L 23 77.14 1.54 -39.83
CA ALA L 23 76.06 1.70 -38.84
C ALA L 23 76.24 2.99 -38.09
N TYR L 24 75.14 3.71 -37.92
CA TYR L 24 75.12 4.99 -37.20
C TYR L 24 75.57 4.85 -35.76
N ARG L 25 75.37 3.66 -35.17
CA ARG L 25 75.77 3.44 -33.80
C ARG L 25 76.34 2.04 -33.59
N ILE L 26 77.54 1.95 -33.05
CA ILE L 26 78.15 0.66 -32.69
C ILE L 26 77.95 0.56 -31.15
N ASP L 27 77.25 -0.48 -30.69
CA ASP L 27 76.95 -0.68 -29.27
C ASP L 27 78.07 -1.39 -28.52
N SER L 28 78.62 -2.44 -29.13
CA SER L 28 79.67 -3.24 -28.49
C SER L 28 80.51 -4.00 -29.48
N VAL L 29 81.74 -4.33 -29.08
CA VAL L 29 82.66 -5.12 -29.89
C VAL L 29 83.20 -6.19 -28.96
N LYS L 30 83.32 -7.42 -29.46
CA LYS L 30 83.90 -8.55 -28.74
C LYS L 30 84.97 -9.18 -29.63
N ILE L 31 86.23 -9.19 -29.17
CA ILE L 31 87.32 -9.78 -29.95
C ILE L 31 87.79 -11.06 -29.24
N ASN L 32 87.97 -12.17 -29.99
CA ASN L 32 88.54 -13.40 -29.43
C ASN L 32 89.96 -13.50 -29.97
N ALA L 33 90.92 -13.62 -29.05
CA ALA L 33 92.32 -13.65 -29.47
C ALA L 33 93.18 -14.52 -28.57
N GLY L 34 94.13 -15.19 -29.19
CA GLY L 34 95.16 -15.99 -28.51
C GLY L 34 96.47 -15.36 -28.96
N ASP L 35 97.25 -16.10 -29.76
CA ASP L 35 98.46 -15.49 -30.33
C ASP L 35 98.10 -14.57 -31.49
N ILE L 36 96.94 -14.81 -32.12
CA ILE L 36 96.47 -14.04 -33.28
C ILE L 36 94.98 -13.65 -33.08
N ILE L 37 94.39 -12.96 -34.05
CA ILE L 37 92.99 -12.54 -33.96
C ILE L 37 92.12 -13.63 -34.55
N ASP L 38 91.38 -14.33 -33.68
CA ASP L 38 90.49 -15.43 -34.09
C ASP L 38 89.18 -14.94 -34.62
N ALA L 39 88.58 -13.97 -33.94
CA ALA L 39 87.24 -13.48 -34.29
C ALA L 39 86.96 -12.08 -33.81
N ILE L 40 86.01 -11.43 -34.49
CA ILE L 40 85.47 -10.13 -34.13
C ILE L 40 83.94 -10.23 -34.23
N GLU L 41 83.27 -9.77 -33.19
CA GLU L 41 81.80 -9.79 -33.09
C GLU L 41 81.34 -8.38 -32.75
N ILE L 42 80.45 -7.83 -33.57
CA ILE L 42 79.99 -6.45 -33.39
C ILE L 42 78.46 -6.40 -33.20
N THR L 43 77.99 -5.63 -32.22
CA THR L 43 76.58 -5.34 -31.98
C THR L 43 76.40 -3.86 -32.38
N PHE L 44 75.44 -3.60 -33.25
CA PHE L 44 75.22 -2.26 -33.78
C PHE L 44 73.72 -2.00 -33.94
N THR L 45 73.35 -0.69 -34.00
CA THR L 45 71.94 -0.29 -34.16
CA THR L 45 71.95 -0.29 -34.15
C THR L 45 71.83 0.64 -35.34
N ARG L 46 70.93 0.31 -36.24
CA ARG L 46 70.68 1.10 -37.44
C ARG L 46 69.28 0.84 -37.96
N TYR L 47 68.63 1.92 -38.42
CA TYR L 47 67.30 1.90 -39.05
C TYR L 47 66.21 1.25 -38.18
N GLY L 48 66.34 1.43 -36.86
CA GLY L 48 65.35 0.98 -35.89
C GLY L 48 65.56 -0.39 -35.26
N LEU L 49 66.67 -1.07 -35.61
CA LEU L 49 66.96 -2.40 -35.10
C LEU L 49 68.40 -2.56 -34.67
N THR L 50 68.59 -3.40 -33.62
CA THR L 50 69.90 -3.78 -33.10
C THR L 50 70.21 -5.15 -33.69
N GLU L 51 71.48 -5.38 -34.02
CA GLU L 51 71.90 -6.64 -34.61
C GLU L 51 73.31 -6.98 -34.16
N THR L 52 73.61 -8.29 -34.08
CA THR L 52 74.94 -8.81 -33.72
C THR L 52 75.44 -9.68 -34.85
N GLN L 53 76.69 -9.46 -35.28
CA GLN L 53 77.29 -10.28 -36.34
C GLN L 53 78.65 -10.77 -35.86
N HIS L 54 78.95 -12.07 -36.03
CA HIS L 54 80.24 -12.67 -35.63
C HIS L 54 80.98 -13.09 -36.89
N TYR L 55 82.26 -12.77 -36.93
CA TYR L 55 83.14 -13.09 -38.05
C TYR L 55 84.38 -13.76 -37.50
N GLY L 56 84.82 -14.83 -38.15
CA GLY L 56 85.98 -15.59 -37.69
C GLY L 56 85.61 -16.88 -37.00
N GLY L 57 86.61 -17.50 -36.36
CA GLY L 57 86.47 -18.81 -35.72
C GLY L 57 86.01 -18.86 -34.29
N THR L 58 86.26 -20.02 -33.64
CA THR L 58 85.81 -20.27 -32.27
C THR L 58 86.95 -20.24 -31.22
N GLY L 59 88.19 -20.06 -31.67
CA GLY L 59 89.36 -20.03 -30.79
C GLY L 59 89.58 -18.70 -30.11
N GLY L 60 90.60 -18.64 -29.26
CA GLY L 60 91.03 -17.46 -28.54
C GLY L 60 90.22 -17.07 -27.32
N GLU L 61 90.79 -16.22 -26.46
CA GLU L 61 90.10 -15.75 -25.27
C GLU L 61 89.26 -14.53 -25.61
N PRO L 62 88.04 -14.41 -25.03
CA PRO L 62 87.20 -13.25 -25.35
C PRO L 62 87.53 -11.97 -24.58
N HIS L 63 87.28 -10.82 -25.22
CA HIS L 63 87.46 -9.50 -24.63
C HIS L 63 86.31 -8.71 -25.19
N GLU L 64 85.63 -7.93 -24.35
CA GLU L 64 84.43 -7.21 -24.78
C GLU L 64 84.39 -5.82 -24.20
N ILE L 65 83.84 -4.86 -24.97
CA ILE L 65 83.66 -3.47 -24.58
C ILE L 65 82.24 -3.05 -24.94
N ALA L 66 81.51 -2.43 -24.00
CA ALA L 66 80.15 -1.92 -24.18
C ALA L 66 80.31 -0.42 -24.25
N PHE L 67 80.07 0.16 -25.43
CA PHE L 67 80.25 1.59 -25.61
C PHE L 67 79.22 2.44 -24.86
N GLU L 68 79.70 3.47 -24.19
CA GLU L 68 78.85 4.42 -23.44
C GLU L 68 78.15 5.32 -24.46
N ASP L 69 77.13 6.07 -24.02
CA ASP L 69 76.45 7.06 -24.86
C ASP L 69 77.49 8.14 -25.16
N GLY L 70 77.60 8.51 -26.43
CA GLY L 70 78.59 9.50 -26.86
C GLY L 70 79.99 8.93 -27.08
N GLU L 71 80.18 7.61 -26.88
CA GLU L 71 81.47 6.95 -27.09
C GLU L 71 81.47 6.35 -28.51
N TYR L 72 82.52 6.64 -29.27
CA TYR L 72 82.63 6.18 -30.66
C TYR L 72 84.07 5.78 -30.93
N ILE L 73 84.27 4.93 -31.93
CA ILE L 73 85.59 4.44 -32.35
C ILE L 73 86.32 5.51 -33.16
N MET L 74 87.52 5.87 -32.68
CA MET L 74 88.39 6.91 -33.22
C MET L 74 89.60 6.38 -33.95
N SER L 75 90.01 5.14 -33.65
CA SER L 75 91.20 4.58 -34.28
C SER L 75 91.19 3.05 -34.24
N MET L 76 91.90 2.43 -35.19
CA MET L 76 92.14 1.00 -35.28
C MET L 76 93.62 0.88 -35.64
N GLU L 77 94.35 0.00 -34.93
CA GLU L 77 95.77 -0.24 -35.22
C GLU L 77 95.99 -1.73 -35.06
N GLY L 78 96.84 -2.30 -35.90
CA GLY L 78 97.13 -3.73 -35.78
C GLY L 78 98.33 -4.16 -36.60
N HIS L 79 98.50 -5.47 -36.76
CA HIS L 79 99.60 -6.05 -37.52
C HIS L 79 99.11 -7.14 -38.44
N VAL L 80 99.67 -7.13 -39.65
CA VAL L 80 99.45 -8.18 -40.65
C VAL L 80 100.68 -9.10 -40.47
N VAL L 81 100.42 -10.38 -40.17
CA VAL L 81 101.46 -11.34 -39.82
C VAL L 81 101.46 -12.61 -40.66
N ASP L 82 102.56 -13.38 -40.57
CA ASP L 82 102.63 -14.69 -41.17
C ASP L 82 102.41 -15.63 -39.99
N TYR L 83 101.27 -16.34 -39.98
CA TYR L 83 100.95 -17.29 -38.93
C TYR L 83 100.73 -18.64 -39.59
N THR L 84 101.69 -19.57 -39.42
CA THR L 84 101.68 -20.94 -39.99
C THR L 84 101.59 -20.91 -41.54
N GLY L 85 102.10 -19.85 -42.15
CA GLY L 85 102.07 -19.66 -43.61
C GLY L 85 100.86 -18.89 -44.09
N LEU L 86 99.94 -18.54 -43.17
CA LEU L 86 98.75 -17.76 -43.52
C LEU L 86 99.04 -16.28 -43.26
N THR L 87 98.59 -15.38 -44.16
CA THR L 87 98.73 -13.93 -43.95
C THR L 87 97.41 -13.48 -43.29
N ILE L 88 97.46 -13.16 -42.00
CA ILE L 88 96.25 -12.86 -41.21
C ILE L 88 96.50 -11.69 -40.27
N ILE L 89 95.49 -11.32 -39.47
CA ILE L 89 95.65 -10.25 -38.48
C ILE L 89 96.17 -10.87 -37.19
N GLY L 90 97.37 -10.44 -36.76
CA GLY L 90 98.03 -10.97 -35.57
C GLY L 90 97.85 -10.18 -34.30
N LYS L 91 97.48 -8.90 -34.42
CA LYS L 91 97.30 -8.01 -33.29
C LYS L 91 96.33 -6.93 -33.67
N LEU L 92 95.49 -6.47 -32.73
CA LEU L 92 94.47 -5.47 -33.04
C LEU L 92 94.11 -4.67 -31.79
N THR L 93 93.90 -3.34 -31.98
CA THR L 93 93.49 -2.41 -30.95
C THR L 93 92.45 -1.48 -31.57
N LEU L 94 91.42 -1.13 -30.78
CA LEU L 94 90.42 -0.13 -31.15
C LEU L 94 90.49 0.90 -30.06
N THR L 95 90.50 2.18 -30.42
CA THR L 95 90.52 3.27 -29.45
C THR L 95 89.29 4.13 -29.68
N THR L 96 88.62 4.50 -28.59
CA THR L 96 87.47 5.37 -28.65
C THR L 96 87.90 6.76 -28.17
N ASN L 97 86.95 7.71 -28.09
CA ASN L 97 87.22 9.06 -27.55
C ASN L 97 87.48 9.03 -26.05
N ARG L 98 87.27 7.87 -25.40
CA ARG L 98 87.43 7.73 -23.95
C ARG L 98 88.34 6.59 -23.49
N ARG L 99 88.41 5.45 -24.21
CA ARG L 99 89.18 4.28 -23.76
C ARG L 99 89.98 3.61 -24.89
N THR L 100 90.91 2.72 -24.49
CA THR L 100 91.69 1.87 -25.37
C THR L 100 91.17 0.45 -25.16
N PHE L 101 90.84 -0.23 -26.27
CA PHE L 101 90.37 -1.60 -26.26
C PHE L 101 91.41 -2.41 -27.01
N GLY L 102 92.27 -3.06 -26.25
CA GLY L 102 93.41 -3.79 -26.80
C GLY L 102 94.72 -3.26 -26.25
N PRO L 103 95.87 -3.70 -26.79
CA PRO L 103 96.01 -4.64 -27.92
C PRO L 103 95.69 -6.08 -27.52
N PHE L 104 95.04 -6.82 -28.43
CA PHE L 104 94.76 -8.25 -28.27
C PHE L 104 95.55 -8.96 -29.34
N GLY L 105 95.95 -10.20 -29.10
CA GLY L 105 96.80 -10.92 -30.03
C GLY L 105 98.25 -10.69 -29.64
N ALA L 106 99.16 -11.53 -30.13
CA ALA L 106 100.57 -11.45 -29.71
C ALA L 106 101.57 -11.47 -30.88
N TYR L 107 101.06 -11.46 -32.11
CA TYR L 107 101.91 -11.50 -33.28
C TYR L 107 102.03 -10.15 -33.96
N GLU L 108 103.27 -9.77 -34.26
CA GLU L 108 103.57 -8.54 -35.00
C GLU L 108 104.21 -8.89 -36.35
N GLY L 109 104.08 -7.99 -37.31
CA GLY L 109 104.61 -8.16 -38.67
C GLY L 109 104.68 -6.81 -39.33
N THR L 110 103.76 -6.53 -40.25
CA THR L 110 103.63 -5.24 -40.95
C THR L 110 102.49 -4.45 -40.26
N PRO L 111 102.79 -3.32 -39.59
CA PRO L 111 101.72 -2.58 -38.91
C PRO L 111 100.84 -1.79 -39.85
N PHE L 112 99.60 -1.57 -39.41
CA PHE L 112 98.65 -0.70 -40.09
C PHE L 112 98.00 0.11 -38.99
N SER L 113 97.60 1.35 -39.30
CA SER L 113 96.93 2.21 -38.34
C SER L 113 96.03 3.16 -39.05
N ILE L 114 94.85 3.37 -38.47
CA ILE L 114 93.82 4.29 -39.00
C ILE L 114 93.45 5.26 -37.92
N PRO L 115 94.22 6.36 -37.77
CA PRO L 115 93.87 7.34 -36.75
C PRO L 115 92.85 8.30 -37.35
N VAL L 116 91.62 8.28 -36.87
CA VAL L 116 90.59 9.18 -37.42
C VAL L 116 90.64 10.51 -36.64
N ALA L 117 91.24 11.53 -37.28
CA ALA L 117 91.39 12.88 -36.73
C ALA L 117 90.04 13.60 -36.74
N GLU L 118 89.16 13.24 -37.68
CA GLU L 118 87.82 13.81 -37.78
C GLU L 118 86.90 12.78 -38.39
N GLY L 119 85.80 12.50 -37.72
CA GLY L 119 84.87 11.48 -38.15
C GLY L 119 84.95 10.29 -37.21
N LYS L 120 84.43 9.13 -37.63
CA LYS L 120 84.45 7.94 -36.80
C LYS L 120 84.48 6.64 -37.62
N ILE L 121 84.90 5.56 -36.97
CA ILE L 121 84.83 4.22 -37.52
C ILE L 121 83.38 3.80 -37.27
N ALA L 122 82.70 3.34 -38.30
CA ALA L 122 81.27 3.04 -38.27
C ALA L 122 80.90 1.63 -38.71
N GLY L 123 81.88 0.75 -38.80
CA GLY L 123 81.59 -0.61 -39.26
C GLY L 123 82.86 -1.28 -39.70
N PHE L 124 82.74 -2.58 -40.00
CA PHE L 124 83.89 -3.38 -40.39
C PHE L 124 83.54 -4.26 -41.57
N PHE L 125 84.56 -4.68 -42.30
CA PHE L 125 84.47 -5.65 -43.40
C PHE L 125 85.83 -6.35 -43.45
N GLY L 126 85.91 -7.46 -44.16
CA GLY L 126 87.19 -8.17 -44.25
C GLY L 126 87.05 -9.54 -44.84
N ARG L 127 87.95 -10.44 -44.41
CA ARG L 127 87.96 -11.85 -44.81
C ARG L 127 88.16 -12.65 -43.53
N ALA L 128 87.54 -13.85 -43.46
CA ALA L 128 87.62 -14.71 -42.28
C ALA L 128 87.37 -16.18 -42.61
N GLY L 129 88.04 -17.05 -41.86
CA GLY L 129 87.89 -18.50 -41.88
C GLY L 129 87.87 -18.92 -40.43
N SER L 130 88.90 -19.67 -39.98
CA SER L 130 89.05 -20.00 -38.57
C SER L 130 89.56 -18.74 -37.83
N PHE L 131 90.22 -17.82 -38.57
CA PHE L 131 90.76 -16.57 -37.99
C PHE L 131 90.32 -15.36 -38.82
N ILE L 132 90.75 -14.16 -38.42
CA ILE L 132 90.47 -12.92 -39.18
C ILE L 132 91.64 -12.78 -40.14
N ASP L 133 91.44 -13.20 -41.40
CA ASP L 133 92.46 -13.10 -42.44
C ASP L 133 92.75 -11.65 -42.79
N ALA L 134 91.67 -10.85 -42.86
CA ALA L 134 91.79 -9.45 -43.28
C ALA L 134 90.70 -8.61 -42.66
N ILE L 135 90.99 -7.32 -42.46
CA ILE L 135 90.05 -6.38 -41.83
C ILE L 135 90.15 -4.99 -42.50
N GLY L 136 89.03 -4.30 -42.47
CA GLY L 136 88.88 -2.94 -43.00
C GLY L 136 87.77 -2.24 -42.23
N VAL L 137 87.63 -0.93 -42.39
CA VAL L 137 86.60 -0.20 -41.67
C VAL L 137 85.78 0.74 -42.54
N TYR L 138 84.53 0.98 -42.14
CA TYR L 138 83.66 2.00 -42.72
C TYR L 138 83.96 3.26 -41.92
N LEU L 139 83.93 4.41 -42.58
CA LEU L 139 84.12 5.71 -41.96
C LEU L 139 82.92 6.58 -42.21
N MET L 140 82.52 7.35 -41.21
CA MET L 140 81.38 8.25 -41.34
C MET L 140 81.75 9.55 -40.64
N PRO L 141 81.13 10.70 -41.00
CA PRO L 141 81.38 11.93 -40.23
C PRO L 141 80.82 11.82 -38.82
N ASN L 142 81.32 12.67 -37.91
CA ASN L 142 80.99 12.81 -36.47
C ASN L 142 81.53 11.65 -35.62
N ALA M 2 -38.59 2.67 30.16
CA ALA M 2 -38.99 3.98 29.62
C ALA M 2 -38.53 5.14 30.55
N GLY M 3 -37.44 4.91 31.29
CA GLY M 3 -36.81 5.89 32.17
C GLY M 3 -37.46 6.15 33.52
N ALA M 4 -38.49 5.38 33.88
CA ALA M 4 -39.14 5.56 35.18
C ALA M 4 -38.39 4.80 36.29
N ILE M 5 -38.76 5.05 37.54
CA ILE M 5 -38.25 4.33 38.70
C ILE M 5 -39.49 3.68 39.34
N LYS M 6 -39.59 2.36 39.24
CA LYS M 6 -40.67 1.55 39.79
C LYS M 6 -40.09 0.61 40.81
N VAL M 7 -40.63 0.63 42.03
CA VAL M 7 -40.22 -0.25 43.12
C VAL M 7 -41.41 -1.08 43.57
N GLY M 8 -41.25 -2.39 43.55
CA GLY M 8 -42.30 -3.35 43.86
C GLY M 8 -42.34 -4.41 42.79
N THR M 9 -43.33 -5.35 42.83
CA THR M 9 -44.40 -5.34 43.81
C THR M 9 -44.08 -6.09 45.09
N TRP M 10 -44.92 -5.84 46.10
CA TRP M 10 -45.01 -6.62 47.33
C TRP M 10 -46.45 -7.15 47.26
N GLY M 11 -46.61 -8.41 47.62
CA GLY M 11 -47.92 -9.07 47.58
C GLY M 11 -47.91 -10.40 46.88
N GLY M 12 -49.11 -10.86 46.53
CA GLY M 12 -49.30 -12.15 45.87
C GLY M 12 -49.24 -12.11 44.36
N ASN M 13 -49.44 -13.29 43.73
CA ASN M 13 -49.40 -13.47 42.28
C ASN M 13 -50.78 -13.57 41.64
N GLY M 14 -51.82 -13.43 42.46
CA GLY M 14 -53.22 -13.47 42.03
C GLY M 14 -53.64 -12.18 41.39
N GLY M 15 -54.90 -12.14 40.93
CA GLY M 15 -55.44 -10.98 40.25
C GLY M 15 -54.78 -10.72 38.90
N SER M 16 -55.03 -9.56 38.33
CA SER M 16 -54.52 -9.10 37.05
C SER M 16 -53.64 -7.91 37.30
N GLU M 17 -52.58 -7.77 36.50
CA GLU M 17 -51.69 -6.62 36.64
C GLU M 17 -52.40 -5.33 36.28
N TRP M 18 -52.09 -4.26 37.01
CA TRP M 18 -52.55 -2.88 36.75
C TRP M 18 -51.40 -1.93 36.90
N ASP M 19 -51.51 -0.77 36.26
CA ASP M 19 -50.43 0.20 36.28
C ASP M 19 -50.99 1.53 35.89
N MET M 20 -50.97 2.50 36.80
CA MET M 20 -51.48 3.84 36.45
C MET M 20 -50.42 4.68 35.76
N GLY M 21 -49.16 4.26 35.82
CA GLY M 21 -48.04 5.00 35.27
C GLY M 21 -47.63 6.15 36.18
N PRO M 22 -46.55 6.89 35.84
CA PRO M 22 -46.17 8.05 36.66
C PRO M 22 -47.07 9.25 36.38
N ALA M 23 -47.28 10.12 37.35
CA ALA M 23 -48.13 11.31 37.19
C ALA M 23 -47.40 12.56 37.68
N TYR M 24 -47.82 13.74 37.21
CA TYR M 24 -47.24 15.02 37.64
C TYR M 24 -47.63 15.32 39.09
N ARG M 25 -48.87 14.97 39.44
CA ARG M 25 -49.41 15.16 40.79
C ARG M 25 -50.44 14.11 41.08
N ILE M 26 -50.45 13.63 42.32
CA ILE M 26 -51.47 12.70 42.81
C ILE M 26 -52.42 13.64 43.54
N ASP M 27 -53.65 13.78 43.02
CA ASP M 27 -54.62 14.71 43.61
C ASP M 27 -55.26 14.13 44.85
N SER M 28 -55.67 12.85 44.79
CA SER M 28 -56.36 12.20 45.91
C SER M 28 -56.24 10.70 45.85
N VAL M 29 -56.37 10.06 47.02
CA VAL M 29 -56.31 8.62 47.15
C VAL M 29 -57.53 8.18 47.98
N LYS M 30 -58.25 7.16 47.50
CA LYS M 30 -59.38 6.54 48.17
C LYS M 30 -59.03 5.07 48.38
N ILE M 31 -59.01 4.62 49.63
CA ILE M 31 -58.71 3.23 49.96
C ILE M 31 -59.95 2.58 50.56
N ASN M 32 -60.40 1.44 49.99
CA ASN M 32 -61.50 0.69 50.57
C ASN M 32 -60.89 -0.46 51.28
N ALA M 33 -61.29 -0.65 52.55
CA ALA M 33 -60.72 -1.70 53.37
C ALA M 33 -61.72 -2.23 54.40
N GLY M 34 -61.47 -3.44 54.88
CA GLY M 34 -62.21 -4.14 55.92
C GLY M 34 -61.17 -4.94 56.68
N ASP M 35 -61.19 -6.27 56.55
CA ASP M 35 -60.17 -7.16 57.14
C ASP M 35 -58.85 -6.96 56.37
N ILE M 36 -58.96 -6.64 55.06
CA ILE M 36 -57.84 -6.48 54.14
C ILE M 36 -58.05 -5.26 53.24
N ILE M 37 -57.16 -5.05 52.22
CA ILE M 37 -57.34 -3.93 51.30
C ILE M 37 -58.12 -4.42 50.10
N ASP M 38 -59.34 -3.90 49.91
CA ASP M 38 -60.22 -4.29 48.81
C ASP M 38 -59.90 -3.52 47.55
N ALA M 39 -59.68 -2.21 47.68
CA ALA M 39 -59.45 -1.32 46.56
C ALA M 39 -58.59 -0.12 46.89
N ILE M 40 -57.96 0.45 45.85
CA ILE M 40 -57.22 1.70 45.87
C ILE M 40 -57.66 2.45 44.61
N GLU M 41 -58.09 3.68 44.80
CA GLU M 41 -58.57 4.50 43.72
C GLU M 41 -57.78 5.79 43.73
N ILE M 42 -57.08 6.08 42.64
CA ILE M 42 -56.24 7.26 42.57
C ILE M 42 -56.74 8.25 41.53
N THR M 43 -56.79 9.52 41.90
CA THR M 43 -57.12 10.64 41.01
C THR M 43 -55.80 11.35 40.82
N PHE M 44 -55.37 11.47 39.57
CA PHE M 44 -54.08 12.04 39.24
C PHE M 44 -54.15 12.95 38.02
N THR M 45 -53.18 13.86 37.90
CA THR M 45 -53.07 14.77 36.77
C THR M 45 -51.78 14.49 36.02
N ARG M 46 -51.89 14.43 34.70
CA ARG M 46 -50.84 14.12 33.77
C ARG M 46 -51.27 14.67 32.39
N TYR M 47 -50.35 15.38 31.70
CA TYR M 47 -50.51 15.97 30.36
C TYR M 47 -51.78 16.87 30.22
N GLY M 48 -52.01 17.69 31.24
CA GLY M 48 -53.15 18.60 31.32
C GLY M 48 -54.48 17.93 31.61
N LEU M 49 -54.49 16.59 31.72
CA LEU M 49 -55.70 15.81 31.97
C LEU M 49 -55.74 15.18 33.36
N THR M 50 -56.90 15.24 34.01
CA THR M 50 -57.13 14.64 35.33
C THR M 50 -58.04 13.43 35.12
N GLU M 51 -57.67 12.30 35.73
CA GLU M 51 -58.51 11.11 35.65
C GLU M 51 -58.54 10.38 36.95
N THR M 52 -59.50 9.47 37.11
CA THR M 52 -59.66 8.68 38.31
C THR M 52 -59.64 7.23 37.89
N GLN M 53 -58.75 6.45 38.51
CA GLN M 53 -58.63 5.04 38.18
C GLN M 53 -58.83 4.21 39.42
N HIS M 54 -59.70 3.21 39.32
CA HIS M 54 -60.06 2.32 40.42
C HIS M 54 -59.47 0.95 40.17
N TYR M 55 -58.78 0.44 41.17
CA TYR M 55 -58.20 -0.88 41.11
C TYR M 55 -58.71 -1.63 42.32
N GLY M 56 -59.07 -2.90 42.10
CA GLY M 56 -59.62 -3.77 43.15
C GLY M 56 -61.13 -3.89 43.05
N GLY M 57 -61.74 -4.49 44.07
CA GLY M 57 -63.19 -4.73 44.13
C GLY M 57 -64.07 -3.61 44.67
N THR M 58 -65.34 -3.95 44.91
CA THR M 58 -66.39 -3.04 45.41
C THR M 58 -66.59 -3.10 46.94
N GLY M 59 -65.93 -4.03 47.62
CA GLY M 59 -66.03 -4.22 49.07
C GLY M 59 -65.28 -3.22 49.93
N GLY M 60 -65.39 -3.41 51.26
CA GLY M 60 -64.75 -2.58 52.28
C GLY M 60 -65.28 -1.17 52.43
N GLU M 61 -64.96 -0.51 53.56
CA GLU M 61 -65.40 0.87 53.85
C GLU M 61 -64.42 1.91 53.27
N PRO M 62 -64.93 3.03 52.69
CA PRO M 62 -64.03 4.00 52.06
C PRO M 62 -63.33 4.99 52.99
N HIS M 63 -62.07 5.31 52.66
CA HIS M 63 -61.22 6.26 53.36
C HIS M 63 -60.59 7.12 52.27
N GLU M 64 -60.65 8.44 52.41
CA GLU M 64 -60.15 9.35 51.38
C GLU M 64 -59.32 10.50 51.93
N ILE M 65 -58.32 10.91 51.13
CA ILE M 65 -57.40 12.02 51.42
C ILE M 65 -57.24 12.87 50.17
N ALA M 66 -57.43 14.17 50.30
CA ALA M 66 -57.26 15.13 49.21
C ALA M 66 -56.01 15.93 49.58
N PHE M 67 -54.94 15.76 48.79
CA PHE M 67 -53.66 16.41 49.10
C PHE M 67 -53.68 17.89 48.89
N GLU M 68 -53.11 18.61 49.87
CA GLU M 68 -52.96 20.05 49.90
C GLU M 68 -51.87 20.47 48.91
N ASP M 69 -51.83 21.77 48.58
CA ASP M 69 -50.78 22.36 47.74
C ASP M 69 -49.48 22.18 48.52
N GLY M 70 -48.47 21.58 47.88
CA GLY M 70 -47.19 21.31 48.51
C GLY M 70 -47.15 20.05 49.38
N GLU M 71 -48.18 19.19 49.28
CA GLU M 71 -48.25 17.93 50.02
C GLU M 71 -48.00 16.77 49.07
N TYR M 72 -47.04 15.89 49.44
CA TYR M 72 -46.64 14.75 48.60
C TYR M 72 -46.47 13.50 49.43
N ILE M 73 -46.65 12.32 48.82
CA ILE M 73 -46.50 11.03 49.51
C ILE M 73 -45.01 10.71 49.65
N MET M 74 -44.54 10.48 50.88
CA MET M 74 -43.13 10.18 51.05
C MET M 74 -42.89 8.80 51.69
N SER M 75 -43.96 8.01 51.89
CA SER M 75 -43.81 6.68 52.45
C SER M 75 -45.04 5.84 52.19
N MET M 76 -44.82 4.53 52.10
CA MET M 76 -45.88 3.51 52.00
C MET M 76 -45.45 2.37 52.87
N GLU M 77 -46.36 1.86 53.70
CA GLU M 77 -46.10 0.73 54.58
C GLU M 77 -47.31 -0.20 54.55
N GLY M 78 -47.07 -1.48 54.74
CA GLY M 78 -48.18 -2.44 54.78
C GLY M 78 -47.74 -3.85 55.11
N HIS M 79 -48.68 -4.80 54.99
CA HIS M 79 -48.44 -6.21 55.23
C HIS M 79 -48.97 -7.06 54.07
N VAL M 80 -48.22 -8.12 53.75
CA VAL M 80 -48.54 -9.17 52.76
C VAL M 80 -49.07 -10.30 53.67
N VAL M 81 -50.36 -10.64 53.49
CA VAL M 81 -51.04 -11.61 54.36
C VAL M 81 -51.57 -12.83 53.61
N ASP M 82 -51.83 -13.93 54.37
CA ASP M 82 -52.50 -15.11 53.84
C ASP M 82 -53.96 -14.91 54.29
N TYR M 83 -54.85 -14.62 53.34
CA TYR M 83 -56.27 -14.33 53.58
C TYR M 83 -57.18 -15.28 52.79
N THR M 84 -57.93 -16.14 53.51
CA THR M 84 -58.85 -17.14 52.91
C THR M 84 -58.15 -17.93 51.78
N GLY M 85 -56.87 -18.25 51.97
CA GLY M 85 -56.03 -18.98 51.02
C GLY M 85 -55.37 -18.14 49.94
N LEU M 86 -55.61 -16.81 49.94
CA LEU M 86 -55.04 -15.84 48.98
C LEU M 86 -53.93 -14.98 49.60
N THR M 87 -52.82 -14.75 48.84
CA THR M 87 -51.71 -13.87 49.28
C THR M 87 -52.03 -12.45 48.77
N ILE M 88 -52.43 -11.54 49.68
CA ILE M 88 -52.86 -10.20 49.29
C ILE M 88 -52.32 -9.11 50.23
N ILE M 89 -52.67 -7.87 49.96
CA ILE M 89 -52.29 -6.77 50.86
C ILE M 89 -53.40 -6.67 51.91
N GLY M 90 -53.04 -6.91 53.17
CA GLY M 90 -53.98 -6.90 54.28
C GLY M 90 -54.03 -5.62 55.10
N LYS M 91 -52.93 -4.84 55.08
CA LYS M 91 -52.85 -3.57 55.78
C LYS M 91 -52.03 -2.60 54.94
N LEU M 92 -52.50 -1.35 54.84
CA LEU M 92 -51.83 -0.29 54.08
C LEU M 92 -51.90 1.10 54.73
N THR M 93 -50.78 1.86 54.64
CA THR M 93 -50.65 3.24 55.10
C THR M 93 -49.84 4.03 54.08
N LEU M 94 -50.25 5.26 53.81
CA LEU M 94 -49.49 6.21 53.00
C LEU M 94 -49.18 7.36 53.95
N THR M 95 -47.93 7.86 53.93
CA THR M 95 -47.54 8.99 54.79
C THR M 95 -47.09 10.13 53.88
N THR M 96 -47.56 11.33 54.16
CA THR M 96 -47.14 12.49 53.40
C THR M 96 -46.14 13.26 54.27
N ASN M 97 -45.71 14.43 53.81
CA ASN M 97 -44.81 15.30 54.57
C ASN M 97 -45.56 16.01 55.70
N ARG M 98 -46.91 15.87 55.73
CA ARG M 98 -47.76 16.54 56.70
C ARG M 98 -48.69 15.63 57.48
N ARG M 99 -49.12 14.49 56.90
CA ARG M 99 -50.12 13.62 57.51
C ARG M 99 -49.89 12.12 57.32
N THR M 100 -50.54 11.30 58.16
CA THR M 100 -50.58 9.84 58.02
C THR M 100 -51.98 9.48 57.51
N PHE M 101 -52.04 8.69 56.43
CA PHE M 101 -53.30 8.21 55.85
C PHE M 101 -53.30 6.72 56.04
N GLY M 102 -53.86 6.28 57.18
CA GLY M 102 -53.92 4.89 57.60
C GLY M 102 -53.52 4.67 59.04
N PRO M 103 -53.25 3.41 59.46
CA PRO M 103 -53.35 2.17 58.67
C PRO M 103 -54.78 1.73 58.40
N PHE M 104 -55.02 1.15 57.21
CA PHE M 104 -56.33 0.60 56.85
C PHE M 104 -56.17 -0.90 56.64
N GLY M 105 -57.22 -1.66 56.95
CA GLY M 105 -57.17 -3.11 56.92
C GLY M 105 -56.80 -3.65 58.29
N ALA M 106 -57.09 -4.93 58.58
CA ALA M 106 -56.82 -5.51 59.89
C ALA M 106 -55.71 -6.56 59.93
N TYR M 107 -55.59 -7.41 58.89
CA TYR M 107 -54.61 -8.50 58.84
C TYR M 107 -53.15 -8.07 58.78
N GLU M 108 -52.27 -8.93 59.34
CA GLU M 108 -50.82 -8.74 59.35
C GLU M 108 -50.12 -10.03 58.89
N GLY M 109 -48.87 -9.91 58.47
CA GLY M 109 -48.08 -11.03 58.00
C GLY M 109 -46.63 -10.64 57.82
N THR M 110 -46.19 -10.55 56.55
CA THR M 110 -44.84 -10.13 56.21
C THR M 110 -44.93 -8.61 55.92
N PRO M 111 -44.39 -7.77 56.84
CA PRO M 111 -44.46 -6.32 56.61
C PRO M 111 -43.54 -5.85 55.49
N PHE M 112 -43.88 -4.71 54.88
CA PHE M 112 -43.06 -4.10 53.84
C PHE M 112 -43.12 -2.59 54.02
N SER M 113 -42.03 -1.91 53.68
CA SER M 113 -42.04 -0.45 53.78
C SER M 113 -41.14 0.15 52.74
N ILE M 114 -41.59 1.28 52.20
CA ILE M 114 -40.80 2.04 51.26
C ILE M 114 -40.68 3.48 51.84
N PRO M 115 -39.74 3.70 52.78
CA PRO M 115 -39.56 5.06 53.32
C PRO M 115 -38.75 5.89 52.33
N VAL M 116 -39.35 6.96 51.77
CA VAL M 116 -38.65 7.78 50.78
C VAL M 116 -37.94 8.94 51.51
N ALA M 117 -36.61 8.75 51.74
CA ALA M 117 -35.77 9.72 52.43
C ALA M 117 -35.62 11.03 51.64
N GLU M 118 -35.61 10.93 50.30
CA GLU M 118 -35.51 12.04 49.38
C GLU M 118 -36.25 11.67 48.11
N GLY M 119 -37.21 12.50 47.74
CA GLY M 119 -38.06 12.28 46.58
C GLY M 119 -39.50 12.04 46.99
N LYS M 120 -40.31 11.52 46.07
CA LYS M 120 -41.73 11.28 46.38
C LYS M 120 -42.31 10.11 45.63
N ILE M 121 -43.40 9.55 46.14
CA ILE M 121 -44.15 8.50 45.46
C ILE M 121 -45.07 9.26 44.46
N ALA M 122 -44.97 8.92 43.18
CA ALA M 122 -45.68 9.63 42.12
C ALA M 122 -46.65 8.76 41.32
N GLY M 123 -46.93 7.58 41.83
CA GLY M 123 -47.81 6.66 41.15
C GLY M 123 -47.75 5.28 41.72
N PHE M 124 -48.66 4.43 41.24
CA PHE M 124 -48.82 3.07 41.69
C PHE M 124 -48.97 2.05 40.56
N PHE M 125 -48.64 0.80 40.87
CA PHE M 125 -48.86 -0.34 39.99
C PHE M 125 -49.07 -1.53 40.92
N GLY M 126 -49.62 -2.62 40.40
CA GLY M 126 -49.86 -3.77 41.24
C GLY M 126 -50.61 -4.89 40.56
N ARG M 127 -51.38 -5.63 41.36
CA ARG M 127 -52.21 -6.74 40.90
C ARG M 127 -53.50 -6.62 41.68
N ALA M 128 -54.64 -6.91 41.02
CA ALA M 128 -55.94 -6.78 41.70
C ALA M 128 -57.00 -7.59 41.01
N GLY M 129 -57.97 -8.01 41.81
CA GLY M 129 -59.16 -8.73 41.36
C GLY M 129 -60.30 -8.12 42.15
N SER M 130 -60.84 -8.88 43.11
CA SER M 130 -61.87 -8.33 44.00
C SER M 130 -61.15 -7.58 45.14
N PHE M 131 -59.83 -7.88 45.37
CA PHE M 131 -58.98 -7.27 46.41
C PHE M 131 -57.69 -6.74 45.78
N ILE M 132 -56.83 -6.08 46.61
CA ILE M 132 -55.52 -5.63 46.11
C ILE M 132 -54.54 -6.76 46.39
N ASP M 133 -54.21 -7.52 45.35
CA ASP M 133 -53.29 -8.64 45.47
C ASP M 133 -51.85 -8.21 45.70
N ALA M 134 -51.43 -7.14 45.01
CA ALA M 134 -50.05 -6.65 45.10
C ALA M 134 -50.02 -5.15 44.86
N ILE M 135 -48.95 -4.47 45.33
CA ILE M 135 -48.85 -3.02 45.14
C ILE M 135 -47.36 -2.67 44.99
N GLY M 136 -47.11 -1.59 44.27
CA GLY M 136 -45.79 -1.04 43.97
C GLY M 136 -45.93 0.47 43.73
N VAL M 137 -44.82 1.20 43.72
CA VAL M 137 -44.89 2.66 43.54
C VAL M 137 -43.90 3.13 42.49
N TYR M 138 -44.21 4.26 41.85
CA TYR M 138 -43.33 5.03 40.97
C TYR M 138 -42.68 6.05 41.88
N LEU M 139 -41.38 6.38 41.64
CA LEU M 139 -40.67 7.39 42.43
C LEU M 139 -40.16 8.47 41.50
N MET M 140 -40.18 9.71 41.99
CA MET M 140 -39.76 10.91 41.26
C MET M 140 -39.08 11.86 42.25
N PRO M 141 -38.15 12.74 41.81
CA PRO M 141 -37.52 13.65 42.78
C PRO M 141 -38.48 14.75 43.27
N ASN M 142 -38.11 15.42 44.39
CA ASN M 142 -38.80 16.52 45.09
C ASN M 142 -40.08 16.06 45.77
N GLY N 3 -32.75 16.70 44.98
CA GLY N 3 -33.14 16.14 43.69
C GLY N 3 -32.75 14.69 43.46
N ALA N 4 -32.36 13.99 44.54
CA ALA N 4 -31.96 12.57 44.49
C ALA N 4 -33.13 11.70 44.92
N ILE N 5 -33.10 10.40 44.56
CA ILE N 5 -34.13 9.45 45.00
C ILE N 5 -33.44 8.51 45.96
N LYS N 6 -33.79 8.63 47.25
CA LYS N 6 -33.20 7.86 48.34
C LYS N 6 -34.29 7.12 49.07
N VAL N 7 -34.11 5.81 49.24
CA VAL N 7 -35.10 4.99 49.91
C VAL N 7 -34.43 4.26 51.06
N GLY N 8 -35.04 4.36 52.22
CA GLY N 8 -34.53 3.81 53.45
C GLY N 8 -34.41 4.91 54.48
N THR N 9 -33.72 4.69 55.58
CA THR N 9 -32.99 3.46 55.90
C THR N 9 -33.88 2.43 56.58
N TRP N 10 -33.33 1.24 56.77
CA TRP N 10 -33.87 0.12 57.53
C TRP N 10 -32.72 -0.25 58.45
N GLY N 11 -33.01 -0.44 59.74
CA GLY N 11 -32.01 -0.76 60.75
C GLY N 11 -32.07 0.16 61.95
N GLY N 12 -31.07 0.05 62.81
CA GLY N 12 -30.99 0.80 64.06
C GLY N 12 -30.42 2.20 64.01
N ASN N 13 -30.28 2.79 65.22
CA ASN N 13 -29.80 4.16 65.43
C ASN N 13 -28.35 4.24 65.89
N GLY N 14 -27.72 3.08 66.08
CA GLY N 14 -26.33 2.97 66.47
C GLY N 14 -25.38 3.41 65.38
N GLY N 15 -24.08 3.39 65.69
CA GLY N 15 -23.04 3.80 64.76
C GLY N 15 -23.09 5.26 64.35
N SER N 16 -22.44 5.58 63.23
CA SER N 16 -22.39 6.93 62.67
C SER N 16 -22.95 6.90 61.27
N GLU N 17 -23.52 8.03 60.83
CA GLU N 17 -24.07 8.15 59.49
C GLU N 17 -22.98 8.10 58.42
N TRP N 18 -23.30 7.45 57.31
CA TRP N 18 -22.45 7.38 56.13
C TRP N 18 -23.30 7.55 54.89
N ASP N 19 -22.69 8.02 53.82
CA ASP N 19 -23.38 8.34 52.57
C ASP N 19 -22.41 8.33 51.42
N MET N 20 -22.63 7.39 50.49
CA MET N 20 -21.81 7.22 49.30
C MET N 20 -22.15 8.28 48.24
N GLY N 21 -23.41 8.72 48.23
CA GLY N 21 -23.95 9.58 47.19
C GLY N 21 -24.33 8.70 46.00
N PRO N 22 -25.08 9.20 44.99
CA PRO N 22 -25.43 8.35 43.85
C PRO N 22 -24.29 8.24 42.83
N ALA N 23 -24.22 7.14 42.12
CA ALA N 23 -23.19 6.97 41.09
C ALA N 23 -23.77 6.31 39.87
N TYR N 24 -23.48 6.86 38.68
CA TYR N 24 -23.95 6.37 37.37
C TYR N 24 -23.44 4.96 37.10
N ARG N 25 -22.29 4.61 37.68
CA ARG N 25 -21.72 3.29 37.51
C ARG N 25 -21.16 2.71 38.81
N ILE N 26 -21.67 1.55 39.21
CA ILE N 26 -21.13 0.81 40.36
C ILE N 26 -20.27 -0.29 39.75
N ASP N 27 -18.95 -0.31 40.06
CA ASP N 27 -18.00 -1.26 39.47
C ASP N 27 -17.93 -2.58 40.23
N SER N 28 -17.93 -2.51 41.56
CA SER N 28 -17.86 -3.70 42.40
C SER N 28 -18.40 -3.43 43.79
N VAL N 29 -18.78 -4.51 44.47
CA VAL N 29 -19.27 -4.49 45.85
C VAL N 29 -18.54 -5.63 46.56
N LYS N 30 -18.08 -5.36 47.78
CA LYS N 30 -17.44 -6.32 48.66
C LYS N 30 -18.21 -6.26 49.97
N ILE N 31 -18.77 -7.39 50.39
CA ILE N 31 -19.51 -7.46 51.64
C ILE N 31 -18.73 -8.39 52.56
N ASN N 32 -18.56 -7.98 53.82
CA ASN N 32 -17.93 -8.78 54.86
C ASN N 32 -19.04 -9.16 55.83
N ALA N 33 -19.15 -10.46 56.11
CA ALA N 33 -20.23 -10.97 56.93
C ALA N 33 -19.83 -12.26 57.66
N GLY N 34 -20.43 -12.45 58.81
CA GLY N 34 -20.27 -13.63 59.66
C GLY N 34 -21.68 -14.05 60.03
N ASP N 35 -22.07 -13.82 61.29
CA ASP N 35 -23.44 -14.04 61.74
C ASP N 35 -24.31 -12.90 61.21
N ILE N 36 -23.73 -11.69 61.10
CA ILE N 36 -24.42 -10.46 60.68
C ILE N 36 -23.60 -9.73 59.59
N ILE N 37 -24.07 -8.53 59.18
CA ILE N 37 -23.34 -7.75 58.18
C ILE N 37 -22.32 -6.85 58.87
N ASP N 38 -21.02 -7.14 58.67
CA ASP N 38 -19.95 -6.37 59.30
C ASP N 38 -19.62 -5.11 58.52
N ALA N 39 -19.51 -5.25 57.21
CA ALA N 39 -19.07 -4.19 56.33
C ALA N 39 -19.57 -4.27 54.91
N ILE N 40 -19.64 -3.11 54.26
CA ILE N 40 -19.95 -2.98 52.84
C ILE N 40 -18.93 -2.01 52.25
N GLU N 41 -18.33 -2.42 51.13
CA GLU N 41 -17.29 -1.64 50.45
C GLU N 41 -17.65 -1.53 48.98
N ILE N 42 -17.79 -0.30 48.49
CA ILE N 42 -18.24 -0.09 47.13
C ILE N 42 -17.18 0.64 46.28
N THR N 43 -16.93 0.15 45.07
CA THR N 43 -16.08 0.78 44.07
C THR N 43 -17.06 1.31 43.03
N PHE N 44 -16.95 2.59 42.73
CA PHE N 44 -17.85 3.27 41.78
C PHE N 44 -17.07 4.26 40.93
N THR N 45 -17.64 4.65 39.78
CA THR N 45 -17.04 5.61 38.84
C THR N 45 -18.09 6.69 38.54
N ARG N 46 -17.72 7.96 38.73
CA ARG N 46 -18.60 9.10 38.46
C ARG N 46 -17.76 10.34 38.27
N TYR N 47 -18.24 11.21 37.37
CA TYR N 47 -17.64 12.53 37.07
C TYR N 47 -16.14 12.47 36.73
N GLY N 48 -15.73 11.37 36.10
CA GLY N 48 -14.38 11.15 35.63
C GLY N 48 -13.42 10.43 36.55
N LEU N 49 -13.88 10.01 37.73
CA LEU N 49 -13.02 9.33 38.71
C LEU N 49 -13.65 8.12 39.31
N THR N 50 -12.81 7.10 39.57
CA THR N 50 -13.17 5.86 40.25
C THR N 50 -12.79 6.06 41.71
N GLU N 51 -13.61 5.53 42.64
CA GLU N 51 -13.36 5.64 44.08
CA GLU N 51 -13.38 5.65 44.08
C GLU N 51 -13.88 4.40 44.81
N THR N 52 -13.20 4.02 45.88
CA THR N 52 -13.60 2.92 46.75
C THR N 52 -13.93 3.53 48.13
N GLN N 53 -15.10 3.15 48.67
CA GLN N 53 -15.52 3.58 50.02
C GLN N 53 -15.90 2.36 50.88
N HIS N 54 -15.27 2.25 52.07
CA HIS N 54 -15.53 1.15 53.03
C HIS N 54 -16.33 1.64 54.21
N TYR N 55 -17.42 0.94 54.51
CA TYR N 55 -18.29 1.26 55.64
C TYR N 55 -18.41 0.06 56.54
N GLY N 56 -18.39 0.30 57.86
CA GLY N 56 -18.46 -0.78 58.83
C GLY N 56 -17.08 -1.24 59.29
N GLY N 57 -17.04 -2.34 60.03
CA GLY N 57 -15.84 -2.86 60.68
C GLY N 57 -14.89 -3.71 59.88
N THR N 58 -14.03 -4.42 60.61
CA THR N 58 -12.96 -5.28 60.07
C THR N 58 -13.29 -6.78 60.13
N GLY N 59 -14.39 -7.16 60.79
CA GLY N 59 -14.81 -8.55 60.93
C GLY N 59 -15.50 -9.18 59.73
N GLY N 60 -15.80 -10.47 59.84
CA GLY N 60 -16.51 -11.26 58.82
C GLY N 60 -15.66 -11.70 57.65
N GLU N 61 -16.16 -12.68 56.89
CA GLU N 61 -15.47 -13.18 55.69
C GLU N 61 -15.84 -12.35 54.47
N PRO N 62 -14.88 -12.03 53.58
CA PRO N 62 -15.21 -11.22 52.39
C PRO N 62 -15.90 -12.00 51.26
N HIS N 63 -16.78 -11.30 50.51
CA HIS N 63 -17.47 -11.79 49.33
C HIS N 63 -17.48 -10.61 48.39
N GLU N 64 -17.05 -10.82 47.15
CA GLU N 64 -16.93 -9.74 46.19
C GLU N 64 -17.51 -10.09 44.83
N ILE N 65 -18.14 -9.10 44.20
CA ILE N 65 -18.71 -9.16 42.85
C ILE N 65 -18.14 -7.98 42.05
N ALA N 66 -17.60 -8.25 40.85
CA ALA N 66 -17.12 -7.21 39.95
C ALA N 66 -18.17 -7.20 38.86
N PHE N 67 -18.87 -6.08 38.67
CA PHE N 67 -19.98 -6.08 37.70
C PHE N 67 -19.52 -6.05 36.25
N GLU N 68 -20.24 -6.78 35.41
CA GLU N 68 -19.97 -6.85 33.96
C GLU N 68 -20.46 -5.54 33.31
N ASP N 69 -20.00 -5.26 32.09
CA ASP N 69 -20.48 -4.09 31.34
C ASP N 69 -21.96 -4.36 31.03
N GLY N 70 -22.82 -3.44 31.42
CA GLY N 70 -24.27 -3.61 31.23
C GLY N 70 -24.96 -4.26 32.41
N GLU N 71 -24.20 -4.63 33.48
CA GLU N 71 -24.78 -5.25 34.67
C GLU N 71 -25.02 -4.20 35.75
N TYR N 72 -26.24 -4.19 36.29
CA TYR N 72 -26.68 -3.23 37.30
C TYR N 72 -27.50 -3.90 38.39
N ILE N 73 -27.52 -3.29 39.59
CA ILE N 73 -28.28 -3.78 40.73
C ILE N 73 -29.77 -3.50 40.55
N MET N 74 -30.59 -4.56 40.62
CA MET N 74 -32.04 -4.52 40.44
C MET N 74 -32.78 -4.70 41.74
N SER N 75 -32.12 -5.19 42.79
CA SER N 75 -32.80 -5.49 44.03
C SER N 75 -31.88 -5.54 45.22
N MET N 76 -32.42 -5.20 46.40
CA MET N 76 -31.74 -5.39 47.69
C MET N 76 -32.76 -6.01 48.65
N GLU N 77 -32.37 -7.08 49.38
CA GLU N 77 -33.25 -7.73 50.36
C GLU N 77 -32.39 -7.99 51.58
N GLY N 78 -32.93 -7.76 52.75
CA GLY N 78 -32.19 -8.03 53.98
C GLY N 78 -33.06 -8.19 55.19
N HIS N 79 -32.42 -8.29 56.35
CA HIS N 79 -33.11 -8.42 57.63
C HIS N 79 -32.55 -7.43 58.65
N VAL N 80 -33.45 -6.82 59.42
CA VAL N 80 -33.13 -5.93 60.55
C VAL N 80 -33.21 -6.87 61.78
N VAL N 81 -32.10 -7.03 62.50
CA VAL N 81 -32.04 -7.98 63.61
C VAL N 81 -31.58 -7.39 64.94
N ASP N 82 -31.85 -8.12 66.02
CA ASP N 82 -31.37 -7.79 67.35
C ASP N 82 -30.17 -8.71 67.57
N TYR N 83 -28.97 -8.12 67.60
CA TYR N 83 -27.72 -8.86 67.78
C TYR N 83 -27.00 -8.27 68.95
N THR N 84 -26.81 -9.08 70.03
CA THR N 84 -26.17 -8.68 71.30
C THR N 84 -26.79 -7.36 71.87
N GLY N 85 -28.09 -7.18 71.62
CA GLY N 85 -28.84 -5.99 72.03
C GLY N 85 -28.86 -4.86 71.02
N LEU N 86 -28.02 -4.94 69.97
CA LEU N 86 -27.94 -3.91 68.91
C LEU N 86 -28.93 -4.21 67.77
N THR N 87 -29.61 -3.18 67.25
CA THR N 87 -30.51 -3.28 66.10
C THR N 87 -29.65 -2.97 64.88
N ILE N 88 -29.30 -4.00 64.12
CA ILE N 88 -28.37 -3.87 62.98
C ILE N 88 -28.87 -4.71 61.78
N ILE N 89 -28.09 -4.78 60.71
CA ILE N 89 -28.41 -5.58 59.52
C ILE N 89 -27.80 -6.96 59.71
N GLY N 90 -28.65 -8.00 59.68
CA GLY N 90 -28.20 -9.37 59.91
C GLY N 90 -28.04 -10.25 58.69
N LYS N 91 -28.66 -9.84 57.57
CA LYS N 91 -28.58 -10.60 56.30
C LYS N 91 -28.80 -9.62 55.18
N LEU N 92 -28.15 -9.85 54.04
CA LEU N 92 -28.27 -8.97 52.87
C LEU N 92 -27.98 -9.74 51.61
N THR N 93 -28.72 -9.41 50.55
CA THR N 93 -28.60 -9.95 49.21
C THR N 93 -28.75 -8.77 48.23
N LEU N 94 -27.94 -8.76 47.17
CA LEU N 94 -28.06 -7.81 46.08
C LEU N 94 -28.27 -8.63 44.81
N THR N 95 -29.32 -8.33 44.06
CA THR N 95 -29.56 -9.06 42.82
C THR N 95 -29.35 -8.12 41.67
N THR N 96 -28.69 -8.60 40.61
CA THR N 96 -28.48 -7.82 39.42
C THR N 96 -29.40 -8.35 38.31
N ASN N 97 -29.30 -7.75 37.11
CA ASN N 97 -30.07 -8.18 35.94
C ASN N 97 -29.52 -9.51 35.40
N ARG N 98 -28.39 -9.99 35.97
CA ARG N 98 -27.73 -11.21 35.54
C ARG N 98 -27.39 -12.22 36.63
N ARG N 99 -27.17 -11.78 37.88
CA ARG N 99 -26.70 -12.64 38.98
C ARG N 99 -27.30 -12.30 40.35
N THR N 100 -27.14 -13.22 41.33
CA THR N 100 -27.53 -13.02 42.72
C THR N 100 -26.24 -12.97 43.52
N PHE N 101 -26.11 -11.94 44.36
CA PHE N 101 -24.94 -11.75 45.21
C PHE N 101 -25.44 -11.84 46.64
N GLY N 102 -25.28 -13.04 47.19
CA GLY N 102 -25.76 -13.33 48.54
C GLY N 102 -26.72 -14.48 48.54
N PRO N 103 -27.42 -14.75 49.65
CA PRO N 103 -27.40 -14.01 50.93
C PRO N 103 -26.13 -14.15 51.74
N PHE N 104 -25.71 -13.03 52.35
CA PHE N 104 -24.57 -12.97 53.26
C PHE N 104 -25.11 -12.61 54.62
N GLY N 105 -24.47 -13.11 55.67
CA GLY N 105 -24.94 -12.96 57.04
C GLY N 105 -25.79 -14.18 57.34
N ALA N 106 -26.09 -14.42 58.61
CA ALA N 106 -26.83 -15.62 59.01
C ALA N 106 -27.97 -15.31 59.99
N TYR N 107 -28.34 -14.04 60.10
CA TYR N 107 -29.37 -13.56 61.02
C TYR N 107 -30.63 -13.03 60.36
N GLU N 108 -31.80 -13.57 60.78
CA GLU N 108 -33.11 -13.15 60.27
C GLU N 108 -33.93 -12.52 61.39
N GLY N 109 -34.77 -11.57 61.02
CA GLY N 109 -35.63 -10.84 61.95
C GLY N 109 -36.76 -10.19 61.21
N THR N 110 -36.67 -8.88 61.01
CA THR N 110 -37.67 -8.10 60.28
C THR N 110 -37.17 -7.92 58.83
N PRO N 111 -37.73 -8.65 57.84
CA PRO N 111 -37.25 -8.47 56.46
C PRO N 111 -37.68 -7.13 55.85
N PHE N 112 -36.89 -6.67 54.87
CA PHE N 112 -37.12 -5.48 54.07
C PHE N 112 -36.61 -5.82 52.67
N SER N 113 -37.23 -5.23 51.64
CA SER N 113 -36.84 -5.50 50.25
C SER N 113 -37.16 -4.32 49.36
N ILE N 114 -36.28 -4.06 48.39
CA ILE N 114 -36.45 -3.01 47.40
C ILE N 114 -36.36 -3.68 46.04
N PRO N 115 -37.47 -4.25 45.52
CA PRO N 115 -37.40 -4.85 44.18
C PRO N 115 -37.55 -3.73 43.16
N VAL N 116 -36.52 -3.45 42.37
CA VAL N 116 -36.56 -2.35 41.39
C VAL N 116 -37.04 -2.94 40.07
N ALA N 117 -38.34 -2.71 39.75
CA ALA N 117 -38.98 -3.25 38.53
C ALA N 117 -38.53 -2.47 37.32
N GLU N 118 -38.18 -1.19 37.51
CA GLU N 118 -37.67 -0.30 36.47
C GLU N 118 -36.70 0.68 37.11
N GLY N 119 -35.52 0.78 36.54
CA GLY N 119 -34.44 1.61 37.09
C GLY N 119 -33.39 0.75 37.77
N LYS N 120 -32.53 1.35 38.59
CA LYS N 120 -31.45 0.64 39.29
C LYS N 120 -31.08 1.24 40.62
N ILE N 121 -30.44 0.42 41.47
CA ILE N 121 -29.85 0.88 42.71
C ILE N 121 -28.52 1.52 42.26
N ALA N 122 -28.29 2.76 42.66
CA ALA N 122 -27.13 3.53 42.20
C ALA N 122 -26.24 4.04 43.33
N GLY N 123 -26.33 3.41 44.49
CA GLY N 123 -25.54 3.84 45.64
C GLY N 123 -26.18 3.45 46.94
N PHE N 124 -25.46 3.71 48.04
CA PHE N 124 -25.92 3.36 49.36
C PHE N 124 -25.69 4.48 50.35
N PHE N 125 -26.41 4.43 51.45
CA PHE N 125 -26.26 5.32 52.60
C PHE N 125 -26.73 4.52 53.82
N GLY N 126 -26.40 5.00 55.02
CA GLY N 126 -26.85 4.32 56.24
C GLY N 126 -26.11 4.74 57.50
N ARG N 127 -25.97 3.78 58.43
CA ARG N 127 -25.24 3.91 59.69
C ARG N 127 -24.31 2.72 59.88
N ALA N 128 -23.13 2.97 60.47
CA ALA N 128 -22.13 1.94 60.71
C ALA N 128 -21.18 2.29 61.85
N GLY N 129 -20.73 1.25 62.54
CA GLY N 129 -19.73 1.30 63.60
C GLY N 129 -18.83 0.12 63.36
N SER N 130 -18.91 -0.90 64.24
CA SER N 130 -18.18 -2.15 64.03
C SER N 130 -18.93 -2.98 62.97
N PHE N 131 -20.24 -2.77 62.86
CA PHE N 131 -21.11 -3.48 61.92
C PHE N 131 -21.96 -2.50 61.11
N ILE N 132 -22.81 -3.01 60.20
CA ILE N 132 -23.74 -2.17 59.41
C ILE N 132 -25.04 -2.04 60.22
N ASP N 133 -25.21 -0.91 60.93
CA ASP N 133 -26.37 -0.64 61.78
C ASP N 133 -27.65 -0.41 60.97
N ALA N 134 -27.52 0.36 59.87
CA ALA N 134 -28.63 0.73 59.00
C ALA N 134 -28.17 0.86 57.54
N ILE N 135 -29.09 0.66 56.59
CA ILE N 135 -28.78 0.75 55.16
C ILE N 135 -29.96 1.30 54.38
N GLY N 136 -29.65 2.03 53.33
CA GLY N 136 -30.60 2.60 52.38
C GLY N 136 -29.97 2.59 51.00
N VAL N 137 -30.75 2.92 49.94
CA VAL N 137 -30.20 2.95 48.59
C VAL N 137 -30.62 4.22 47.84
N TYR N 138 -29.83 4.60 46.86
CA TYR N 138 -30.12 5.64 45.89
C TYR N 138 -30.71 4.90 44.70
N LEU N 139 -31.69 5.50 44.02
CA LEU N 139 -32.26 4.91 42.82
C LEU N 139 -32.09 5.87 41.66
N MET N 140 -31.84 5.32 40.49
CA MET N 140 -31.70 6.08 39.26
C MET N 140 -32.40 5.37 38.13
N PRO N 141 -32.83 6.10 37.08
CA PRO N 141 -33.39 5.43 35.89
C PRO N 141 -32.27 4.65 35.16
N ASN N 142 -32.69 3.63 34.37
CA ASN N 142 -31.92 2.70 33.53
C ASN N 142 -31.19 1.61 34.33
N ALA O 2 -15.01 10.70 29.06
CA ALA O 2 -14.93 9.64 30.05
C ALA O 2 -15.88 9.90 31.24
N GLY O 3 -17.00 10.58 30.96
CA GLY O 3 -18.02 10.87 31.97
C GLY O 3 -17.75 12.07 32.87
N ALA O 4 -16.75 12.91 32.51
CA ALA O 4 -16.45 14.09 33.33
C ALA O 4 -17.31 15.28 32.88
N ILE O 5 -17.31 16.36 33.68
CA ILE O 5 -17.96 17.61 33.29
C ILE O 5 -16.84 18.65 33.23
N LYS O 6 -16.61 19.16 32.01
CA LYS O 6 -15.56 20.17 31.72
C LYS O 6 -16.22 21.38 31.10
N VAL O 7 -15.97 22.57 31.68
CA VAL O 7 -16.51 23.82 31.15
CA VAL O 7 -16.53 23.84 31.20
C VAL O 7 -15.34 24.77 30.88
N GLY O 8 -15.32 25.28 29.66
CA GLY O 8 -14.26 26.14 29.15
C GLY O 8 -13.82 25.64 27.79
N THR O 9 -12.74 26.21 27.22
CA THR O 9 -11.97 27.24 27.91
C THR O 9 -12.50 28.63 27.60
N TRP O 10 -11.99 29.62 28.38
CA TRP O 10 -12.13 31.06 28.14
C TRP O 10 -10.68 31.50 27.92
N GLY O 11 -10.47 32.41 26.97
CA GLY O 11 -9.14 32.91 26.64
C GLY O 11 -8.86 32.90 25.15
N GLY O 12 -7.58 32.90 24.80
CA GLY O 12 -7.10 32.86 23.41
C GLY O 12 -6.82 31.48 22.87
N ASN O 13 -6.33 31.44 21.61
CA ASN O 13 -6.01 30.20 20.89
C ASN O 13 -4.52 29.87 20.84
N GLY O 14 -3.71 30.67 21.53
CA GLY O 14 -2.26 30.48 21.57
C GLY O 14 -1.86 29.48 22.62
N GLY O 15 -0.54 29.29 22.75
CA GLY O 15 0.01 28.30 23.67
C GLY O 15 -0.32 26.88 23.28
N SER O 16 -0.03 25.95 24.20
CA SER O 16 -0.29 24.53 24.02
C SER O 16 -1.37 24.09 24.99
N GLU O 17 -2.18 23.12 24.58
CA GLU O 17 -3.21 22.57 25.46
C GLU O 17 -2.59 21.84 26.65
N TRP O 18 -3.19 22.01 27.85
CA TRP O 18 -2.80 21.33 29.08
C TRP O 18 -4.03 20.87 29.80
N ASP O 19 -3.93 19.82 30.62
CA ASP O 19 -5.12 19.26 31.26
C ASP O 19 -4.69 18.44 32.45
N MET O 20 -5.00 18.88 33.69
CA MET O 20 -4.58 18.10 34.88
C MET O 20 -5.53 16.92 35.15
N GLY O 21 -6.75 16.98 34.58
CA GLY O 21 -7.80 15.98 34.78
C GLY O 21 -8.55 16.24 36.07
N PRO O 22 -9.64 15.50 36.38
CA PRO O 22 -10.37 15.73 37.64
C PRO O 22 -9.57 15.15 38.81
N ALA O 23 -9.63 15.78 39.97
CA ALA O 23 -8.90 15.29 41.14
C ALA O 23 -9.86 14.94 42.26
N TYR O 24 -9.45 14.00 43.15
CA TYR O 24 -10.26 13.68 44.31
C TYR O 24 -10.21 14.89 45.27
N ARG O 25 -9.04 15.52 45.39
CA ARG O 25 -8.85 16.71 46.22
C ARG O 25 -7.83 17.66 45.63
N ILE O 26 -8.14 18.97 45.66
CA ILE O 26 -7.17 19.99 45.25
C ILE O 26 -6.53 20.42 46.57
N ASP O 27 -5.23 20.16 46.72
CA ASP O 27 -4.53 20.48 47.98
C ASP O 27 -4.12 21.93 48.09
N SER O 28 -3.60 22.50 46.99
CA SER O 28 -3.18 23.89 46.96
C SER O 28 -3.10 24.41 45.54
N VAL O 29 -3.19 25.73 45.38
CA VAL O 29 -3.07 26.38 44.08
C VAL O 29 -2.10 27.53 44.26
N LYS O 30 -1.15 27.67 43.35
CA LYS O 30 -0.24 28.80 43.32
C LYS O 30 -0.40 29.52 41.98
N ILE O 31 -0.70 30.81 42.03
CA ILE O 31 -0.82 31.63 40.82
C ILE O 31 0.34 32.62 40.77
N ASN O 32 1.04 32.71 39.62
CA ASN O 32 2.06 33.72 39.37
C ASN O 32 1.47 34.77 38.46
N ALA O 33 1.56 36.03 38.88
CA ALA O 33 0.97 37.13 38.10
C ALA O 33 1.74 38.41 38.27
N GLY O 34 1.66 39.26 37.25
CA GLY O 34 2.22 40.61 37.19
C GLY O 34 1.12 41.43 36.62
N ASP O 35 1.31 41.90 35.38
CA ASP O 35 0.28 42.62 34.65
C ASP O 35 -0.80 41.61 34.21
N ILE O 36 -0.39 40.35 33.99
CA ILE O 36 -1.31 39.31 33.50
C ILE O 36 -1.09 38.00 34.27
N ILE O 37 -1.76 36.90 33.85
CA ILE O 37 -1.56 35.63 34.53
C ILE O 37 -0.42 34.86 33.86
N ASP O 38 0.73 34.74 34.56
CA ASP O 38 1.89 34.01 34.02
C ASP O 38 1.75 32.52 34.14
N ALA O 39 1.29 32.04 35.29
CA ALA O 39 1.25 30.62 35.57
C ALA O 39 0.24 30.25 36.64
N ILE O 40 -0.17 28.99 36.61
CA ILE O 40 -1.01 28.35 37.61
C ILE O 40 -0.36 26.98 37.93
N GLU O 41 -0.16 26.70 39.21
CA GLU O 41 0.47 25.47 39.68
C GLU O 41 -0.45 24.82 40.69
N ILE O 42 -0.91 23.59 40.38
CA ILE O 42 -1.84 22.91 41.27
C ILE O 42 -1.21 21.67 41.89
N THR O 43 -1.43 21.49 43.20
CA THR O 43 -1.05 20.30 43.94
C THR O 43 -2.37 19.59 44.18
N PHE O 44 -2.45 18.36 43.69
CA PHE O 44 -3.71 17.62 43.79
C PHE O 44 -3.48 16.15 44.09
N THR O 45 -4.53 15.48 44.54
CA THR O 45 -4.53 14.07 44.92
C THR O 45 -5.60 13.30 44.15
N ARG O 46 -5.19 12.15 43.58
CA ARG O 46 -6.02 11.19 42.84
C ARG O 46 -5.41 9.82 43.13
N TYR O 47 -6.25 8.79 43.40
CA TYR O 47 -5.82 7.39 43.56
C TYR O 47 -4.65 7.19 44.56
N GLY O 48 -4.71 7.90 45.69
CA GLY O 48 -3.69 7.86 46.72
C GLY O 48 -2.34 8.45 46.32
N LEU O 49 -2.31 9.21 45.23
CA LEU O 49 -1.07 9.83 44.77
C LEU O 49 -1.23 11.35 44.70
N THR O 50 -0.29 12.09 45.29
CA THR O 50 -0.30 13.56 45.29
C THR O 50 0.82 14.04 44.40
N GLU O 51 0.53 15.05 43.55
CA GLU O 51 1.54 15.59 42.67
C GLU O 51 1.27 17.06 42.40
N THR O 52 2.31 17.75 41.99
CA THR O 52 2.26 19.17 41.64
C THR O 52 2.50 19.29 40.15
N GLN O 53 1.66 20.09 39.48
CA GLN O 53 1.80 20.35 38.04
C GLN O 53 1.78 21.85 37.84
N HIS O 54 2.79 22.38 37.11
CA HIS O 54 2.92 23.81 36.78
C HIS O 54 2.58 24.01 35.32
N TYR O 55 1.71 24.99 35.07
CA TYR O 55 1.32 25.38 33.75
C TYR O 55 1.64 26.86 33.57
N GLY O 56 2.21 27.21 32.42
CA GLY O 56 2.59 28.59 32.15
C GLY O 56 4.07 28.84 32.32
N GLY O 57 4.47 30.11 32.27
CA GLY O 57 5.88 30.51 32.33
C GLY O 57 6.50 30.73 33.70
N THR O 58 7.68 31.35 33.69
CA THR O 58 8.49 31.60 34.88
C THR O 58 8.32 33.01 35.49
N GLY O 59 7.57 33.88 34.81
CA GLY O 59 7.35 35.26 35.24
C GLY O 59 6.36 35.47 36.36
N GLY O 60 6.17 36.73 36.74
CA GLY O 60 5.23 37.19 37.74
C GLY O 60 5.54 36.83 39.17
N GLU O 61 4.77 37.42 40.11
CA GLU O 61 4.88 37.20 41.54
C GLU O 61 3.94 36.09 42.02
N PRO O 62 4.39 35.19 42.93
CA PRO O 62 3.52 34.09 43.36
C PRO O 62 2.58 34.40 44.50
N HIS O 63 1.44 33.73 44.50
CA HIS O 63 0.44 33.79 45.54
C HIS O 63 -0.06 32.37 45.67
N GLU O 64 -0.28 31.92 46.91
CA GLU O 64 -0.69 30.54 47.17
C GLU O 64 -1.84 30.41 48.15
N ILE O 65 -2.69 29.40 47.92
CA ILE O 65 -3.79 29.03 48.80
C ILE O 65 -3.62 27.54 49.17
N ALA O 66 -3.64 27.21 50.46
CA ALA O 66 -3.58 25.81 50.92
C ALA O 66 -4.97 25.53 51.48
N PHE O 67 -5.74 24.67 50.79
CA PHE O 67 -7.10 24.39 51.20
C PHE O 67 -7.21 23.74 52.56
N GLU O 68 -8.14 24.24 53.37
CA GLU O 68 -8.44 23.70 54.68
C GLU O 68 -9.28 22.43 54.48
N ASP O 69 -9.38 21.57 55.52
CA ASP O 69 -10.28 20.41 55.43
C ASP O 69 -11.71 20.97 55.31
N GLY O 70 -12.46 20.46 54.35
CA GLY O 70 -13.82 20.91 54.07
C GLY O 70 -13.91 22.15 53.19
N GLU O 71 -12.75 22.68 52.74
CA GLU O 71 -12.77 23.87 51.87
C GLU O 71 -12.65 23.42 50.41
N TYR O 72 -13.48 23.99 49.53
CA TYR O 72 -13.52 23.62 48.11
C TYR O 72 -13.76 24.89 47.26
N ILE O 73 -13.35 24.86 46.00
CA ILE O 73 -13.54 25.98 45.08
C ILE O 73 -14.99 26.02 44.59
N MET O 74 -15.62 27.17 44.75
CA MET O 74 -17.02 27.45 44.43
C MET O 74 -17.19 28.36 43.22
N SER O 75 -16.09 29.03 42.79
CA SER O 75 -16.19 29.99 41.68
C SER O 75 -14.83 30.31 41.11
N MET O 76 -14.83 30.72 39.85
CA MET O 76 -13.67 31.21 39.11
C MET O 76 -14.17 32.38 38.26
N GLU O 77 -13.44 33.48 38.26
CA GLU O 77 -13.80 34.66 37.47
C GLU O 77 -12.51 35.26 36.95
N GLY O 78 -12.58 35.96 35.84
CA GLY O 78 -11.40 36.63 35.31
C GLY O 78 -11.67 37.47 34.08
N HIS O 79 -10.59 37.89 33.40
CA HIS O 79 -10.68 38.66 32.16
C HIS O 79 -9.79 38.07 31.07
N VAL O 80 -10.30 38.05 29.85
CA VAL O 80 -9.58 37.66 28.65
C VAL O 80 -9.12 39.02 28.12
N VAL O 81 -7.80 39.20 27.97
CA VAL O 81 -7.22 40.49 27.62
C VAL O 81 -6.31 40.46 26.39
N ASP O 82 -6.05 41.65 25.83
CA ASP O 82 -5.08 41.83 24.74
C ASP O 82 -3.78 42.26 25.44
N TYR O 83 -2.78 41.39 25.41
CA TYR O 83 -1.50 41.66 26.04
C TYR O 83 -0.38 41.54 25.03
N THR O 84 0.22 42.67 24.63
CA THR O 84 1.31 42.70 23.63
C THR O 84 0.90 41.97 22.32
N GLY O 85 -0.38 42.09 21.96
CA GLY O 85 -0.92 41.45 20.76
C GLY O 85 -1.36 40.01 20.94
N LEU O 86 -1.28 39.48 22.19
CA LEU O 86 -1.69 38.10 22.49
C LEU O 86 -3.01 38.10 23.24
N THR O 87 -3.89 37.12 23.00
CA THR O 87 -5.18 37.02 23.70
C THR O 87 -4.98 36.01 24.83
N ILE O 88 -4.89 36.51 26.09
CA ILE O 88 -4.56 35.65 27.22
C ILE O 88 -5.42 35.98 28.44
N ILE O 89 -5.22 35.24 29.52
CA ILE O 89 -5.91 35.54 30.78
C ILE O 89 -5.14 36.66 31.46
N GLY O 90 -5.81 37.78 31.76
CA GLY O 90 -5.16 38.94 32.36
C GLY O 90 -5.44 39.15 33.83
N LYS O 91 -6.55 38.59 34.28
CA LYS O 91 -6.98 38.68 35.67
C LYS O 91 -7.66 37.38 36.00
N LEU O 92 -7.42 36.88 37.22
CA LEU O 92 -8.02 35.65 37.71
C LEU O 92 -8.24 35.65 39.21
N THR O 93 -9.41 35.08 39.64
CA THR O 93 -9.83 34.91 41.03
C THR O 93 -10.42 33.52 41.17
N LEU O 94 -10.15 32.85 42.30
CA LEU O 94 -10.79 31.59 42.68
C LEU O 94 -11.46 31.88 44.03
N THR O 95 -12.74 31.53 44.16
CA THR O 95 -13.45 31.75 45.42
C THR O 95 -13.78 30.40 46.02
N THR O 96 -13.56 30.27 47.33
CA THR O 96 -13.90 29.04 48.03
C THR O 96 -15.15 29.32 48.87
N ASN O 97 -15.62 28.32 49.62
CA ASN O 97 -16.77 28.48 50.50
C ASN O 97 -16.38 29.33 51.73
N ARG O 98 -15.06 29.62 51.90
CA ARG O 98 -14.54 30.36 53.06
C ARG O 98 -13.73 31.59 52.75
N ARG O 99 -13.02 31.61 51.61
CA ARG O 99 -12.12 32.73 51.27
C ARG O 99 -12.12 33.07 49.80
N THR O 100 -11.62 34.29 49.46
CA THR O 100 -11.41 34.77 48.10
C THR O 100 -9.90 34.79 47.84
N PHE O 101 -9.47 34.08 46.79
CA PHE O 101 -8.08 33.98 46.40
C PHE O 101 -7.91 34.82 45.15
N GLY O 102 -7.36 36.02 45.33
CA GLY O 102 -7.23 37.00 44.26
C GLY O 102 -8.16 38.17 44.45
N PRO O 103 -8.37 39.02 43.44
CA PRO O 103 -7.89 38.91 42.04
C PRO O 103 -6.40 39.10 41.86
N PHE O 104 -5.84 38.37 40.91
CA PHE O 104 -4.41 38.57 40.56
C PHE O 104 -4.38 39.03 39.12
N GLY O 105 -3.35 39.79 38.75
CA GLY O 105 -3.22 40.35 37.42
C GLY O 105 -3.77 41.77 37.40
N ALA O 106 -3.40 42.55 36.37
CA ALA O 106 -3.80 43.96 36.28
C ALA O 106 -4.62 44.33 35.06
N TYR O 107 -4.51 43.57 33.97
CA TYR O 107 -5.22 43.86 32.72
C TYR O 107 -6.67 43.46 32.76
N GLU O 108 -7.53 44.28 32.12
CA GLU O 108 -8.95 43.97 31.97
C GLU O 108 -9.30 43.91 30.50
N GLY O 109 -10.37 43.18 30.18
CA GLY O 109 -10.85 42.97 28.81
C GLY O 109 -12.25 42.43 28.83
N THR O 110 -12.44 41.21 28.31
CA THR O 110 -13.74 40.54 28.27
C THR O 110 -13.89 39.71 29.55
N PRO O 111 -14.82 40.07 30.46
CA PRO O 111 -14.96 39.31 31.71
C PRO O 111 -15.58 37.94 31.52
N PHE O 112 -15.20 36.96 32.35
CA PHE O 112 -15.79 35.63 32.33
C PHE O 112 -15.97 35.20 33.77
N SER O 113 -17.04 34.45 34.06
CA SER O 113 -17.29 33.99 35.42
C SER O 113 -18.00 32.66 35.40
N ILE O 114 -17.62 31.76 36.32
CA ILE O 114 -18.22 30.44 36.45
C ILE O 114 -18.61 30.24 37.93
N PRO O 115 -19.74 30.88 38.34
CA PRO O 115 -20.22 30.70 39.72
C PRO O 115 -20.84 29.32 39.85
N VAL O 116 -20.35 28.49 40.80
CA VAL O 116 -20.89 27.15 41.01
C VAL O 116 -21.90 27.26 42.15
N ALA O 117 -23.20 27.33 41.81
CA ALA O 117 -24.32 27.41 42.77
C ALA O 117 -24.44 26.11 43.56
N GLU O 118 -24.16 24.97 42.90
CA GLU O 118 -24.18 23.66 43.53
C GLU O 118 -23.09 22.82 42.89
N GLY O 119 -22.21 22.27 43.73
CA GLY O 119 -21.07 21.47 43.30
C GLY O 119 -19.76 22.17 43.59
N LYS O 120 -18.68 21.71 42.94
CA LYS O 120 -17.36 22.31 43.15
C LYS O 120 -16.47 22.23 41.93
N ILE O 121 -15.46 23.09 41.89
CA ILE O 121 -14.45 23.01 40.83
C ILE O 121 -13.42 21.99 41.33
N ALA O 122 -13.16 20.92 40.57
CA ALA O 122 -12.28 19.81 41.00
C ALA O 122 -11.07 19.58 40.14
N GLY O 123 -10.78 20.54 39.26
CA GLY O 123 -9.64 20.43 38.39
C GLY O 123 -9.66 21.51 37.34
N PHE O 124 -8.58 21.61 36.56
CA PHE O 124 -8.39 22.63 35.55
C PHE O 124 -7.83 22.08 34.25
N PHE O 125 -8.09 22.78 33.17
CA PHE O 125 -7.49 22.51 31.86
C PHE O 125 -7.35 23.87 31.20
N GLY O 126 -6.56 23.95 30.13
CA GLY O 126 -6.37 25.24 29.49
C GLY O 126 -5.35 25.20 28.39
N ARG O 127 -4.74 26.36 28.14
CA ARG O 127 -3.70 26.53 27.12
C ARG O 127 -2.63 27.40 27.75
N ALA O 128 -1.35 27.08 27.50
CA ALA O 128 -0.27 27.89 28.08
C ALA O 128 0.99 27.89 27.23
N GLY O 129 1.79 28.93 27.41
CA GLY O 129 3.11 29.07 26.81
C GLY O 129 3.94 29.72 27.89
N SER O 130 4.40 30.97 27.69
CA SER O 130 5.07 31.71 28.75
C SER O 130 3.99 32.29 29.69
N PHE O 131 2.70 32.32 29.24
CA PHE O 131 1.57 32.83 30.03
C PHE O 131 0.39 31.86 30.00
N ILE O 132 -0.69 32.15 30.78
CA ILE O 132 -1.90 31.34 30.71
C ILE O 132 -2.78 31.91 29.60
N ASP O 133 -2.77 31.26 28.42
CA ASP O 133 -3.53 31.72 27.26
C ASP O 133 -5.02 31.48 27.44
N ALA O 134 -5.37 30.35 28.09
CA ALA O 134 -6.75 29.96 28.29
C ALA O 134 -6.90 29.07 29.53
N ILE O 135 -8.13 29.02 30.08
CA ILE O 135 -8.41 28.27 31.30
C ILE O 135 -9.82 27.70 31.25
N GLY O 136 -10.01 26.57 31.90
CA GLY O 136 -11.28 25.86 32.02
C GLY O 136 -11.29 25.04 33.30
N VAL O 137 -12.45 24.57 33.71
CA VAL O 137 -12.57 23.79 34.96
C VAL O 137 -13.32 22.47 34.78
N TYR O 138 -12.99 21.50 35.65
CA TYR O 138 -13.71 20.24 35.86
C TYR O 138 -14.70 20.51 36.97
N LEU O 139 -15.91 19.91 36.89
CA LEU O 139 -16.90 20.10 37.95
C LEU O 139 -17.33 18.77 38.52
N MET O 140 -17.55 18.73 39.84
CA MET O 140 -17.95 17.50 40.54
C MET O 140 -18.97 17.86 41.61
N PRO O 141 -19.87 16.93 42.03
CA PRO O 141 -20.85 17.29 43.07
C PRO O 141 -20.18 17.51 44.42
N ASN O 142 -20.90 18.18 45.35
CA ASN O 142 -20.52 18.56 46.73
C ASN O 142 -19.41 19.60 46.78
N ALA P 4 -26.38 17.92 42.78
CA ALA P 4 -26.49 18.35 41.37
C ALA P 4 -25.33 19.27 41.01
N ILE P 5 -25.13 19.54 39.69
CA ILE P 5 -24.11 20.51 39.27
C ILE P 5 -24.88 21.70 38.72
N LYS P 6 -24.83 22.85 39.39
CA LYS P 6 -25.53 24.06 38.96
C LYS P 6 -24.54 25.18 38.80
N VAL P 7 -24.51 25.79 37.62
CA VAL P 7 -23.62 26.92 37.37
C VAL P 7 -24.47 28.15 37.05
N GLY P 8 -24.09 29.27 37.63
CA GLY P 8 -24.81 30.53 37.50
C GLY P 8 -25.31 30.97 38.86
N THR P 9 -26.21 31.96 38.94
CA THR P 9 -26.81 32.63 37.79
C THR P 9 -25.93 33.79 37.29
N TRP P 10 -26.32 34.35 36.15
CA TRP P 10 -25.81 35.56 35.53
C TRP P 10 -27.09 36.36 35.33
N GLY P 11 -27.06 37.64 35.69
CA GLY P 11 -28.21 38.53 35.57
C GLY P 11 -28.51 39.26 36.86
N GLY P 12 -29.63 39.97 36.88
CA GLY P 12 -30.04 40.79 38.00
C GLY P 12 -30.76 40.10 39.13
N ASN P 13 -31.14 40.88 40.13
CA ASN P 13 -31.80 40.44 41.36
C ASN P 13 -33.32 40.57 41.34
N GLY P 14 -33.87 41.12 40.25
CA GLY P 14 -35.31 41.28 40.06
C GLY P 14 -36.02 39.98 39.78
N GLY P 15 -37.35 40.05 39.68
CA GLY P 15 -38.22 38.91 39.41
C GLY P 15 -38.30 37.94 40.58
N SER P 16 -38.81 36.73 40.33
CA SER P 16 -38.93 35.67 41.33
C SER P 16 -38.10 34.48 40.91
N GLU P 17 -37.59 33.72 41.87
CA GLU P 17 -36.81 32.51 41.59
C GLU P 17 -37.66 31.44 40.89
N TRP P 18 -37.05 30.75 39.91
CA TRP P 18 -37.61 29.63 39.16
C TRP P 18 -36.53 28.59 38.99
N ASP P 19 -36.92 27.32 38.92
CA ASP P 19 -35.98 26.21 38.86
C ASP P 19 -36.65 25.03 38.19
N MET P 20 -36.11 24.62 37.04
CA MET P 20 -36.65 23.52 36.25
C MET P 20 -36.26 22.16 36.85
N GLY P 21 -35.14 22.15 37.54
CA GLY P 21 -34.50 20.94 38.01
C GLY P 21 -33.74 20.32 36.85
N PRO P 22 -32.82 19.36 37.10
CA PRO P 22 -32.11 18.73 35.98
C PRO P 22 -32.99 17.71 35.25
N ALA P 23 -32.72 17.47 33.98
CA ALA P 23 -33.48 16.51 33.18
C ALA P 23 -32.59 15.76 32.23
N TYR P 24 -32.71 14.42 32.23
CA TYR P 24 -31.94 13.48 31.42
C TYR P 24 -32.10 13.77 29.92
N ARG P 25 -33.27 14.24 29.53
CA ARG P 25 -33.56 14.56 28.15
C ARG P 25 -34.33 15.86 28.02
N ILE P 26 -33.81 16.77 27.21
CA ILE P 26 -34.48 18.03 26.88
C ILE P 26 -35.00 17.83 25.46
N ASP P 27 -36.34 17.90 25.29
CA ASP P 27 -36.97 17.65 23.98
C ASP P 27 -37.01 18.88 23.11
N SER P 28 -37.35 20.04 23.71
CA SER P 28 -37.45 21.30 22.99
C SER P 28 -37.27 22.50 23.86
N VAL P 29 -36.83 23.61 23.24
CA VAL P 29 -36.70 24.90 23.90
C VAL P 29 -37.38 25.94 23.02
N LYS P 30 -38.15 26.84 23.63
CA LYS P 30 -38.82 27.95 22.96
C LYS P 30 -38.38 29.23 23.67
N ILE P 31 -37.75 30.16 22.94
CA ILE P 31 -37.35 31.44 23.54
C ILE P 31 -38.20 32.54 22.90
N ASN P 32 -38.77 33.44 23.73
CA ASN P 32 -39.48 34.62 23.24
C ASN P 32 -38.58 35.80 23.50
N ALA P 33 -38.30 36.57 22.44
CA ALA P 33 -37.37 37.70 22.56
C ALA P 33 -37.74 38.81 21.61
N GLY P 34 -37.47 40.02 22.04
CA GLY P 34 -37.63 41.24 21.25
C GLY P 34 -36.28 41.91 21.31
N ASP P 35 -36.18 43.06 22.02
CA ASP P 35 -34.91 43.73 22.28
C ASP P 35 -34.14 42.91 23.31
N ILE P 36 -34.88 42.25 24.24
CA ILE P 36 -34.28 41.47 25.33
C ILE P 36 -34.93 40.06 25.40
N ILE P 37 -34.55 39.24 26.39
CA ILE P 37 -35.12 37.89 26.54
C ILE P 37 -36.35 37.98 27.41
N ASP P 38 -37.56 37.75 26.83
CA ASP P 38 -38.81 37.84 27.58
C ASP P 38 -39.11 36.55 28.32
N ALA P 39 -38.89 35.42 27.65
CA ALA P 39 -39.22 34.12 28.23
C ALA P 39 -38.43 32.97 27.68
N ILE P 40 -38.39 31.89 28.47
CA ILE P 40 -37.82 30.61 28.05
C ILE P 40 -38.80 29.50 28.47
N GLU P 41 -39.10 28.61 27.55
CA GLU P 41 -40.02 27.51 27.77
C GLU P 41 -39.31 26.23 27.38
N ILE P 42 -39.30 25.25 28.28
CA ILE P 42 -38.58 23.99 28.04
C ILE P 42 -39.53 22.82 28.20
N THR P 43 -39.53 21.90 27.23
CA THR P 43 -40.24 20.64 27.29
C THR P 43 -39.12 19.63 27.53
N PHE P 44 -39.27 18.83 28.58
CA PHE P 44 -38.26 17.85 28.98
C PHE P 44 -38.90 16.53 29.40
N THR P 45 -38.11 15.44 29.40
CA THR P 45 -38.60 14.13 29.82
C THR P 45 -37.65 13.53 30.85
N ARG P 46 -38.21 13.11 31.99
CA ARG P 46 -37.44 12.52 33.08
C ARG P 46 -38.36 11.69 33.96
N TYR P 47 -37.82 10.57 34.50
CA TYR P 47 -38.56 9.68 35.43
C TYR P 47 -39.91 9.20 34.85
N GLY P 48 -39.95 9.03 33.53
CA GLY P 48 -41.09 8.51 32.78
C GLY P 48 -42.17 9.49 32.39
N LEU P 49 -41.94 10.79 32.62
CA LEU P 49 -42.94 11.82 32.30
C LEU P 49 -42.35 12.96 31.50
N THR P 50 -43.10 13.41 30.46
CA THR P 50 -42.78 14.59 29.64
C THR P 50 -43.48 15.76 30.33
N GLU P 51 -42.81 16.92 30.39
CA GLU P 51 -43.33 18.11 31.06
C GLU P 51 -42.91 19.36 30.30
N THR P 52 -43.76 20.40 30.30
CA THR P 52 -43.43 21.71 29.69
C THR P 52 -43.53 22.76 30.77
N GLN P 53 -42.48 23.59 30.89
CA GLN P 53 -42.47 24.66 31.89
C GLN P 53 -42.11 25.98 31.20
N HIS P 54 -42.88 27.04 31.46
CA HIS P 54 -42.66 28.38 30.92
C HIS P 54 -42.17 29.32 32.02
N TYR P 55 -41.11 30.07 31.74
CA TYR P 55 -40.56 31.06 32.68
C TYR P 55 -40.49 32.41 31.98
N GLY P 56 -40.89 33.46 32.66
CA GLY P 56 -40.88 34.80 32.06
C GLY P 56 -42.26 35.25 31.63
N GLY P 57 -42.29 36.39 30.95
CA GLY P 57 -43.53 37.05 30.51
C GLY P 57 -44.12 36.59 29.21
N THR P 58 -45.02 37.44 28.64
CA THR P 58 -45.80 37.18 27.44
C THR P 58 -45.28 37.92 26.19
N GLY P 59 -44.28 38.78 26.35
CA GLY P 59 -43.73 39.57 25.24
C GLY P 59 -42.79 38.86 24.29
N GLY P 60 -42.33 39.58 23.28
CA GLY P 60 -41.35 39.11 22.30
C GLY P 60 -41.83 38.13 21.26
N GLU P 61 -41.00 37.85 20.23
CA GLU P 61 -41.36 36.90 19.16
C GLU P 61 -40.85 35.49 19.48
N PRO P 62 -41.63 34.43 19.20
CA PRO P 62 -41.16 33.08 19.55
C PRO P 62 -40.17 32.46 18.56
N HIS P 63 -39.28 31.61 19.07
CA HIS P 63 -38.29 30.86 18.30
C HIS P 63 -38.23 29.51 19.00
N GLU P 64 -38.31 28.41 18.25
CA GLU P 64 -38.34 27.07 18.84
C GLU P 64 -37.41 26.09 18.12
N ILE P 65 -36.87 25.14 18.87
CA ILE P 65 -35.99 24.09 18.39
C ILE P 65 -36.45 22.80 19.04
N ALA P 66 -36.68 21.75 18.23
CA ALA P 66 -37.05 20.43 18.69
C ALA P 66 -35.79 19.62 18.50
N PHE P 67 -35.19 19.16 19.60
CA PHE P 67 -33.95 18.42 19.53
C PHE P 67 -34.12 17.04 18.89
N GLU P 68 -33.17 16.69 18.02
CA GLU P 68 -33.15 15.40 17.33
C GLU P 68 -32.64 14.33 18.31
N ASP P 69 -32.85 13.04 17.97
CA ASP P 69 -32.35 11.93 18.78
C ASP P 69 -30.82 12.05 18.78
N GLY P 70 -30.23 12.08 19.97
CA GLY P 70 -28.78 12.21 20.13
C GLY P 70 -28.25 13.62 20.13
N GLU P 71 -29.15 14.63 20.07
CA GLU P 71 -28.79 16.05 20.09
C GLU P 71 -28.92 16.57 21.53
N TYR P 72 -27.90 17.29 22.00
CA TYR P 72 -27.90 17.81 23.36
C TYR P 72 -27.25 19.17 23.37
N ILE P 73 -27.59 19.97 24.38
CA ILE P 73 -27.07 21.32 24.55
C ILE P 73 -25.62 21.27 25.05
N MET P 74 -24.71 21.89 24.28
CA MET P 74 -23.27 21.95 24.51
C MET P 74 -22.77 23.29 25.02
N SER P 75 -23.54 24.37 24.83
CA SER P 75 -23.13 25.70 25.25
CA SER P 75 -23.14 25.69 25.30
C SER P 75 -24.30 26.66 25.43
N MET P 76 -24.10 27.68 26.25
CA MET P 76 -25.03 28.75 26.46
C MET P 76 -24.17 30.02 26.50
N GLU P 77 -24.56 31.05 25.76
CA GLU P 77 -23.84 32.30 25.79
C GLU P 77 -24.85 33.43 25.69
N GLY P 78 -24.63 34.50 26.44
CA GLY P 78 -25.55 35.62 26.41
C GLY P 78 -24.95 36.87 26.98
N HIS P 79 -25.82 37.85 27.23
CA HIS P 79 -25.42 39.13 27.78
C HIS P 79 -26.27 39.51 28.92
N VAL P 80 -25.66 40.09 29.93
CA VAL P 80 -26.35 40.68 31.07
C VAL P 80 -26.38 42.17 30.71
N VAL P 81 -27.58 42.78 30.70
CA VAL P 81 -27.75 44.17 30.28
C VAL P 81 -28.53 45.03 31.25
N ASP P 82 -28.45 46.35 31.01
CA ASP P 82 -29.20 47.37 31.72
C ASP P 82 -30.32 47.73 30.74
N TYR P 83 -31.55 47.31 31.03
CA TYR P 83 -32.70 47.58 30.18
C TYR P 83 -33.75 48.34 30.99
N THR P 84 -33.94 49.64 30.69
CA THR P 84 -34.88 50.55 31.37
C THR P 84 -34.61 50.61 32.89
N GLY P 85 -33.34 50.45 33.28
CA GLY P 85 -32.95 50.43 34.68
C GLY P 85 -33.02 49.07 35.33
N LEU P 86 -33.38 48.02 34.56
CA LEU P 86 -33.47 46.64 35.07
C LEU P 86 -32.25 45.84 34.61
N THR P 87 -31.65 45.04 35.50
CA THR P 87 -30.51 44.19 35.14
C THR P 87 -31.07 42.84 34.72
N ILE P 88 -31.08 42.54 33.42
CA ILE P 88 -31.73 41.32 32.88
C ILE P 88 -30.87 40.68 31.77
N ILE P 89 -31.38 39.58 31.18
CA ILE P 89 -30.73 38.90 30.07
C ILE P 89 -31.21 39.59 28.80
N GLY P 90 -30.27 40.19 28.06
CA GLY P 90 -30.56 40.94 26.83
C GLY P 90 -30.35 40.16 25.55
N LYS P 91 -29.56 39.06 25.62
CA LYS P 91 -29.23 38.23 24.47
C LYS P 91 -28.89 36.83 24.94
N LEU P 92 -29.23 35.82 24.14
CA LEU P 92 -29.01 34.43 24.49
C LEU P 92 -28.93 33.56 23.26
N THR P 93 -28.02 32.58 23.34
CA THR P 93 -27.79 31.58 22.32
C THR P 93 -27.58 30.26 23.06
N LEU P 94 -28.10 29.17 22.50
CA LEU P 94 -27.90 27.81 22.96
C LEU P 94 -27.28 27.07 21.78
N THR P 95 -26.15 26.39 21.98
CA THR P 95 -25.51 25.63 20.90
C THR P 95 -25.59 24.15 21.26
N THR P 96 -25.95 23.30 20.28
CA THR P 96 -25.98 21.87 20.47
C THR P 96 -24.77 21.26 19.73
N ASN P 97 -24.67 19.93 19.73
CA ASN P 97 -23.62 19.20 19.02
C ASN P 97 -23.87 19.23 17.50
N ARG P 98 -25.03 19.75 17.07
CA ARG P 98 -25.44 19.82 15.66
C ARG P 98 -25.80 21.21 15.12
N ARG P 99 -26.45 22.06 15.93
CA ARG P 99 -26.92 23.38 15.48
C ARG P 99 -26.65 24.51 16.47
N THR P 100 -26.88 25.75 16.01
CA THR P 100 -26.84 26.96 16.82
C THR P 100 -28.28 27.45 16.89
N PHE P 101 -28.76 27.71 18.10
CA PHE P 101 -30.11 28.20 18.36
C PHE P 101 -29.99 29.59 18.94
N GLY P 102 -30.10 30.58 18.07
CA GLY P 102 -29.90 31.98 18.41
C GLY P 102 -28.77 32.60 17.60
N PRO P 103 -28.28 33.82 17.95
CA PRO P 103 -28.70 34.67 19.08
C PRO P 103 -30.09 35.24 18.93
N PHE P 104 -30.80 35.31 20.05
CA PHE P 104 -32.12 35.93 20.14
C PHE P 104 -31.93 37.08 21.12
N GLY P 105 -32.69 38.15 20.94
CA GLY P 105 -32.53 39.33 21.76
C GLY P 105 -31.58 40.25 21.02
N ALA P 106 -31.58 41.53 21.37
CA ALA P 106 -30.75 42.50 20.64
C ALA P 106 -29.95 43.41 21.54
N TYR P 107 -29.91 43.12 22.86
CA TYR P 107 -29.16 43.93 23.81
C TYR P 107 -27.87 43.26 24.27
N GLU P 108 -26.75 44.00 24.19
CA GLU P 108 -25.42 43.54 24.63
C GLU P 108 -25.00 44.36 25.84
N GLY P 109 -24.12 43.78 26.66
CA GLY P 109 -23.60 44.44 27.85
C GLY P 109 -22.40 43.67 28.40
N THR P 110 -22.64 42.91 29.47
CA THR P 110 -21.60 42.08 30.09
C THR P 110 -21.83 40.64 29.60
N PRO P 111 -20.92 40.07 28.78
CA PRO P 111 -21.16 38.71 28.29
C PRO P 111 -20.83 37.60 29.29
N PHE P 112 -21.51 36.46 29.14
CA PHE P 112 -21.27 35.25 29.92
C PHE P 112 -21.32 34.12 28.94
N SER P 113 -20.59 33.04 29.22
CA SER P 113 -20.57 31.89 28.32
C SER P 113 -20.22 30.65 29.12
N ILE P 114 -20.90 29.55 28.81
CA ILE P 114 -20.69 28.26 29.46
C ILE P 114 -20.40 27.30 28.34
N PRO P 115 -19.14 27.22 27.83
CA PRO P 115 -18.85 26.23 26.78
C PRO P 115 -18.62 24.89 27.44
N VAL P 116 -19.53 23.92 27.24
CA VAL P 116 -19.37 22.59 27.85
C VAL P 116 -18.49 21.72 26.95
N ALA P 117 -17.20 21.56 27.32
CA ALA P 117 -16.22 20.77 26.56
C ALA P 117 -16.48 19.27 26.70
N GLU P 118 -17.05 18.85 27.84
CA GLU P 118 -17.38 17.45 28.12
C GLU P 118 -18.57 17.47 29.04
N GLY P 119 -19.63 16.75 28.66
CA GLY P 119 -20.89 16.74 29.40
C GLY P 119 -21.95 17.50 28.63
N LYS P 120 -23.04 17.89 29.30
CA LYS P 120 -24.12 18.62 28.64
C LYS P 120 -24.87 19.53 29.59
N ILE P 121 -25.59 20.54 29.04
CA ILE P 121 -26.50 21.36 29.80
C ILE P 121 -27.77 20.52 29.94
N ALA P 122 -28.28 20.36 31.16
CA ALA P 122 -29.40 19.46 31.42
C ALA P 122 -30.58 20.13 32.07
N GLY P 123 -30.64 21.43 31.98
CA GLY P 123 -31.73 22.16 32.60
C GLY P 123 -31.34 23.57 32.93
N PHE P 124 -32.32 24.33 33.45
CA PHE P 124 -32.18 25.75 33.74
C PHE P 124 -32.78 26.14 35.06
N PHE P 125 -32.31 27.27 35.59
CA PHE P 125 -32.83 27.93 36.78
C PHE P 125 -32.52 29.42 36.62
N GLY P 126 -33.14 30.26 37.44
CA GLY P 126 -32.89 31.69 37.37
C GLY P 126 -33.91 32.50 38.11
N ARG P 127 -34.16 33.73 37.59
CA ARG P 127 -35.14 34.69 38.09
C ARG P 127 -35.93 35.24 36.92
N ALA P 128 -37.24 35.44 37.13
CA ALA P 128 -38.10 35.98 36.07
C ALA P 128 -39.29 36.75 36.62
N GLY P 129 -39.72 37.74 35.85
CA GLY P 129 -40.91 38.53 36.11
C GLY P 129 -41.60 38.65 34.76
N SER P 130 -41.56 39.84 34.17
CA SER P 130 -42.06 40.02 32.80
C SER P 130 -40.98 39.52 31.83
N PHE P 131 -39.70 39.53 32.29
CA PHE P 131 -38.57 39.12 31.45
C PHE P 131 -37.69 38.09 32.19
N ILE P 132 -36.62 37.62 31.55
CA ILE P 132 -35.66 36.70 32.19
C ILE P 132 -34.63 37.60 32.85
N ASP P 133 -34.75 37.75 34.18
CA ASP P 133 -33.84 38.61 34.96
C ASP P 133 -32.47 37.96 35.08
N ALA P 134 -32.45 36.64 35.31
CA ALA P 134 -31.23 35.87 35.53
C ALA P 134 -31.42 34.44 35.06
N ILE P 135 -30.30 33.80 34.69
CA ILE P 135 -30.30 32.45 34.21
C ILE P 135 -29.04 31.69 34.64
N GLY P 136 -29.21 30.40 34.82
CA GLY P 136 -28.16 29.46 35.18
C GLY P 136 -28.47 28.12 34.54
N VAL P 137 -27.53 27.16 34.59
CA VAL P 137 -27.76 25.86 33.98
C VAL P 137 -27.40 24.70 34.91
N TYR P 138 -28.06 23.56 34.73
CA TYR P 138 -27.67 22.29 35.37
C TYR P 138 -26.73 21.64 34.37
N LEU P 139 -25.74 20.89 34.86
CA LEU P 139 -24.79 20.17 34.03
C LEU P 139 -24.80 18.71 34.43
N MET P 140 -24.73 17.84 33.44
CA MET P 140 -24.71 16.41 33.69
C MET P 140 -23.66 15.79 32.79
N PRO P 141 -23.09 14.61 33.16
CA PRO P 141 -22.18 13.93 32.22
C PRO P 141 -22.93 13.47 30.95
N ASN P 142 -22.17 13.24 29.86
CA ASN P 142 -22.60 12.80 28.51
C ASN P 142 -23.29 13.89 27.70
S SO4 Q . -69.50 -11.69 8.70
O1 SO4 Q . -69.34 -10.84 7.52
O2 SO4 Q . -68.24 -12.38 8.97
O3 SO4 Q . -69.88 -10.87 9.85
O4 SO4 Q . -70.56 -12.67 8.44
S SO4 R . -47.43 -44.90 18.68
O1 SO4 R . -46.10 -44.55 19.23
O2 SO4 R . -47.34 -45.10 17.23
O3 SO4 R . -48.40 -43.81 18.98
O4 SO4 R . -47.90 -46.13 19.31
S SO4 S . 20.47 2.50 12.82
O1 SO4 S . 21.78 2.96 12.34
O2 SO4 S . 20.11 3.23 14.05
O3 SO4 S . 20.54 1.07 13.11
O4 SO4 S . 19.45 2.75 11.80
S SO4 T . 0.71 23.18 -16.57
O1 SO4 T . 1.12 24.31 -17.42
O2 SO4 T . 1.30 23.34 -15.24
O3 SO4 T . -0.75 23.17 -16.45
O4 SO4 T . 1.19 21.93 -17.17
S SO4 U . 8.70 20.75 -10.79
O1 SO4 U . 10.15 20.93 -10.76
O2 SO4 U . 8.03 21.97 -10.35
O3 SO4 U . 8.32 19.64 -9.91
O4 SO4 U . 8.28 20.45 -12.16
S SO4 V . -71.56 -51.67 27.45
O1 SO4 V . -71.21 -51.51 26.04
O2 SO4 V . -70.34 -51.92 28.22
O3 SO4 V . -72.20 -50.45 27.94
O4 SO4 V . -72.47 -52.81 27.60
S SO4 W . -80.43 -30.18 -6.07
O1 SO4 W . -79.19 -29.45 -5.81
O2 SO4 W . -80.44 -30.65 -7.46
O3 SO4 W . -81.57 -29.29 -5.84
O4 SO4 W . -80.53 -31.33 -5.16
S SO4 X . -60.58 -61.99 -0.99
O1 SO4 X . -59.10 -61.84 -0.96
O2 SO4 X . -61.22 -60.68 -1.24
O3 SO4 X . -61.03 -62.54 0.31
O4 SO4 X . -60.92 -62.93 -2.05
S SO4 Y . -81.06 -32.43 3.92
O1 SO4 Y . -80.66 -32.11 5.30
O2 SO4 Y . -80.55 -31.39 3.02
O3 SO4 Y . -82.52 -32.46 3.83
O4 SO4 Y . -80.51 -33.73 3.52
S SO4 Z . 23.49 35.39 -16.10
O1 SO4 Z . 24.55 36.14 -16.78
O2 SO4 Z . 23.54 35.66 -14.66
O3 SO4 Z . 22.19 35.81 -16.63
O4 SO4 Z . 23.67 33.95 -16.34
S SO4 AA . 36.30 -1.82 -4.22
O1 SO4 AA . 36.51 -0.46 -4.71
O2 SO4 AA . 37.19 -2.07 -3.09
O3 SO4 AA . 34.91 -1.97 -3.78
O4 SO4 AA . 36.57 -2.78 -5.29
S SO4 BA . 67.77 -11.28 -57.81
O1 SO4 BA . 67.73 -9.83 -57.65
O2 SO4 BA . 68.87 -11.65 -58.70
O3 SO4 BA . 67.98 -11.92 -56.50
O4 SO4 BA . 66.50 -11.74 -58.39
S SO4 CA . 61.30 21.50 -33.48
O1 SO4 CA . 61.51 22.44 -34.56
O2 SO4 CA . 62.57 20.86 -33.13
O3 SO4 CA . 60.77 22.22 -32.32
O4 SO4 CA . 60.34 20.48 -33.90
S SO4 DA . 87.92 3.42 -64.48
O1 SO4 DA . 87.42 4.79 -64.73
O2 SO4 DA . 89.29 3.29 -65.03
O3 SO4 DA . 87.94 3.13 -63.04
O4 SO4 DA . 87.03 2.47 -65.14
S SO4 EA . 109.44 13.39 -33.15
O1 SO4 EA . 109.45 14.68 -33.83
O2 SO4 EA . 110.72 12.70 -33.32
O3 SO4 EA . 109.21 13.61 -31.72
O4 SO4 EA . 108.37 12.55 -33.70
S SO4 FA . 83.80 13.28 -24.94
O1 SO4 FA . 84.62 13.38 -26.15
O2 SO4 FA . 83.55 14.61 -24.39
O3 SO4 FA . 84.50 12.47 -23.94
O4 SO4 FA . 82.52 12.64 -25.26
S SO4 GA . -44.05 21.57 54.45
O1 SO4 GA . -43.44 22.72 55.14
O2 SO4 GA . -43.10 20.46 54.45
O3 SO4 GA . -44.37 21.95 53.08
O4 SO4 GA . -45.27 21.18 55.17
S SO4 HA . -29.12 -7.84 30.02
O1 SO4 HA . -27.99 -6.94 29.75
O2 SO4 HA . -28.68 -8.99 30.80
O3 SO4 HA . -30.15 -7.09 30.75
O4 SO4 HA . -29.67 -8.31 28.75
S SO4 IA . -18.33 25.51 55.75
O1 SO4 IA . -17.55 24.28 55.89
O2 SO4 IA . -17.47 26.67 55.96
O3 SO4 IA . -19.41 25.53 56.75
O4 SO4 IA . -18.93 25.54 54.40
S SO4 JA . -23.32 13.73 16.49
O1 SO4 JA . -24.08 14.96 16.26
O2 SO4 JA . -21.92 14.07 16.71
O3 SO4 JA . -23.85 13.06 17.69
O4 SO4 JA . -23.45 12.85 15.33
#